data_2B58
# 
_entry.id   2B58 
# 
_audit_conform.dict_name       mmcif_pdbx.dic 
_audit_conform.dict_version    5.398 
_audit_conform.dict_location   http://mmcif.pdb.org/dictionaries/ascii/mmcif_pdbx.dic 
# 
loop_
_database_2.database_id 
_database_2.database_code 
_database_2.pdbx_database_accession 
_database_2.pdbx_DOI 
PDB   2B58         pdb_00002b58 10.2210/pdb2b58/pdb 
RCSB  RCSB034690   ?            ?                   
WWPDB D_1000034690 ?            ?                   
# 
loop_
_pdbx_audit_revision_history.ordinal 
_pdbx_audit_revision_history.data_content_type 
_pdbx_audit_revision_history.major_revision 
_pdbx_audit_revision_history.minor_revision 
_pdbx_audit_revision_history.revision_date 
1 'Structure model' 1 0 2006-01-24 
2 'Structure model' 1 1 2008-05-01 
3 'Structure model' 1 2 2011-07-13 
4 'Structure model' 1 3 2021-02-03 
5 'Structure model' 1 4 2024-11-13 
# 
_pdbx_audit_revision_details.ordinal             1 
_pdbx_audit_revision_details.revision_ordinal    1 
_pdbx_audit_revision_details.data_content_type   'Structure model' 
_pdbx_audit_revision_details.provider            repository 
_pdbx_audit_revision_details.type                'Initial release' 
_pdbx_audit_revision_details.description         ? 
_pdbx_audit_revision_details.details             ? 
# 
loop_
_pdbx_audit_revision_group.ordinal 
_pdbx_audit_revision_group.revision_ordinal 
_pdbx_audit_revision_group.data_content_type 
_pdbx_audit_revision_group.group 
1 2 'Structure model' 'Version format compliance' 
2 3 'Structure model' 'Derived calculations'      
3 3 'Structure model' 'Version format compliance' 
4 4 'Structure model' 'Database references'       
5 4 'Structure model' 'Derived calculations'      
6 4 'Structure model' 'Structure summary'         
7 5 'Structure model' 'Data collection'           
8 5 'Structure model' 'Database references'       
9 5 'Structure model' 'Structure summary'         
# 
loop_
_pdbx_audit_revision_category.ordinal 
_pdbx_audit_revision_category.revision_ordinal 
_pdbx_audit_revision_category.data_content_type 
_pdbx_audit_revision_category.category 
1 4 'Structure model' audit_author              
2 4 'Structure model' struct_conn               
3 4 'Structure model' struct_ref_seq_dif        
4 4 'Structure model' struct_site               
5 5 'Structure model' chem_comp_atom            
6 5 'Structure model' chem_comp_bond            
7 5 'Structure model' database_2                
8 5 'Structure model' pdbx_entry_details        
9 5 'Structure model' pdbx_modification_feature 
# 
loop_
_pdbx_audit_revision_item.ordinal 
_pdbx_audit_revision_item.revision_ordinal 
_pdbx_audit_revision_item.data_content_type 
_pdbx_audit_revision_item.item 
1 4 'Structure model' '_audit_author.identifier_ORCID'      
2 4 'Structure model' '_struct_conn.pdbx_leaving_atom_flag' 
3 4 'Structure model' '_struct_ref_seq_dif.details'         
4 4 'Structure model' '_struct_site.pdbx_auth_asym_id'      
5 4 'Structure model' '_struct_site.pdbx_auth_comp_id'      
6 4 'Structure model' '_struct_site.pdbx_auth_seq_id'       
7 5 'Structure model' '_database_2.pdbx_DOI'                
8 5 'Structure model' '_database_2.pdbx_database_accession' 
# 
_pdbx_database_status.status_code                     REL 
_pdbx_database_status.entry_id                        2B58 
_pdbx_database_status.recvd_initial_deposition_date   2005-09-27 
_pdbx_database_status.deposit_site                    RCSB 
_pdbx_database_status.process_site                    RCSB 
_pdbx_database_status.status_code_sf                  REL 
_pdbx_database_status.status_code_mr                  ? 
_pdbx_database_status.SG_entry                        Y 
_pdbx_database_status.status_code_cs                  ? 
_pdbx_database_status.pdb_format_compatible           Y 
_pdbx_database_status.status_code_nmr_data            ? 
_pdbx_database_status.methods_development_category    ? 
# 
loop_
_pdbx_database_related.db_name 
_pdbx_database_related.db_id 
_pdbx_database_related.details 
_pdbx_database_related.content_type 
PDB      2B3U          . unspecified 
PDB      2B3V          . unspecified 
PDB      2B47          . unspecified 
PDB      2B4B          . unspecified 
PDB      2B4D          . unspecified 
PDB      2B5G          . unspecified 
TargetDB NYSGXRC-9502a . unspecified 
# 
loop_
_audit_author.name 
_audit_author.pdbx_ordinal 
_audit_author.identifier_ORCID 
'Bewley, M.C.'                                                   1  ?                   
'Graziano, V.'                                                   2  ?                   
'Jiang, J.S.'                                                    3  ?                   
'Matz, E.'                                                       4  ?                   
'Studier, F.W.'                                                  5  ?                   
'Pegg, A.P.'                                                     6  ?                   
'Coleman, C.S.'                                                  7  ?                   
'Flanagan, J.M.'                                                 8  ?                   
'Burley, S.K.'                                                   9  0000-0002-2487-9713 
'New York SGX Research Center for Structural Genomics (NYSGXRC)' 10 ?                   
# 
_citation.id                        primary 
_citation.title                     
'Structures of wild-type and mutant human spermidine/spermine N1-acetyltransferase, a potential therapeutic drug target' 
_citation.journal_abbrev            Proc.Natl.Acad.Sci.Usa 
_citation.journal_volume            103 
_citation.page_first                2063 
_citation.page_last                 2068 
_citation.year                      2006 
_citation.journal_id_ASTM           PNASA6 
_citation.country                   US 
_citation.journal_id_ISSN           0027-8424 
_citation.journal_id_CSD            0040 
_citation.book_publisher            ? 
_citation.pdbx_database_id_PubMed   16455797 
_citation.pdbx_database_id_DOI      10.1073/pnas.0511008103 
# 
loop_
_citation_author.citation_id 
_citation_author.name 
_citation_author.ordinal 
_citation_author.identifier_ORCID 
primary 'Bewley, M.C.'   1 ? 
primary 'Graziano, V.'   2 ? 
primary 'Jiang, J.S.'    3 ? 
primary 'Matz, E.'       4 ? 
primary 'Studier, F.W.'  5 ? 
primary 'Pegg, A.P.'     6 ? 
primary 'Coleman, C.S.'  7 ? 
primary 'Flanagan, J.M.' 8 ? 
# 
loop_
_entity.id 
_entity.type 
_entity.src_method 
_entity.pdbx_description 
_entity.formula_weight 
_entity.pdbx_number_of_molecules 
_entity.pdbx_ec 
_entity.pdbx_mutation 
_entity.pdbx_fragment 
_entity.details 
1 polymer     man 'Diamine acetyltransferase 1' 20404.268 1  2.3.1.57 ? ? ? 
2 non-polymer syn 'COENZYME A'                  767.534   1  ?        ? ? ? 
3 water       nat water                         18.015    82 ?        ? ? ? 
# 
_entity_name_com.entity_id   1 
_entity_name_com.name        
'Spermidine/spermine N1, - acetyltransferase 1, SSAT, SSAT-1, Putrescine acetyltransferase, Polyamine N-acetyltransferase 1' 
# 
_entity_poly.entity_id                      1 
_entity_poly.type                           'polypeptide(L)' 
_entity_poly.nstd_linkage                   no 
_entity_poly.nstd_monomer                   yes 
_entity_poly.pdbx_seq_one_letter_code       
;(MSE)AKFVIRPATAADCSDILRLIKELARYEY(MSE)EEQVILTEKDLLEDGFGEHPFYHCLVAEVPKEHWTPEGHSIV
GFA(MSE)YYFTYDPWIGKLLYLEDFFV(MSE)SDYRGFGIGSEILKNLSQVA(MSE)RCRCSS(MSE)HFLVAEWNEPS
INFYKRRGASDLSSEEGWRLFKIDKEYLLK(MSE)ATEE
;
_entity_poly.pdbx_seq_one_letter_code_can   
;MAKFVIRPATAADCSDILRLIKELARYEYMEEQVILTEKDLLEDGFGEHPFYHCLVAEVPKEHWTPEGHSIVGFAMYYFT
YDPWIGKLLYLEDFFVMSDYRGFGIGSEILKNLSQVAMRCRCSSMHFLVAEWNEPSINFYKRRGASDLSSEEGWRLFKID
KEYLLKMATEE
;
_entity_poly.pdbx_strand_id                 A 
_entity_poly.pdbx_target_identifier         NYSGXRC-9502a 
# 
loop_
_pdbx_entity_nonpoly.entity_id 
_pdbx_entity_nonpoly.name 
_pdbx_entity_nonpoly.comp_id 
2 'COENZYME A' COA 
3 water        HOH 
# 
loop_
_entity_poly_seq.entity_id 
_entity_poly_seq.num 
_entity_poly_seq.mon_id 
_entity_poly_seq.hetero 
1 1   MSE n 
1 2   ALA n 
1 3   LYS n 
1 4   PHE n 
1 5   VAL n 
1 6   ILE n 
1 7   ARG n 
1 8   PRO n 
1 9   ALA n 
1 10  THR n 
1 11  ALA n 
1 12  ALA n 
1 13  ASP n 
1 14  CYS n 
1 15  SER n 
1 16  ASP n 
1 17  ILE n 
1 18  LEU n 
1 19  ARG n 
1 20  LEU n 
1 21  ILE n 
1 22  LYS n 
1 23  GLU n 
1 24  LEU n 
1 25  ALA n 
1 26  ARG n 
1 27  TYR n 
1 28  GLU n 
1 29  TYR n 
1 30  MSE n 
1 31  GLU n 
1 32  GLU n 
1 33  GLN n 
1 34  VAL n 
1 35  ILE n 
1 36  LEU n 
1 37  THR n 
1 38  GLU n 
1 39  LYS n 
1 40  ASP n 
1 41  LEU n 
1 42  LEU n 
1 43  GLU n 
1 44  ASP n 
1 45  GLY n 
1 46  PHE n 
1 47  GLY n 
1 48  GLU n 
1 49  HIS n 
1 50  PRO n 
1 51  PHE n 
1 52  TYR n 
1 53  HIS n 
1 54  CYS n 
1 55  LEU n 
1 56  VAL n 
1 57  ALA n 
1 58  GLU n 
1 59  VAL n 
1 60  PRO n 
1 61  LYS n 
1 62  GLU n 
1 63  HIS n 
1 64  TRP n 
1 65  THR n 
1 66  PRO n 
1 67  GLU n 
1 68  GLY n 
1 69  HIS n 
1 70  SER n 
1 71  ILE n 
1 72  VAL n 
1 73  GLY n 
1 74  PHE n 
1 75  ALA n 
1 76  MSE n 
1 77  TYR n 
1 78  TYR n 
1 79  PHE n 
1 80  THR n 
1 81  TYR n 
1 82  ASP n 
1 83  PRO n 
1 84  TRP n 
1 85  ILE n 
1 86  GLY n 
1 87  LYS n 
1 88  LEU n 
1 89  LEU n 
1 90  TYR n 
1 91  LEU n 
1 92  GLU n 
1 93  ASP n 
1 94  PHE n 
1 95  PHE n 
1 96  VAL n 
1 97  MSE n 
1 98  SER n 
1 99  ASP n 
1 100 TYR n 
1 101 ARG n 
1 102 GLY n 
1 103 PHE n 
1 104 GLY n 
1 105 ILE n 
1 106 GLY n 
1 107 SER n 
1 108 GLU n 
1 109 ILE n 
1 110 LEU n 
1 111 LYS n 
1 112 ASN n 
1 113 LEU n 
1 114 SER n 
1 115 GLN n 
1 116 VAL n 
1 117 ALA n 
1 118 MSE n 
1 119 ARG n 
1 120 CYS n 
1 121 ARG n 
1 122 CYS n 
1 123 SER n 
1 124 SER n 
1 125 MSE n 
1 126 HIS n 
1 127 PHE n 
1 128 LEU n 
1 129 VAL n 
1 130 ALA n 
1 131 GLU n 
1 132 TRP n 
1 133 ASN n 
1 134 GLU n 
1 135 PRO n 
1 136 SER n 
1 137 ILE n 
1 138 ASN n 
1 139 PHE n 
1 140 TYR n 
1 141 LYS n 
1 142 ARG n 
1 143 ARG n 
1 144 GLY n 
1 145 ALA n 
1 146 SER n 
1 147 ASP n 
1 148 LEU n 
1 149 SER n 
1 150 SER n 
1 151 GLU n 
1 152 GLU n 
1 153 GLY n 
1 154 TRP n 
1 155 ARG n 
1 156 LEU n 
1 157 PHE n 
1 158 LYS n 
1 159 ILE n 
1 160 ASP n 
1 161 LYS n 
1 162 GLU n 
1 163 TYR n 
1 164 LEU n 
1 165 LEU n 
1 166 LYS n 
1 167 MSE n 
1 168 ALA n 
1 169 THR n 
1 170 GLU n 
1 171 GLU n 
# 
_entity_src_gen.entity_id                          1 
_entity_src_gen.pdbx_src_id                        1 
_entity_src_gen.pdbx_alt_source_flag               sample 
_entity_src_gen.pdbx_seq_type                      ? 
_entity_src_gen.pdbx_beg_seq_num                   ? 
_entity_src_gen.pdbx_end_seq_num                   ? 
_entity_src_gen.gene_src_common_name               human 
_entity_src_gen.gene_src_genus                     Homo 
_entity_src_gen.pdbx_gene_src_gene                 SAT 
_entity_src_gen.gene_src_species                   ? 
_entity_src_gen.gene_src_strain                    ? 
_entity_src_gen.gene_src_tissue                    ? 
_entity_src_gen.gene_src_tissue_fraction           ? 
_entity_src_gen.gene_src_details                   ? 
_entity_src_gen.pdbx_gene_src_fragment             ? 
_entity_src_gen.pdbx_gene_src_scientific_name      'Homo sapiens' 
_entity_src_gen.pdbx_gene_src_ncbi_taxonomy_id     9606 
_entity_src_gen.pdbx_gene_src_variant              ? 
_entity_src_gen.pdbx_gene_src_cell_line            ? 
_entity_src_gen.pdbx_gene_src_atcc                 ? 
_entity_src_gen.pdbx_gene_src_organ                ? 
_entity_src_gen.pdbx_gene_src_organelle            ? 
_entity_src_gen.pdbx_gene_src_cell                 ? 
_entity_src_gen.pdbx_gene_src_cellular_location    ? 
_entity_src_gen.host_org_common_name               ? 
_entity_src_gen.pdbx_host_org_scientific_name      'Escherichia coli' 
_entity_src_gen.pdbx_host_org_ncbi_taxonomy_id     562 
_entity_src_gen.host_org_genus                     Escherichia 
_entity_src_gen.pdbx_host_org_gene                 ? 
_entity_src_gen.pdbx_host_org_organ                ? 
_entity_src_gen.host_org_species                   ? 
_entity_src_gen.pdbx_host_org_tissue               ? 
_entity_src_gen.pdbx_host_org_tissue_fraction      ? 
_entity_src_gen.pdbx_host_org_strain               ? 
_entity_src_gen.pdbx_host_org_variant              ? 
_entity_src_gen.pdbx_host_org_cell_line            ? 
_entity_src_gen.pdbx_host_org_atcc                 ? 
_entity_src_gen.pdbx_host_org_culture_collection   ? 
_entity_src_gen.pdbx_host_org_cell                 ? 
_entity_src_gen.pdbx_host_org_organelle            ? 
_entity_src_gen.pdbx_host_org_cellular_location    ? 
_entity_src_gen.pdbx_host_org_vector_type          plasmid 
_entity_src_gen.pdbx_host_org_vector               ? 
_entity_src_gen.host_org_details                   ? 
_entity_src_gen.expression_system_id               ? 
_entity_src_gen.plasmid_name                       pET13a 
_entity_src_gen.plasmid_details                    ? 
_entity_src_gen.pdbx_description                   ? 
# 
loop_
_chem_comp.id 
_chem_comp.type 
_chem_comp.mon_nstd_flag 
_chem_comp.name 
_chem_comp.pdbx_synonyms 
_chem_comp.formula 
_chem_comp.formula_weight 
ALA 'L-peptide linking' y ALANINE          ? 'C3 H7 N O2'          89.093  
ARG 'L-peptide linking' y ARGININE         ? 'C6 H15 N4 O2 1'      175.209 
ASN 'L-peptide linking' y ASPARAGINE       ? 'C4 H8 N2 O3'         132.118 
ASP 'L-peptide linking' y 'ASPARTIC ACID'  ? 'C4 H7 N O4'          133.103 
COA non-polymer         . 'COENZYME A'     ? 'C21 H36 N7 O16 P3 S' 767.534 
CYS 'L-peptide linking' y CYSTEINE         ? 'C3 H7 N O2 S'        121.158 
GLN 'L-peptide linking' y GLUTAMINE        ? 'C5 H10 N2 O3'        146.144 
GLU 'L-peptide linking' y 'GLUTAMIC ACID'  ? 'C5 H9 N O4'          147.129 
GLY 'peptide linking'   y GLYCINE          ? 'C2 H5 N O2'          75.067  
HIS 'L-peptide linking' y HISTIDINE        ? 'C6 H10 N3 O2 1'      156.162 
HOH non-polymer         . WATER            ? 'H2 O'                18.015  
ILE 'L-peptide linking' y ISOLEUCINE       ? 'C6 H13 N O2'         131.173 
LEU 'L-peptide linking' y LEUCINE          ? 'C6 H13 N O2'         131.173 
LYS 'L-peptide linking' y LYSINE           ? 'C6 H15 N2 O2 1'      147.195 
MSE 'L-peptide linking' n SELENOMETHIONINE ? 'C5 H11 N O2 Se'      196.106 
PHE 'L-peptide linking' y PHENYLALANINE    ? 'C9 H11 N O2'         165.189 
PRO 'L-peptide linking' y PROLINE          ? 'C5 H9 N O2'          115.130 
SER 'L-peptide linking' y SERINE           ? 'C3 H7 N O3'          105.093 
THR 'L-peptide linking' y THREONINE        ? 'C4 H9 N O3'          119.119 
TRP 'L-peptide linking' y TRYPTOPHAN       ? 'C11 H12 N2 O2'       204.225 
TYR 'L-peptide linking' y TYROSINE         ? 'C9 H11 N O3'         181.189 
VAL 'L-peptide linking' y VALINE           ? 'C5 H11 N O2'         117.146 
# 
loop_
_pdbx_poly_seq_scheme.asym_id 
_pdbx_poly_seq_scheme.entity_id 
_pdbx_poly_seq_scheme.seq_id 
_pdbx_poly_seq_scheme.mon_id 
_pdbx_poly_seq_scheme.ndb_seq_num 
_pdbx_poly_seq_scheme.pdb_seq_num 
_pdbx_poly_seq_scheme.auth_seq_num 
_pdbx_poly_seq_scheme.pdb_mon_id 
_pdbx_poly_seq_scheme.auth_mon_id 
_pdbx_poly_seq_scheme.pdb_strand_id 
_pdbx_poly_seq_scheme.pdb_ins_code 
_pdbx_poly_seq_scheme.hetero 
A 1 1   MSE 1   1   ?   ?   ?   A . n 
A 1 2   ALA 2   2   ?   ?   ?   A . n 
A 1 3   LYS 3   3   ?   ?   ?   A . n 
A 1 4   PHE 4   4   4   PHE PHE A . n 
A 1 5   VAL 5   5   5   VAL VAL A . n 
A 1 6   ILE 6   6   6   ILE ILE A . n 
A 1 7   ARG 7   7   7   ARG ARG A . n 
A 1 8   PRO 8   8   8   PRO PRO A . n 
A 1 9   ALA 9   9   9   ALA ALA A . n 
A 1 10  THR 10  10  10  THR THR A . n 
A 1 11  ALA 11  11  11  ALA ALA A . n 
A 1 12  ALA 12  12  12  ALA ALA A . n 
A 1 13  ASP 13  13  13  ASP ASP A . n 
A 1 14  CYS 14  14  14  CYS CYS A . n 
A 1 15  SER 15  15  15  SER SER A . n 
A 1 16  ASP 16  16  16  ASP ASP A . n 
A 1 17  ILE 17  17  17  ILE ILE A . n 
A 1 18  LEU 18  18  18  LEU LEU A . n 
A 1 19  ARG 19  19  19  ARG ARG A . n 
A 1 20  LEU 20  20  20  LEU LEU A . n 
A 1 21  ILE 21  21  21  ILE ILE A . n 
A 1 22  LYS 22  22  22  LYS LYS A . n 
A 1 23  GLU 23  23  23  GLU GLU A . n 
A 1 24  LEU 24  24  24  LEU LEU A . n 
A 1 25  ALA 25  25  25  ALA ALA A . n 
A 1 26  ARG 26  26  26  ARG ARG A . n 
A 1 27  TYR 27  27  27  TYR TYR A . n 
A 1 28  GLU 28  28  28  GLU GLU A . n 
A 1 29  TYR 29  29  29  TYR TYR A . n 
A 1 30  MSE 30  30  30  MSE MSE A . n 
A 1 31  GLU 31  31  31  GLU GLU A . n 
A 1 32  GLU 32  32  32  GLU GLU A . n 
A 1 33  GLN 33  33  33  GLN GLN A . n 
A 1 34  VAL 34  34  34  VAL VAL A . n 
A 1 35  ILE 35  35  35  ILE ILE A . n 
A 1 36  LEU 36  36  36  LEU LEU A . n 
A 1 37  THR 37  37  37  THR THR A . n 
A 1 38  GLU 38  38  38  GLU GLU A . n 
A 1 39  LYS 39  39  39  LYS LYS A . n 
A 1 40  ASP 40  40  40  ASP ASP A . n 
A 1 41  LEU 41  41  41  LEU LEU A . n 
A 1 42  LEU 42  42  42  LEU LEU A . n 
A 1 43  GLU 43  43  43  GLU GLU A . n 
A 1 44  ASP 44  44  44  ASP ASP A . n 
A 1 45  GLY 45  45  45  GLY GLY A . n 
A 1 46  PHE 46  46  46  PHE PHE A . n 
A 1 47  GLY 47  47  47  GLY GLY A . n 
A 1 48  GLU 48  48  48  GLU GLU A . n 
A 1 49  HIS 49  49  49  HIS HIS A . n 
A 1 50  PRO 50  50  50  PRO PRO A . n 
A 1 51  PHE 51  51  51  PHE PHE A . n 
A 1 52  TYR 52  52  52  TYR TYR A . n 
A 1 53  HIS 53  53  53  HIS HIS A . n 
A 1 54  CYS 54  54  54  CYS CYS A . n 
A 1 55  LEU 55  55  55  LEU LEU A . n 
A 1 56  VAL 56  56  56  VAL VAL A . n 
A 1 57  ALA 57  57  57  ALA ALA A . n 
A 1 58  GLU 58  58  58  GLU GLU A . n 
A 1 59  VAL 59  59  59  VAL VAL A . n 
A 1 60  PRO 60  60  60  PRO PRO A . n 
A 1 61  LYS 61  61  61  LYS LYS A . n 
A 1 62  GLU 62  62  62  GLU GLU A . n 
A 1 63  HIS 63  63  63  HIS HIS A . n 
A 1 64  TRP 64  64  64  TRP TRP A . n 
A 1 65  THR 65  65  65  THR THR A . n 
A 1 66  PRO 66  66  66  PRO PRO A . n 
A 1 67  GLU 67  67  67  GLU GLU A . n 
A 1 68  GLY 68  68  68  GLY GLY A . n 
A 1 69  HIS 69  69  69  HIS HIS A . n 
A 1 70  SER 70  70  70  SER SER A . n 
A 1 71  ILE 71  71  71  ILE ILE A . n 
A 1 72  VAL 72  72  72  VAL VAL A . n 
A 1 73  GLY 73  73  73  GLY GLY A . n 
A 1 74  PHE 74  74  74  PHE PHE A . n 
A 1 75  ALA 75  75  75  ALA ALA A . n 
A 1 76  MSE 76  76  76  MSE MSE A . n 
A 1 77  TYR 77  77  77  TYR TYR A . n 
A 1 78  TYR 78  78  78  TYR TYR A . n 
A 1 79  PHE 79  79  79  PHE PHE A . n 
A 1 80  THR 80  80  80  THR THR A . n 
A 1 81  TYR 81  81  81  TYR TYR A . n 
A 1 82  ASP 82  82  82  ASP ASP A . n 
A 1 83  PRO 83  83  83  PRO PRO A . n 
A 1 84  TRP 84  84  84  TRP TRP A . n 
A 1 85  ILE 85  85  85  ILE ILE A . n 
A 1 86  GLY 86  86  86  GLY GLY A . n 
A 1 87  LYS 87  87  87  LYS LYS A . n 
A 1 88  LEU 88  88  88  LEU LEU A . n 
A 1 89  LEU 89  89  89  LEU LEU A . n 
A 1 90  TYR 90  90  90  TYR TYR A . n 
A 1 91  LEU 91  91  91  LEU LEU A . n 
A 1 92  GLU 92  92  92  GLU GLU A . n 
A 1 93  ASP 93  93  93  ASP ASP A . n 
A 1 94  PHE 94  94  94  PHE PHE A . n 
A 1 95  PHE 95  95  95  PHE PHE A . n 
A 1 96  VAL 96  96  96  VAL VAL A . n 
A 1 97  MSE 97  97  97  MSE MSE A . n 
A 1 98  SER 98  98  98  SER SER A . n 
A 1 99  ASP 99  99  99  ASP ASP A . n 
A 1 100 TYR 100 100 100 TYR TYR A . n 
A 1 101 ARG 101 101 101 ARG ARG A . n 
A 1 102 GLY 102 102 102 GLY GLY A . n 
A 1 103 PHE 103 103 103 PHE PHE A . n 
A 1 104 GLY 104 104 104 GLY GLY A . n 
A 1 105 ILE 105 105 105 ILE ILE A . n 
A 1 106 GLY 106 106 106 GLY GLY A . n 
A 1 107 SER 107 107 107 SER SER A . n 
A 1 108 GLU 108 108 108 GLU GLU A . n 
A 1 109 ILE 109 109 109 ILE ILE A . n 
A 1 110 LEU 110 110 110 LEU LEU A . n 
A 1 111 LYS 111 111 111 LYS LYS A . n 
A 1 112 ASN 112 112 112 ASN ASN A . n 
A 1 113 LEU 113 113 113 LEU LEU A . n 
A 1 114 SER 114 114 114 SER SER A . n 
A 1 115 GLN 115 115 115 GLN GLN A . n 
A 1 116 VAL 116 116 116 VAL VAL A . n 
A 1 117 ALA 117 117 117 ALA ALA A . n 
A 1 118 MSE 118 118 118 MSE MSE A . n 
A 1 119 ARG 119 119 119 ARG ARG A . n 
A 1 120 CYS 120 120 120 CYS CYS A . n 
A 1 121 ARG 121 121 121 ARG ARG A . n 
A 1 122 CYS 122 122 122 CYS CYS A . n 
A 1 123 SER 123 123 123 SER SER A . n 
A 1 124 SER 124 124 124 SER SER A . n 
A 1 125 MSE 125 125 125 MSE MSE A . n 
A 1 126 HIS 126 126 126 HIS HIS A . n 
A 1 127 PHE 127 127 127 PHE PHE A . n 
A 1 128 LEU 128 128 128 LEU LEU A . n 
A 1 129 VAL 129 129 129 VAL VAL A . n 
A 1 130 ALA 130 130 130 ALA ALA A . n 
A 1 131 GLU 131 131 131 GLU GLU A . n 
A 1 132 TRP 132 132 132 TRP TRP A . n 
A 1 133 ASN 133 133 133 ASN ASN A . n 
A 1 134 GLU 134 134 134 GLU GLU A . n 
A 1 135 PRO 135 135 135 PRO PRO A . n 
A 1 136 SER 136 136 136 SER SER A . n 
A 1 137 ILE 137 137 137 ILE ILE A . n 
A 1 138 ASN 138 138 138 ASN ASN A . n 
A 1 139 PHE 139 139 139 PHE PHE A . n 
A 1 140 TYR 140 140 140 TYR TYR A . n 
A 1 141 LYS 141 141 141 LYS LYS A . n 
A 1 142 ARG 142 142 142 ARG ARG A . n 
A 1 143 ARG 143 143 143 ARG ARG A . n 
A 1 144 GLY 144 144 144 GLY GLY A . n 
A 1 145 ALA 145 145 145 ALA ALA A . n 
A 1 146 SER 146 146 146 SER SER A . n 
A 1 147 ASP 147 147 147 ASP ASP A . n 
A 1 148 LEU 148 148 148 LEU LEU A . n 
A 1 149 SER 149 149 149 SER SER A . n 
A 1 150 SER 150 150 150 SER SER A . n 
A 1 151 GLU 151 151 151 GLU GLU A . n 
A 1 152 GLU 152 152 152 GLU GLU A . n 
A 1 153 GLY 153 153 153 GLY GLY A . n 
A 1 154 TRP 154 154 154 TRP TRP A . n 
A 1 155 ARG 155 155 155 ARG ARG A . n 
A 1 156 LEU 156 156 156 LEU LEU A . n 
A 1 157 PHE 157 157 157 PHE PHE A . n 
A 1 158 LYS 158 158 158 LYS LYS A . n 
A 1 159 ILE 159 159 159 ILE ILE A . n 
A 1 160 ASP 160 160 160 ASP ASP A . n 
A 1 161 LYS 161 161 161 LYS LYS A . n 
A 1 162 GLU 162 162 162 GLU GLU A . n 
A 1 163 TYR 163 163 163 TYR TYR A . n 
A 1 164 LEU 164 164 164 LEU LEU A . n 
A 1 165 LEU 165 165 165 LEU LEU A . n 
A 1 166 LYS 166 166 166 LYS LYS A . n 
A 1 167 MSE 167 167 167 MSE MSE A . n 
A 1 168 ALA 168 168 168 ALA ALA A . n 
A 1 169 THR 169 169 169 THR THR A . n 
A 1 170 GLU 170 170 170 GLU GLU A . n 
A 1 171 GLU 171 171 ?   ?   ?   A . n 
# 
loop_
_pdbx_nonpoly_scheme.asym_id 
_pdbx_nonpoly_scheme.entity_id 
_pdbx_nonpoly_scheme.mon_id 
_pdbx_nonpoly_scheme.ndb_seq_num 
_pdbx_nonpoly_scheme.pdb_seq_num 
_pdbx_nonpoly_scheme.auth_seq_num 
_pdbx_nonpoly_scheme.pdb_mon_id 
_pdbx_nonpoly_scheme.auth_mon_id 
_pdbx_nonpoly_scheme.pdb_strand_id 
_pdbx_nonpoly_scheme.pdb_ins_code 
B 2 COA 1  172 171 COA COA A . 
C 3 HOH 1  173 172 HOH HOH A . 
C 3 HOH 2  174 173 HOH HOH A . 
C 3 HOH 3  175 174 HOH HOH A . 
C 3 HOH 4  176 175 HOH HOH A . 
C 3 HOH 5  177 176 HOH HOH A . 
C 3 HOH 6  178 177 HOH HOH A . 
C 3 HOH 7  179 178 HOH HOH A . 
C 3 HOH 8  180 179 HOH HOH A . 
C 3 HOH 9  181 180 HOH HOH A . 
C 3 HOH 10 182 181 HOH HOH A . 
C 3 HOH 11 183 182 HOH HOH A . 
C 3 HOH 12 184 183 HOH HOH A . 
C 3 HOH 13 185 184 HOH HOH A . 
C 3 HOH 14 186 185 HOH HOH A . 
C 3 HOH 15 187 186 HOH HOH A . 
C 3 HOH 16 188 187 HOH HOH A . 
C 3 HOH 17 189 188 HOH HOH A . 
C 3 HOH 18 190 189 HOH HOH A . 
C 3 HOH 19 191 190 HOH HOH A . 
C 3 HOH 20 192 191 HOH HOH A . 
C 3 HOH 21 193 192 HOH HOH A . 
C 3 HOH 22 194 193 HOH HOH A . 
C 3 HOH 23 195 194 HOH HOH A . 
C 3 HOH 24 196 195 HOH HOH A . 
C 3 HOH 25 197 196 HOH HOH A . 
C 3 HOH 26 198 197 HOH HOH A . 
C 3 HOH 27 199 198 HOH HOH A . 
C 3 HOH 28 200 199 HOH HOH A . 
C 3 HOH 29 201 200 HOH HOH A . 
C 3 HOH 30 202 201 HOH HOH A . 
C 3 HOH 31 203 202 HOH HOH A . 
C 3 HOH 32 204 203 HOH HOH A . 
C 3 HOH 33 205 204 HOH HOH A . 
C 3 HOH 34 206 205 HOH HOH A . 
C 3 HOH 35 207 206 HOH HOH A . 
C 3 HOH 36 208 207 HOH HOH A . 
C 3 HOH 37 209 208 HOH HOH A . 
C 3 HOH 38 210 209 HOH HOH A . 
C 3 HOH 39 211 210 HOH HOH A . 
C 3 HOH 40 212 211 HOH HOH A . 
C 3 HOH 41 213 212 HOH HOH A . 
C 3 HOH 42 214 213 HOH HOH A . 
C 3 HOH 43 215 214 HOH HOH A . 
C 3 HOH 44 216 215 HOH HOH A . 
C 3 HOH 45 217 216 HOH HOH A . 
C 3 HOH 46 218 217 HOH HOH A . 
C 3 HOH 47 219 218 HOH HOH A . 
C 3 HOH 48 220 219 HOH HOH A . 
C 3 HOH 49 221 220 HOH HOH A . 
C 3 HOH 50 222 221 HOH HOH A . 
C 3 HOH 51 223 222 HOH HOH A . 
C 3 HOH 52 224 223 HOH HOH A . 
C 3 HOH 53 225 224 HOH HOH A . 
C 3 HOH 54 226 225 HOH HOH A . 
C 3 HOH 55 227 226 HOH HOH A . 
C 3 HOH 56 228 227 HOH HOH A . 
C 3 HOH 57 229 228 HOH HOH A . 
C 3 HOH 58 230 229 HOH HOH A . 
C 3 HOH 59 231 230 HOH HOH A . 
C 3 HOH 60 232 231 HOH HOH A . 
C 3 HOH 61 233 232 HOH HOH A . 
C 3 HOH 62 234 233 HOH HOH A . 
C 3 HOH 63 235 234 HOH HOH A . 
C 3 HOH 64 236 235 HOH HOH A . 
C 3 HOH 65 237 236 HOH HOH A . 
C 3 HOH 66 238 237 HOH HOH A . 
C 3 HOH 67 239 238 HOH HOH A . 
C 3 HOH 68 240 239 HOH HOH A . 
C 3 HOH 69 241 240 HOH HOH A . 
C 3 HOH 70 242 241 HOH HOH A . 
C 3 HOH 71 243 242 HOH HOH A . 
C 3 HOH 72 244 243 HOH HOH A . 
C 3 HOH 73 245 244 HOH HOH A . 
C 3 HOH 74 246 245 HOH HOH A . 
C 3 HOH 75 247 246 HOH HOH A . 
C 3 HOH 76 248 247 HOH HOH A . 
C 3 HOH 77 249 248 HOH HOH A . 
C 3 HOH 78 250 249 HOH HOH A . 
C 3 HOH 79 251 250 HOH HOH A . 
C 3 HOH 80 252 251 HOH HOH A . 
C 3 HOH 81 253 252 HOH HOH A . 
C 3 HOH 82 254 253 HOH HOH A . 
# 
_software.name             CNS 
_software.classification   refinement 
_software.version          1.1 
_software.citation_id      ? 
_software.pdbx_ordinal     1 
# 
_cell.entry_id           2B58 
_cell.length_a           63.249 
_cell.length_b           63.249 
_cell.length_c           81.129 
_cell.angle_alpha        90.00 
_cell.angle_beta         90.00 
_cell.angle_gamma        120.00 
_cell.Z_PDB              6 
_cell.pdbx_unique_axis   ? 
_cell.length_a_esd       ? 
_cell.length_b_esd       ? 
_cell.length_c_esd       ? 
_cell.angle_alpha_esd    ? 
_cell.angle_beta_esd     ? 
_cell.angle_gamma_esd    ? 
# 
_symmetry.entry_id                         2B58 
_symmetry.space_group_name_H-M             'P 62' 
_symmetry.pdbx_full_space_group_name_H-M   ? 
_symmetry.cell_setting                     ? 
_symmetry.Int_Tables_number                171 
_symmetry.space_group_name_Hall            ? 
# 
_exptl.entry_id          2B58 
_exptl.method            'X-RAY DIFFRACTION' 
_exptl.crystals_number   ? 
# 
_exptl_crystal.id                    1 
_exptl_crystal.density_meas          ? 
_exptl_crystal.density_Matthews      2.30 
_exptl_crystal.density_percent_sol   46.41 
_exptl_crystal.description           ? 
_exptl_crystal.F_000                 ? 
_exptl_crystal.preparation           ? 
# 
_diffrn.id                     1 
_diffrn.ambient_temp           ? 
_diffrn.ambient_temp_details   ? 
_diffrn.crystal_id             1 
# 
_diffrn_radiation.diffrn_id                        1 
_diffrn_radiation.wavelength_id                    1 
_diffrn_radiation.pdbx_monochromatic_or_laue_m_l   M 
_diffrn_radiation.monochromator                    ? 
_diffrn_radiation.pdbx_diffrn_protocol             'SINGLE WAVELENGTH' 
_diffrn_radiation.pdbx_scattering_type             x-ray 
# 
_diffrn_radiation_wavelength.id           1 
_diffrn_radiation_wavelength.wavelength   . 
_diffrn_radiation_wavelength.wt           1.0 
# 
_reflns.entry_id                     2B58 
_reflns.observed_criterion_sigma_F   ? 
_reflns.observed_criterion_sigma_I   ? 
_reflns.d_resolution_high            1.95 
_reflns.d_resolution_low             30 
_reflns.number_all                   13447 
_reflns.number_obs                   13228 
_reflns.percent_possible_obs         ? 
_reflns.pdbx_Rmerge_I_obs            ? 
_reflns.pdbx_Rsym_value              ? 
_reflns.pdbx_netI_over_sigmaI        ? 
_reflns.B_iso_Wilson_estimate        ? 
_reflns.pdbx_redundancy              ? 
_reflns.R_free_details               ? 
_reflns.limit_h_max                  ? 
_reflns.limit_h_min                  ? 
_reflns.limit_k_max                  ? 
_reflns.limit_k_min                  ? 
_reflns.limit_l_max                  ? 
_reflns.limit_l_min                  ? 
_reflns.observed_criterion_F_max     ? 
_reflns.observed_criterion_F_min     ? 
_reflns.pdbx_chi_squared             ? 
_reflns.pdbx_scaling_rejects         ? 
_reflns.pdbx_ordinal                 1 
_reflns.pdbx_diffrn_id               1 
# 
_refine.entry_id                                 2B58 
_refine.ls_d_res_high                            1.95 
_refine.ls_d_res_low                             30.0 
_refine.pdbx_ls_sigma_F                          -3 
_refine.pdbx_ls_sigma_I                          ? 
_refine.ls_number_reflns_all                     13477 
_refine.ls_number_reflns_obs                     13228 
_refine.ls_number_reflns_R_free                  658 
_refine.ls_percent_reflns_obs                    ? 
_refine.ls_R_factor_all                          ? 
_refine.ls_R_factor_obs                          ? 
_refine.ls_R_factor_R_work                       0.204 
_refine.ls_R_factor_R_free                       0.253 
_refine.ls_redundancy_reflns_obs                 ? 
_refine.pdbx_data_cutoff_high_absF               ? 
_refine.pdbx_data_cutoff_low_absF                ? 
_refine.ls_number_parameters                     ? 
_refine.ls_number_restraints                     ? 
_refine.ls_percent_reflns_R_free                 ? 
_refine.ls_R_factor_R_free_error                 ? 
_refine.ls_R_factor_R_free_error_details         ? 
_refine.pdbx_method_to_determine_struct          SAD 
_refine.pdbx_starting_model                      ? 
_refine.pdbx_ls_cross_valid_method               ? 
_refine.pdbx_R_Free_selection_details            ? 
_refine.pdbx_stereochem_target_val_spec_case     ? 
_refine.pdbx_stereochemistry_target_values       ? 
_refine.solvent_model_details                    ? 
_refine.solvent_model_param_bsol                 ? 
_refine.solvent_model_param_ksol                 ? 
_refine.occupancy_max                            ? 
_refine.occupancy_min                            ? 
_refine.pdbx_isotropic_thermal_model             ? 
_refine.B_iso_mean                               ? 
_refine.aniso_B[1][1]                            ? 
_refine.aniso_B[1][2]                            ? 
_refine.aniso_B[1][3]                            ? 
_refine.aniso_B[2][2]                            ? 
_refine.aniso_B[2][3]                            ? 
_refine.aniso_B[3][3]                            ? 
_refine.details                                  ? 
_refine.B_iso_min                                ? 
_refine.B_iso_max                                ? 
_refine.correlation_coeff_Fo_to_Fc               ? 
_refine.correlation_coeff_Fo_to_Fc_free          ? 
_refine.pdbx_solvent_vdw_probe_radii             ? 
_refine.pdbx_solvent_ion_probe_radii             ? 
_refine.pdbx_solvent_shrinkage_radii             ? 
_refine.overall_SU_R_Cruickshank_DPI             ? 
_refine.overall_SU_R_free                        ? 
_refine.overall_SU_ML                            ? 
_refine.overall_SU_B                             ? 
_refine.pdbx_overall_ESU_R_Free                  ? 
_refine.pdbx_data_cutoff_high_rms_absF           ? 
_refine.ls_wR_factor_R_free                      ? 
_refine.ls_wR_factor_R_work                      ? 
_refine.overall_FOM_free_R_set                   ? 
_refine.overall_FOM_work_R_set                   ? 
_refine.pdbx_refine_id                           'X-RAY DIFFRACTION' 
_refine.pdbx_overall_phase_error                 ? 
_refine.pdbx_overall_ESU_R                       ? 
_refine.pdbx_diffrn_id                           1 
_refine.pdbx_TLS_residual_ADP_flag               ? 
_refine.pdbx_overall_SU_R_free_Cruickshank_DPI   ? 
_refine.pdbx_overall_SU_R_Blow_DPI               ? 
_refine.pdbx_overall_SU_R_free_Blow_DPI          ? 
# 
_refine_hist.pdbx_refine_id                   'X-RAY DIFFRACTION' 
_refine_hist.cycle_id                         LAST 
_refine_hist.pdbx_number_atoms_protein        1380 
_refine_hist.pdbx_number_atoms_nucleic_acid   0 
_refine_hist.pdbx_number_atoms_ligand         48 
_refine_hist.number_atoms_solvent             82 
_refine_hist.number_atoms_total               1510 
_refine_hist.d_res_high                       1.95 
_refine_hist.d_res_low                        30.0 
# 
_struct.entry_id                  2B58 
_struct.title                     'SSAT with coa_sp, spermine disordered, K26R mutant' 
_struct.pdbx_model_details        ? 
_struct.pdbx_CASP_flag            ? 
_struct.pdbx_model_type_details   ? 
# 
_struct_keywords.entry_id        2B58 
_struct_keywords.pdbx_keywords   TRANSFERASE 
_struct_keywords.text            
'Structural Genomics, PSI, Protein Structure Initiative, New York SGX Research Center for Structural Genomics, NYSGXRC, TRANSFERASE' 
# 
loop_
_struct_asym.id 
_struct_asym.pdbx_blank_PDB_chainid_flag 
_struct_asym.pdbx_modified 
_struct_asym.entity_id 
_struct_asym.details 
A N N 1 ? 
B N N 2 ? 
C N N 3 ? 
# 
_struct_ref.id                         1 
_struct_ref.db_name                    UNP 
_struct_ref.db_code                    SAT1_HUMAN 
_struct_ref.pdbx_db_accession          P21673 
_struct_ref.entity_id                  1 
_struct_ref.pdbx_seq_one_letter_code   
;MAKFVIRPATAADCSDILRLIKELAKYEYMEEQVILTEKDLLEDGFGEHPFYHCLVAEVPKEHWTPEGHSIVGFAMYYFT
YDPWIGKLLYLEDFFVMSDYRGFGIGSEILKNLSQVAMRCRCSSMHFLVAEWNEPSINFYKRRGASDLSSEEGWRLFKID
KEYLLKMATEE
;
_struct_ref.pdbx_align_begin           1 
_struct_ref.pdbx_db_isoform            ? 
# 
_struct_ref_seq.align_id                      1 
_struct_ref_seq.ref_id                        1 
_struct_ref_seq.pdbx_PDB_id_code              2B58 
_struct_ref_seq.pdbx_strand_id                A 
_struct_ref_seq.seq_align_beg                 1 
_struct_ref_seq.pdbx_seq_align_beg_ins_code   ? 
_struct_ref_seq.seq_align_end                 171 
_struct_ref_seq.pdbx_seq_align_end_ins_code   ? 
_struct_ref_seq.pdbx_db_accession             P21673 
_struct_ref_seq.db_align_beg                  1 
_struct_ref_seq.pdbx_db_align_beg_ins_code    ? 
_struct_ref_seq.db_align_end                  171 
_struct_ref_seq.pdbx_db_align_end_ins_code    ? 
_struct_ref_seq.pdbx_auth_seq_align_beg       1 
_struct_ref_seq.pdbx_auth_seq_align_end       171 
# 
_struct_ref_seq_dif.align_id                     1 
_struct_ref_seq_dif.pdbx_pdb_id_code             2B58 
_struct_ref_seq_dif.mon_id                       ARG 
_struct_ref_seq_dif.pdbx_pdb_strand_id           A 
_struct_ref_seq_dif.seq_num                      26 
_struct_ref_seq_dif.pdbx_pdb_ins_code            ? 
_struct_ref_seq_dif.pdbx_seq_db_name             UNP 
_struct_ref_seq_dif.pdbx_seq_db_accession_code   P21673 
_struct_ref_seq_dif.db_mon_id                    LYS 
_struct_ref_seq_dif.pdbx_seq_db_seq_num          26 
_struct_ref_seq_dif.details                      'engineered mutation' 
_struct_ref_seq_dif.pdbx_auth_seq_num            26 
_struct_ref_seq_dif.pdbx_ordinal                 1 
# 
_pdbx_struct_assembly.id                   1 
_pdbx_struct_assembly.details              author_and_software_defined_assembly 
_pdbx_struct_assembly.method_details       PISA,PQS 
_pdbx_struct_assembly.oligomeric_details   dimeric 
_pdbx_struct_assembly.oligomeric_count     2 
# 
loop_
_pdbx_struct_assembly_prop.biol_id 
_pdbx_struct_assembly_prop.type 
_pdbx_struct_assembly_prop.value 
_pdbx_struct_assembly_prop.details 
1 'ABSA (A^2)' 9220  ? 
1 MORE         -60   ? 
1 'SSA (A^2)'  16680 ? 
# 
_pdbx_struct_assembly_gen.assembly_id       1 
_pdbx_struct_assembly_gen.oper_expression   1,2 
_pdbx_struct_assembly_gen.asym_id_list      A,B,C 
# 
loop_
_pdbx_struct_oper_list.id 
_pdbx_struct_oper_list.type 
_pdbx_struct_oper_list.name 
_pdbx_struct_oper_list.symmetry_operation 
_pdbx_struct_oper_list.matrix[1][1] 
_pdbx_struct_oper_list.matrix[1][2] 
_pdbx_struct_oper_list.matrix[1][3] 
_pdbx_struct_oper_list.vector[1] 
_pdbx_struct_oper_list.matrix[2][1] 
_pdbx_struct_oper_list.matrix[2][2] 
_pdbx_struct_oper_list.matrix[2][3] 
_pdbx_struct_oper_list.vector[2] 
_pdbx_struct_oper_list.matrix[3][1] 
_pdbx_struct_oper_list.matrix[3][2] 
_pdbx_struct_oper_list.matrix[3][3] 
_pdbx_struct_oper_list.vector[3] 
1 'identity operation'         1_555 x,y,z       1.0000000000 0.0000000000 0.0000000000  0.0000000000  0.0000000000 1.0000000000  0.0000000000  0.0000000000  0.0000000000  0.0000000000  1.0000000000  0.0000000000  
2 'crystal symmetry operation' 4_675 -x+1,-y+2,z 0.3509602151 0.7769171333 -0.5227109099 10.6450230357 0.7769171333 -0.5532065080 -0.3006032725 -5.0038287942 -0.5227109099 -0.3006032725 -0.7977537071 20.0750397363 
# 
_struct_biol.id        1 
_struct_biol.details   ? 
# 
loop_
_struct_conf.conf_type_id 
_struct_conf.id 
_struct_conf.pdbx_PDB_helix_id 
_struct_conf.beg_label_comp_id 
_struct_conf.beg_label_asym_id 
_struct_conf.beg_label_seq_id 
_struct_conf.pdbx_beg_PDB_ins_code 
_struct_conf.end_label_comp_id 
_struct_conf.end_label_asym_id 
_struct_conf.end_label_seq_id 
_struct_conf.pdbx_end_PDB_ins_code 
_struct_conf.beg_auth_comp_id 
_struct_conf.beg_auth_asym_id 
_struct_conf.beg_auth_seq_id 
_struct_conf.end_auth_comp_id 
_struct_conf.end_auth_asym_id 
_struct_conf.end_auth_seq_id 
_struct_conf.pdbx_PDB_helix_class 
_struct_conf.details 
_struct_conf.pdbx_PDB_helix_length 
HELX_P HELX_P1 1 THR A 10  ? ALA A 12  ? THR A 10  ALA A 12  5 ? 3  
HELX_P HELX_P2 2 ASP A 13  ? GLU A 28  ? ASP A 13  GLU A 28  1 ? 16 
HELX_P HELX_P3 3 MSE A 30  ? VAL A 34  ? MSE A 30  VAL A 34  5 ? 5  
HELX_P HELX_P4 4 THR A 37  ? GLY A 47  ? THR A 37  GLY A 47  1 ? 11 
HELX_P HELX_P5 5 PRO A 60  ? TRP A 64  ? PRO A 60  TRP A 64  5 ? 5  
HELX_P HELX_P6 6 SER A 98  ? ARG A 101 ? SER A 98  ARG A 101 5 ? 4  
HELX_P HELX_P7 7 GLY A 104 ? CYS A 120 ? GLY A 104 CYS A 120 1 ? 17 
HELX_P HELX_P8 8 ASN A 133 ? ARG A 143 ? ASN A 133 ARG A 143 1 ? 11 
HELX_P HELX_P9 9 ASP A 160 ? GLU A 170 ? ASP A 160 GLU A 170 1 ? 11 
# 
_struct_conf_type.id          HELX_P 
_struct_conf_type.criteria    ? 
_struct_conf_type.reference   ? 
# 
loop_
_struct_conn.id 
_struct_conn.conn_type_id 
_struct_conn.pdbx_leaving_atom_flag 
_struct_conn.pdbx_PDB_id 
_struct_conn.ptnr1_label_asym_id 
_struct_conn.ptnr1_label_comp_id 
_struct_conn.ptnr1_label_seq_id 
_struct_conn.ptnr1_label_atom_id 
_struct_conn.pdbx_ptnr1_label_alt_id 
_struct_conn.pdbx_ptnr1_PDB_ins_code 
_struct_conn.pdbx_ptnr1_standard_comp_id 
_struct_conn.ptnr1_symmetry 
_struct_conn.ptnr2_label_asym_id 
_struct_conn.ptnr2_label_comp_id 
_struct_conn.ptnr2_label_seq_id 
_struct_conn.ptnr2_label_atom_id 
_struct_conn.pdbx_ptnr2_label_alt_id 
_struct_conn.pdbx_ptnr2_PDB_ins_code 
_struct_conn.ptnr1_auth_asym_id 
_struct_conn.ptnr1_auth_comp_id 
_struct_conn.ptnr1_auth_seq_id 
_struct_conn.ptnr2_auth_asym_id 
_struct_conn.ptnr2_auth_comp_id 
_struct_conn.ptnr2_auth_seq_id 
_struct_conn.ptnr2_symmetry 
_struct_conn.pdbx_ptnr3_label_atom_id 
_struct_conn.pdbx_ptnr3_label_seq_id 
_struct_conn.pdbx_ptnr3_label_comp_id 
_struct_conn.pdbx_ptnr3_label_asym_id 
_struct_conn.pdbx_ptnr3_label_alt_id 
_struct_conn.pdbx_ptnr3_PDB_ins_code 
_struct_conn.details 
_struct_conn.pdbx_dist_value 
_struct_conn.pdbx_value_order 
_struct_conn.pdbx_role 
covale1  covale both ? A TYR 29  C ? ? ? 1_555 A MSE 30  N ? ? A TYR 29  A MSE 30  1_555 ? ? ? ? ? ? ? 1.331 ? ? 
covale2  covale both ? A MSE 30  C ? ? ? 1_555 A GLU 31  N ? ? A MSE 30  A GLU 31  1_555 ? ? ? ? ? ? ? 1.325 ? ? 
covale3  covale both ? A ALA 75  C ? ? ? 1_555 A MSE 76  N ? ? A ALA 75  A MSE 76  1_555 ? ? ? ? ? ? ? 1.330 ? ? 
covale4  covale both ? A MSE 76  C ? ? ? 1_555 A TYR 77  N ? ? A MSE 76  A TYR 77  1_555 ? ? ? ? ? ? ? 1.328 ? ? 
covale5  covale both ? A VAL 96  C ? ? ? 1_555 A MSE 97  N ? ? A VAL 96  A MSE 97  1_555 ? ? ? ? ? ? ? 1.332 ? ? 
covale6  covale both ? A MSE 97  C ? ? ? 1_555 A SER 98  N ? ? A MSE 97  A SER 98  1_555 ? ? ? ? ? ? ? 1.335 ? ? 
covale7  covale both ? A ALA 117 C ? ? ? 1_555 A MSE 118 N ? ? A ALA 117 A MSE 118 1_555 ? ? ? ? ? ? ? 1.332 ? ? 
covale8  covale both ? A MSE 118 C ? ? ? 1_555 A ARG 119 N ? ? A MSE 118 A ARG 119 1_555 ? ? ? ? ? ? ? 1.321 ? ? 
covale9  covale both ? A SER 124 C ? ? ? 1_555 A MSE 125 N ? ? A SER 124 A MSE 125 1_555 ? ? ? ? ? ? ? 1.333 ? ? 
covale10 covale both ? A MSE 125 C ? ? ? 1_555 A HIS 126 N ? ? A MSE 125 A HIS 126 1_555 ? ? ? ? ? ? ? 1.328 ? ? 
covale11 covale both ? A LYS 166 C ? ? ? 1_555 A MSE 167 N ? ? A LYS 166 A MSE 167 1_555 ? ? ? ? ? ? ? 1.335 ? ? 
covale12 covale both ? A MSE 167 C ? ? ? 1_555 A ALA 168 N ? ? A MSE 167 A ALA 168 1_555 ? ? ? ? ? ? ? 1.329 ? ? 
# 
_struct_conn_type.id          covale 
_struct_conn_type.criteria    ? 
_struct_conn_type.reference   ? 
# 
loop_
_pdbx_modification_feature.ordinal 
_pdbx_modification_feature.label_comp_id 
_pdbx_modification_feature.label_asym_id 
_pdbx_modification_feature.label_seq_id 
_pdbx_modification_feature.label_alt_id 
_pdbx_modification_feature.modified_residue_label_comp_id 
_pdbx_modification_feature.modified_residue_label_asym_id 
_pdbx_modification_feature.modified_residue_label_seq_id 
_pdbx_modification_feature.modified_residue_label_alt_id 
_pdbx_modification_feature.auth_comp_id 
_pdbx_modification_feature.auth_asym_id 
_pdbx_modification_feature.auth_seq_id 
_pdbx_modification_feature.PDB_ins_code 
_pdbx_modification_feature.symmetry 
_pdbx_modification_feature.modified_residue_auth_comp_id 
_pdbx_modification_feature.modified_residue_auth_asym_id 
_pdbx_modification_feature.modified_residue_auth_seq_id 
_pdbx_modification_feature.modified_residue_PDB_ins_code 
_pdbx_modification_feature.modified_residue_symmetry 
_pdbx_modification_feature.comp_id_linking_atom 
_pdbx_modification_feature.modified_residue_id_linking_atom 
_pdbx_modification_feature.modified_residue_id 
_pdbx_modification_feature.ref_pcm_id 
_pdbx_modification_feature.ref_comp_id 
_pdbx_modification_feature.type 
_pdbx_modification_feature.category 
1 MSE A 30  ? . . . . MSE A 30  ? 1_555 . . . . . . . MET 1 MSE Selenomethionine 'Named protein modification' 
2 MSE A 76  ? . . . . MSE A 76  ? 1_555 . . . . . . . MET 1 MSE Selenomethionine 'Named protein modification' 
3 MSE A 97  ? . . . . MSE A 97  ? 1_555 . . . . . . . MET 1 MSE Selenomethionine 'Named protein modification' 
4 MSE A 118 ? . . . . MSE A 118 ? 1_555 . . . . . . . MET 1 MSE Selenomethionine 'Named protein modification' 
5 MSE A 125 ? . . . . MSE A 125 ? 1_555 . . . . . . . MET 1 MSE Selenomethionine 'Named protein modification' 
6 MSE A 167 ? . . . . MSE A 167 ? 1_555 . . . . . . . MET 1 MSE Selenomethionine 'Named protein modification' 
# 
_struct_sheet.id               A 
_struct_sheet.type             ? 
_struct_sheet.number_strands   5 
_struct_sheet.details          ? 
# 
loop_
_struct_sheet_order.sheet_id 
_struct_sheet_order.range_id_1 
_struct_sheet_order.range_id_2 
_struct_sheet_order.offset 
_struct_sheet_order.sense 
A 1 2 ? anti-parallel 
A 2 3 ? anti-parallel 
A 3 4 ? anti-parallel 
A 4 5 ? parallel      
# 
loop_
_struct_sheet_range.sheet_id 
_struct_sheet_range.id 
_struct_sheet_range.beg_label_comp_id 
_struct_sheet_range.beg_label_asym_id 
_struct_sheet_range.beg_label_seq_id 
_struct_sheet_range.pdbx_beg_PDB_ins_code 
_struct_sheet_range.end_label_comp_id 
_struct_sheet_range.end_label_asym_id 
_struct_sheet_range.end_label_seq_id 
_struct_sheet_range.pdbx_end_PDB_ins_code 
_struct_sheet_range.beg_auth_comp_id 
_struct_sheet_range.beg_auth_asym_id 
_struct_sheet_range.beg_auth_seq_id 
_struct_sheet_range.end_auth_comp_id 
_struct_sheet_range.end_auth_asym_id 
_struct_sheet_range.end_auth_seq_id 
A 1 VAL A 5   ? PRO A 8   ? VAL A 5   PRO A 8   
A 2 HIS A 53  ? GLU A 58  ? HIS A 53  GLU A 58  
A 3 ILE A 71  ? ASP A 82  ? ILE A 71  ASP A 82  
A 4 GLY A 86  ? VAL A 96  ? GLY A 86  VAL A 96  
A 5 SER A 124 ? HIS A 126 ? SER A 124 HIS A 126 
# 
loop_
_pdbx_struct_sheet_hbond.sheet_id 
_pdbx_struct_sheet_hbond.range_id_1 
_pdbx_struct_sheet_hbond.range_id_2 
_pdbx_struct_sheet_hbond.range_1_label_atom_id 
_pdbx_struct_sheet_hbond.range_1_label_comp_id 
_pdbx_struct_sheet_hbond.range_1_label_asym_id 
_pdbx_struct_sheet_hbond.range_1_label_seq_id 
_pdbx_struct_sheet_hbond.range_1_PDB_ins_code 
_pdbx_struct_sheet_hbond.range_1_auth_atom_id 
_pdbx_struct_sheet_hbond.range_1_auth_comp_id 
_pdbx_struct_sheet_hbond.range_1_auth_asym_id 
_pdbx_struct_sheet_hbond.range_1_auth_seq_id 
_pdbx_struct_sheet_hbond.range_2_label_atom_id 
_pdbx_struct_sheet_hbond.range_2_label_comp_id 
_pdbx_struct_sheet_hbond.range_2_label_asym_id 
_pdbx_struct_sheet_hbond.range_2_label_seq_id 
_pdbx_struct_sheet_hbond.range_2_PDB_ins_code 
_pdbx_struct_sheet_hbond.range_2_auth_atom_id 
_pdbx_struct_sheet_hbond.range_2_auth_comp_id 
_pdbx_struct_sheet_hbond.range_2_auth_asym_id 
_pdbx_struct_sheet_hbond.range_2_auth_seq_id 
A 1 2 N ARG A 7  ? N ARG A 7  O VAL A 56  ? O VAL A 56  
A 2 3 N ALA A 57 ? N ALA A 57 O VAL A 72  ? O VAL A 72  
A 3 4 N ASP A 82 ? N ASP A 82 O GLY A 86  ? O GLY A 86  
A 4 5 N LEU A 91 ? N LEU A 91 O HIS A 126 ? O HIS A 126 
# 
_struct_site.id                   AC1 
_struct_site.pdbx_evidence_code   Software 
_struct_site.pdbx_auth_asym_id    A 
_struct_site.pdbx_auth_comp_id    COA 
_struct_site.pdbx_auth_seq_id     172 
_struct_site.pdbx_auth_ins_code   ? 
_struct_site.pdbx_num_residues    21 
_struct_site.details              'BINDING SITE FOR RESIDUE COA A 172' 
# 
loop_
_struct_site_gen.id 
_struct_site_gen.site_id 
_struct_site_gen.pdbx_num_res 
_struct_site_gen.label_comp_id 
_struct_site_gen.label_asym_id 
_struct_site_gen.label_seq_id 
_struct_site_gen.pdbx_auth_ins_code 
_struct_site_gen.auth_comp_id 
_struct_site_gen.auth_asym_id 
_struct_site_gen.auth_seq_id 
_struct_site_gen.label_atom_id 
_struct_site_gen.label_alt_id 
_struct_site_gen.symmetry 
_struct_site_gen.details 
1  AC1 21 GLU A 28  ? GLU A 28  . ? 1_555 ? 
2  AC1 21 PHE A 94  ? PHE A 94  . ? 1_555 ? 
3  AC1 21 PHE A 95  ? PHE A 95  . ? 1_555 ? 
4  AC1 21 VAL A 96  ? VAL A 96  . ? 1_555 ? 
5  AC1 21 ARG A 101 ? ARG A 101 . ? 1_555 ? 
6  AC1 21 GLY A 102 ? GLY A 102 . ? 1_555 ? 
7  AC1 21 PHE A 103 ? PHE A 103 . ? 1_555 ? 
8  AC1 21 GLY A 104 ? GLY A 104 . ? 1_555 ? 
9  AC1 21 ILE A 105 ? ILE A 105 . ? 1_555 ? 
10 AC1 21 GLY A 106 ? GLY A 106 . ? 1_555 ? 
11 AC1 21 SER A 107 ? SER A 107 . ? 1_555 ? 
12 AC1 21 ASN A 133 ? ASN A 133 . ? 1_555 ? 
13 AC1 21 SER A 136 ? SER A 136 . ? 1_555 ? 
14 AC1 21 PHE A 139 ? PHE A 139 . ? 1_555 ? 
15 AC1 21 ARG A 142 ? ARG A 142 . ? 1_555 ? 
16 AC1 21 ARG A 143 ? ARG A 143 . ? 1_555 ? 
17 AC1 21 HOH C .   ? HOH A 173 . ? 1_555 ? 
18 AC1 21 HOH C .   ? HOH A 187 . ? 1_555 ? 
19 AC1 21 HOH C .   ? HOH A 204 . ? 1_555 ? 
20 AC1 21 HOH C .   ? HOH A 222 . ? 1_555 ? 
21 AC1 21 HOH C .   ? HOH A 223 . ? 1_555 ? 
# 
_pdbx_entry_details.entry_id                   2B58 
_pdbx_entry_details.compound_details           ? 
_pdbx_entry_details.source_details             ? 
_pdbx_entry_details.nonpolymer_details         ? 
_pdbx_entry_details.sequence_details           ? 
_pdbx_entry_details.has_ligand_of_interest     ? 
_pdbx_entry_details.has_protein_modification   Y 
# 
_pdbx_validate_symm_contact.id                1 
_pdbx_validate_symm_contact.PDB_model_num     1 
_pdbx_validate_symm_contact.auth_atom_id_1    O 
_pdbx_validate_symm_contact.auth_asym_id_1    A 
_pdbx_validate_symm_contact.auth_comp_id_1    HOH 
_pdbx_validate_symm_contact.auth_seq_id_1     198 
_pdbx_validate_symm_contact.PDB_ins_code_1    ? 
_pdbx_validate_symm_contact.label_alt_id_1    ? 
_pdbx_validate_symm_contact.site_symmetry_1   1_555 
_pdbx_validate_symm_contact.auth_atom_id_2    O 
_pdbx_validate_symm_contact.auth_asym_id_2    A 
_pdbx_validate_symm_contact.auth_comp_id_2    HOH 
_pdbx_validate_symm_contact.auth_seq_id_2     198 
_pdbx_validate_symm_contact.PDB_ins_code_2    ? 
_pdbx_validate_symm_contact.label_alt_id_2    ? 
_pdbx_validate_symm_contact.site_symmetry_2   4_675 
_pdbx_validate_symm_contact.dist              1.15 
# 
_pdbx_validate_rmsd_angle.id                         1 
_pdbx_validate_rmsd_angle.PDB_model_num              1 
_pdbx_validate_rmsd_angle.auth_atom_id_1             CG 
_pdbx_validate_rmsd_angle.auth_asym_id_1             A 
_pdbx_validate_rmsd_angle.auth_comp_id_1             MSE 
_pdbx_validate_rmsd_angle.auth_seq_id_1              118 
_pdbx_validate_rmsd_angle.PDB_ins_code_1             ? 
_pdbx_validate_rmsd_angle.label_alt_id_1             ? 
_pdbx_validate_rmsd_angle.auth_atom_id_2             SE 
_pdbx_validate_rmsd_angle.auth_asym_id_2             A 
_pdbx_validate_rmsd_angle.auth_comp_id_2             MSE 
_pdbx_validate_rmsd_angle.auth_seq_id_2              118 
_pdbx_validate_rmsd_angle.PDB_ins_code_2             ? 
_pdbx_validate_rmsd_angle.label_alt_id_2             ? 
_pdbx_validate_rmsd_angle.auth_atom_id_3             CE 
_pdbx_validate_rmsd_angle.auth_asym_id_3             A 
_pdbx_validate_rmsd_angle.auth_comp_id_3             MSE 
_pdbx_validate_rmsd_angle.auth_seq_id_3              118 
_pdbx_validate_rmsd_angle.PDB_ins_code_3             ? 
_pdbx_validate_rmsd_angle.label_alt_id_3             ? 
_pdbx_validate_rmsd_angle.angle_value                114.50 
_pdbx_validate_rmsd_angle.angle_target_value         98.90 
_pdbx_validate_rmsd_angle.angle_deviation            15.60 
_pdbx_validate_rmsd_angle.angle_standard_deviation   2.20 
_pdbx_validate_rmsd_angle.linker_flag                N 
# 
_pdbx_validate_torsion.id              1 
_pdbx_validate_torsion.PDB_model_num   1 
_pdbx_validate_torsion.auth_comp_id    MSE 
_pdbx_validate_torsion.auth_asym_id    A 
_pdbx_validate_torsion.auth_seq_id     30 
_pdbx_validate_torsion.PDB_ins_code    ? 
_pdbx_validate_torsion.label_alt_id    ? 
_pdbx_validate_torsion.phi             -146.81 
_pdbx_validate_torsion.psi             33.00 
# 
_pdbx_validate_planes.id              1 
_pdbx_validate_planes.PDB_model_num   1 
_pdbx_validate_planes.auth_comp_id    TYR 
_pdbx_validate_planes.auth_asym_id    A 
_pdbx_validate_planes.auth_seq_id     90 
_pdbx_validate_planes.PDB_ins_code    ? 
_pdbx_validate_planes.label_alt_id    ? 
_pdbx_validate_planes.rmsd            0.078 
_pdbx_validate_planes.type            'SIDE CHAIN' 
# 
_pdbx_SG_project.id                    1 
_pdbx_SG_project.project_name          'PSI, Protein Structure Initiative' 
_pdbx_SG_project.full_name_of_center   'New York SGX Research Center for Structural Genomics' 
_pdbx_SG_project.initial_of_center     NYSGXRC 
# 
loop_
_pdbx_struct_mod_residue.id 
_pdbx_struct_mod_residue.label_asym_id 
_pdbx_struct_mod_residue.label_comp_id 
_pdbx_struct_mod_residue.label_seq_id 
_pdbx_struct_mod_residue.auth_asym_id 
_pdbx_struct_mod_residue.auth_comp_id 
_pdbx_struct_mod_residue.auth_seq_id 
_pdbx_struct_mod_residue.PDB_ins_code 
_pdbx_struct_mod_residue.parent_comp_id 
_pdbx_struct_mod_residue.details 
1 A MSE 30  A MSE 30  ? MET SELENOMETHIONINE 
2 A MSE 76  A MSE 76  ? MET SELENOMETHIONINE 
3 A MSE 97  A MSE 97  ? MET SELENOMETHIONINE 
4 A MSE 118 A MSE 118 ? MET SELENOMETHIONINE 
5 A MSE 125 A MSE 125 ? MET SELENOMETHIONINE 
6 A MSE 167 A MSE 167 ? MET SELENOMETHIONINE 
# 
loop_
_pdbx_unobs_or_zero_occ_residues.id 
_pdbx_unobs_or_zero_occ_residues.PDB_model_num 
_pdbx_unobs_or_zero_occ_residues.polymer_flag 
_pdbx_unobs_or_zero_occ_residues.occupancy_flag 
_pdbx_unobs_or_zero_occ_residues.auth_asym_id 
_pdbx_unobs_or_zero_occ_residues.auth_comp_id 
_pdbx_unobs_or_zero_occ_residues.auth_seq_id 
_pdbx_unobs_or_zero_occ_residues.PDB_ins_code 
_pdbx_unobs_or_zero_occ_residues.label_asym_id 
_pdbx_unobs_or_zero_occ_residues.label_comp_id 
_pdbx_unobs_or_zero_occ_residues.label_seq_id 
1 1 Y 1 A MSE 1   ? A MSE 1   
2 1 Y 1 A ALA 2   ? A ALA 2   
3 1 Y 1 A LYS 3   ? A LYS 3   
4 1 Y 1 A GLU 171 ? A GLU 171 
# 
loop_
_chem_comp_atom.comp_id 
_chem_comp_atom.atom_id 
_chem_comp_atom.type_symbol 
_chem_comp_atom.pdbx_aromatic_flag 
_chem_comp_atom.pdbx_stereo_config 
_chem_comp_atom.pdbx_ordinal 
ALA N    N  N N 1   
ALA CA   C  N S 2   
ALA C    C  N N 3   
ALA O    O  N N 4   
ALA CB   C  N N 5   
ALA OXT  O  N N 6   
ALA H    H  N N 7   
ALA H2   H  N N 8   
ALA HA   H  N N 9   
ALA HB1  H  N N 10  
ALA HB2  H  N N 11  
ALA HB3  H  N N 12  
ALA HXT  H  N N 13  
ARG N    N  N N 14  
ARG CA   C  N S 15  
ARG C    C  N N 16  
ARG O    O  N N 17  
ARG CB   C  N N 18  
ARG CG   C  N N 19  
ARG CD   C  N N 20  
ARG NE   N  N N 21  
ARG CZ   C  N N 22  
ARG NH1  N  N N 23  
ARG NH2  N  N N 24  
ARG OXT  O  N N 25  
ARG H    H  N N 26  
ARG H2   H  N N 27  
ARG HA   H  N N 28  
ARG HB2  H  N N 29  
ARG HB3  H  N N 30  
ARG HG2  H  N N 31  
ARG HG3  H  N N 32  
ARG HD2  H  N N 33  
ARG HD3  H  N N 34  
ARG HE   H  N N 35  
ARG HH11 H  N N 36  
ARG HH12 H  N N 37  
ARG HH21 H  N N 38  
ARG HH22 H  N N 39  
ARG HXT  H  N N 40  
ASN N    N  N N 41  
ASN CA   C  N S 42  
ASN C    C  N N 43  
ASN O    O  N N 44  
ASN CB   C  N N 45  
ASN CG   C  N N 46  
ASN OD1  O  N N 47  
ASN ND2  N  N N 48  
ASN OXT  O  N N 49  
ASN H    H  N N 50  
ASN H2   H  N N 51  
ASN HA   H  N N 52  
ASN HB2  H  N N 53  
ASN HB3  H  N N 54  
ASN HD21 H  N N 55  
ASN HD22 H  N N 56  
ASN HXT  H  N N 57  
ASP N    N  N N 58  
ASP CA   C  N S 59  
ASP C    C  N N 60  
ASP O    O  N N 61  
ASP CB   C  N N 62  
ASP CG   C  N N 63  
ASP OD1  O  N N 64  
ASP OD2  O  N N 65  
ASP OXT  O  N N 66  
ASP H    H  N N 67  
ASP H2   H  N N 68  
ASP HA   H  N N 69  
ASP HB2  H  N N 70  
ASP HB3  H  N N 71  
ASP HD2  H  N N 72  
ASP HXT  H  N N 73  
COA N1A  N  Y N 74  
COA C2A  C  Y N 75  
COA N3A  N  Y N 76  
COA C4A  C  Y N 77  
COA C5A  C  Y N 78  
COA C6A  C  Y N 79  
COA N6A  N  N N 80  
COA N7A  N  Y N 81  
COA C8A  C  Y N 82  
COA N9A  N  Y N 83  
COA C1B  C  N R 84  
COA C2B  C  N R 85  
COA O2B  O  N N 86  
COA C3B  C  N S 87  
COA O3B  O  N N 88  
COA P3B  P  N N 89  
COA O7A  O  N N 90  
COA O8A  O  N N 91  
COA O9A  O  N N 92  
COA C4B  C  N R 93  
COA O4B  O  N N 94  
COA C5B  C  N N 95  
COA O5B  O  N N 96  
COA P1A  P  N S 97  
COA O1A  O  N N 98  
COA O2A  O  N N 99  
COA O3A  O  N N 100 
COA P2A  P  N S 101 
COA O4A  O  N N 102 
COA O5A  O  N N 103 
COA O6A  O  N N 104 
COA CBP  C  N N 105 
COA CCP  C  N N 106 
COA CDP  C  N N 107 
COA CEP  C  N N 108 
COA CAP  C  N R 109 
COA OAP  O  N N 110 
COA C9P  C  N N 111 
COA O9P  O  N N 112 
COA N8P  N  N N 113 
COA C7P  C  N N 114 
COA C6P  C  N N 115 
COA C5P  C  N N 116 
COA O5P  O  N N 117 
COA N4P  N  N N 118 
COA C3P  C  N N 119 
COA C2P  C  N N 120 
COA S1P  S  N N 121 
COA H2A  H  N N 122 
COA H61A H  N N 123 
COA H62A H  N N 124 
COA H8A  H  N N 125 
COA H1B  H  N N 126 
COA H2B  H  N N 127 
COA HO2A H  N N 128 
COA H3B  H  N N 129 
COA HOA8 H  N N 130 
COA HOA9 H  N N 131 
COA H4B  H  N N 132 
COA H51A H  N N 133 
COA H52A H  N N 134 
COA HOA2 H  N N 135 
COA HOA5 H  N N 136 
COA H121 H  N N 137 
COA H122 H  N N 138 
COA H131 H  N N 139 
COA H132 H  N N 140 
COA H133 H  N N 141 
COA H141 H  N N 142 
COA H142 H  N N 143 
COA H143 H  N N 144 
COA H10  H  N N 145 
COA HO1  H  N N 146 
COA HN8  H  N N 147 
COA H71  H  N N 148 
COA H72  H  N N 149 
COA H61  H  N N 150 
COA H62  H  N N 151 
COA HN4  H  N N 152 
COA H31  H  N N 153 
COA H32  H  N N 154 
COA H21  H  N N 155 
COA H22  H  N N 156 
COA HS1  H  N N 157 
CYS N    N  N N 158 
CYS CA   C  N R 159 
CYS C    C  N N 160 
CYS O    O  N N 161 
CYS CB   C  N N 162 
CYS SG   S  N N 163 
CYS OXT  O  N N 164 
CYS H    H  N N 165 
CYS H2   H  N N 166 
CYS HA   H  N N 167 
CYS HB2  H  N N 168 
CYS HB3  H  N N 169 
CYS HG   H  N N 170 
CYS HXT  H  N N 171 
GLN N    N  N N 172 
GLN CA   C  N S 173 
GLN C    C  N N 174 
GLN O    O  N N 175 
GLN CB   C  N N 176 
GLN CG   C  N N 177 
GLN CD   C  N N 178 
GLN OE1  O  N N 179 
GLN NE2  N  N N 180 
GLN OXT  O  N N 181 
GLN H    H  N N 182 
GLN H2   H  N N 183 
GLN HA   H  N N 184 
GLN HB2  H  N N 185 
GLN HB3  H  N N 186 
GLN HG2  H  N N 187 
GLN HG3  H  N N 188 
GLN HE21 H  N N 189 
GLN HE22 H  N N 190 
GLN HXT  H  N N 191 
GLU N    N  N N 192 
GLU CA   C  N S 193 
GLU C    C  N N 194 
GLU O    O  N N 195 
GLU CB   C  N N 196 
GLU CG   C  N N 197 
GLU CD   C  N N 198 
GLU OE1  O  N N 199 
GLU OE2  O  N N 200 
GLU OXT  O  N N 201 
GLU H    H  N N 202 
GLU H2   H  N N 203 
GLU HA   H  N N 204 
GLU HB2  H  N N 205 
GLU HB3  H  N N 206 
GLU HG2  H  N N 207 
GLU HG3  H  N N 208 
GLU HE2  H  N N 209 
GLU HXT  H  N N 210 
GLY N    N  N N 211 
GLY CA   C  N N 212 
GLY C    C  N N 213 
GLY O    O  N N 214 
GLY OXT  O  N N 215 
GLY H    H  N N 216 
GLY H2   H  N N 217 
GLY HA2  H  N N 218 
GLY HA3  H  N N 219 
GLY HXT  H  N N 220 
HIS N    N  N N 221 
HIS CA   C  N S 222 
HIS C    C  N N 223 
HIS O    O  N N 224 
HIS CB   C  N N 225 
HIS CG   C  Y N 226 
HIS ND1  N  Y N 227 
HIS CD2  C  Y N 228 
HIS CE1  C  Y N 229 
HIS NE2  N  Y N 230 
HIS OXT  O  N N 231 
HIS H    H  N N 232 
HIS H2   H  N N 233 
HIS HA   H  N N 234 
HIS HB2  H  N N 235 
HIS HB3  H  N N 236 
HIS HD1  H  N N 237 
HIS HD2  H  N N 238 
HIS HE1  H  N N 239 
HIS HE2  H  N N 240 
HIS HXT  H  N N 241 
HOH O    O  N N 242 
HOH H1   H  N N 243 
HOH H2   H  N N 244 
ILE N    N  N N 245 
ILE CA   C  N S 246 
ILE C    C  N N 247 
ILE O    O  N N 248 
ILE CB   C  N S 249 
ILE CG1  C  N N 250 
ILE CG2  C  N N 251 
ILE CD1  C  N N 252 
ILE OXT  O  N N 253 
ILE H    H  N N 254 
ILE H2   H  N N 255 
ILE HA   H  N N 256 
ILE HB   H  N N 257 
ILE HG12 H  N N 258 
ILE HG13 H  N N 259 
ILE HG21 H  N N 260 
ILE HG22 H  N N 261 
ILE HG23 H  N N 262 
ILE HD11 H  N N 263 
ILE HD12 H  N N 264 
ILE HD13 H  N N 265 
ILE HXT  H  N N 266 
LEU N    N  N N 267 
LEU CA   C  N S 268 
LEU C    C  N N 269 
LEU O    O  N N 270 
LEU CB   C  N N 271 
LEU CG   C  N N 272 
LEU CD1  C  N N 273 
LEU CD2  C  N N 274 
LEU OXT  O  N N 275 
LEU H    H  N N 276 
LEU H2   H  N N 277 
LEU HA   H  N N 278 
LEU HB2  H  N N 279 
LEU HB3  H  N N 280 
LEU HG   H  N N 281 
LEU HD11 H  N N 282 
LEU HD12 H  N N 283 
LEU HD13 H  N N 284 
LEU HD21 H  N N 285 
LEU HD22 H  N N 286 
LEU HD23 H  N N 287 
LEU HXT  H  N N 288 
LYS N    N  N N 289 
LYS CA   C  N S 290 
LYS C    C  N N 291 
LYS O    O  N N 292 
LYS CB   C  N N 293 
LYS CG   C  N N 294 
LYS CD   C  N N 295 
LYS CE   C  N N 296 
LYS NZ   N  N N 297 
LYS OXT  O  N N 298 
LYS H    H  N N 299 
LYS H2   H  N N 300 
LYS HA   H  N N 301 
LYS HB2  H  N N 302 
LYS HB3  H  N N 303 
LYS HG2  H  N N 304 
LYS HG3  H  N N 305 
LYS HD2  H  N N 306 
LYS HD3  H  N N 307 
LYS HE2  H  N N 308 
LYS HE3  H  N N 309 
LYS HZ1  H  N N 310 
LYS HZ2  H  N N 311 
LYS HZ3  H  N N 312 
LYS HXT  H  N N 313 
MSE N    N  N N 314 
MSE CA   C  N S 315 
MSE C    C  N N 316 
MSE O    O  N N 317 
MSE OXT  O  N N 318 
MSE CB   C  N N 319 
MSE CG   C  N N 320 
MSE SE   SE N N 321 
MSE CE   C  N N 322 
MSE H    H  N N 323 
MSE H2   H  N N 324 
MSE HA   H  N N 325 
MSE HXT  H  N N 326 
MSE HB2  H  N N 327 
MSE HB3  H  N N 328 
MSE HG2  H  N N 329 
MSE HG3  H  N N 330 
MSE HE1  H  N N 331 
MSE HE2  H  N N 332 
MSE HE3  H  N N 333 
PHE N    N  N N 334 
PHE CA   C  N S 335 
PHE C    C  N N 336 
PHE O    O  N N 337 
PHE CB   C  N N 338 
PHE CG   C  Y N 339 
PHE CD1  C  Y N 340 
PHE CD2  C  Y N 341 
PHE CE1  C  Y N 342 
PHE CE2  C  Y N 343 
PHE CZ   C  Y N 344 
PHE OXT  O  N N 345 
PHE H    H  N N 346 
PHE H2   H  N N 347 
PHE HA   H  N N 348 
PHE HB2  H  N N 349 
PHE HB3  H  N N 350 
PHE HD1  H  N N 351 
PHE HD2  H  N N 352 
PHE HE1  H  N N 353 
PHE HE2  H  N N 354 
PHE HZ   H  N N 355 
PHE HXT  H  N N 356 
PRO N    N  N N 357 
PRO CA   C  N S 358 
PRO C    C  N N 359 
PRO O    O  N N 360 
PRO CB   C  N N 361 
PRO CG   C  N N 362 
PRO CD   C  N N 363 
PRO OXT  O  N N 364 
PRO H    H  N N 365 
PRO HA   H  N N 366 
PRO HB2  H  N N 367 
PRO HB3  H  N N 368 
PRO HG2  H  N N 369 
PRO HG3  H  N N 370 
PRO HD2  H  N N 371 
PRO HD3  H  N N 372 
PRO HXT  H  N N 373 
SER N    N  N N 374 
SER CA   C  N S 375 
SER C    C  N N 376 
SER O    O  N N 377 
SER CB   C  N N 378 
SER OG   O  N N 379 
SER OXT  O  N N 380 
SER H    H  N N 381 
SER H2   H  N N 382 
SER HA   H  N N 383 
SER HB2  H  N N 384 
SER HB3  H  N N 385 
SER HG   H  N N 386 
SER HXT  H  N N 387 
THR N    N  N N 388 
THR CA   C  N S 389 
THR C    C  N N 390 
THR O    O  N N 391 
THR CB   C  N R 392 
THR OG1  O  N N 393 
THR CG2  C  N N 394 
THR OXT  O  N N 395 
THR H    H  N N 396 
THR H2   H  N N 397 
THR HA   H  N N 398 
THR HB   H  N N 399 
THR HG1  H  N N 400 
THR HG21 H  N N 401 
THR HG22 H  N N 402 
THR HG23 H  N N 403 
THR HXT  H  N N 404 
TRP N    N  N N 405 
TRP CA   C  N S 406 
TRP C    C  N N 407 
TRP O    O  N N 408 
TRP CB   C  N N 409 
TRP CG   C  Y N 410 
TRP CD1  C  Y N 411 
TRP CD2  C  Y N 412 
TRP NE1  N  Y N 413 
TRP CE2  C  Y N 414 
TRP CE3  C  Y N 415 
TRP CZ2  C  Y N 416 
TRP CZ3  C  Y N 417 
TRP CH2  C  Y N 418 
TRP OXT  O  N N 419 
TRP H    H  N N 420 
TRP H2   H  N N 421 
TRP HA   H  N N 422 
TRP HB2  H  N N 423 
TRP HB3  H  N N 424 
TRP HD1  H  N N 425 
TRP HE1  H  N N 426 
TRP HE3  H  N N 427 
TRP HZ2  H  N N 428 
TRP HZ3  H  N N 429 
TRP HH2  H  N N 430 
TRP HXT  H  N N 431 
TYR N    N  N N 432 
TYR CA   C  N S 433 
TYR C    C  N N 434 
TYR O    O  N N 435 
TYR CB   C  N N 436 
TYR CG   C  Y N 437 
TYR CD1  C  Y N 438 
TYR CD2  C  Y N 439 
TYR CE1  C  Y N 440 
TYR CE2  C  Y N 441 
TYR CZ   C  Y N 442 
TYR OH   O  N N 443 
TYR OXT  O  N N 444 
TYR H    H  N N 445 
TYR H2   H  N N 446 
TYR HA   H  N N 447 
TYR HB2  H  N N 448 
TYR HB3  H  N N 449 
TYR HD1  H  N N 450 
TYR HD2  H  N N 451 
TYR HE1  H  N N 452 
TYR HE2  H  N N 453 
TYR HH   H  N N 454 
TYR HXT  H  N N 455 
VAL N    N  N N 456 
VAL CA   C  N S 457 
VAL C    C  N N 458 
VAL O    O  N N 459 
VAL CB   C  N N 460 
VAL CG1  C  N N 461 
VAL CG2  C  N N 462 
VAL OXT  O  N N 463 
VAL H    H  N N 464 
VAL H2   H  N N 465 
VAL HA   H  N N 466 
VAL HB   H  N N 467 
VAL HG11 H  N N 468 
VAL HG12 H  N N 469 
VAL HG13 H  N N 470 
VAL HG21 H  N N 471 
VAL HG22 H  N N 472 
VAL HG23 H  N N 473 
VAL HXT  H  N N 474 
# 
loop_
_chem_comp_bond.comp_id 
_chem_comp_bond.atom_id_1 
_chem_comp_bond.atom_id_2 
_chem_comp_bond.value_order 
_chem_comp_bond.pdbx_aromatic_flag 
_chem_comp_bond.pdbx_stereo_config 
_chem_comp_bond.pdbx_ordinal 
ALA N   CA   sing N N 1   
ALA N   H    sing N N 2   
ALA N   H2   sing N N 3   
ALA CA  C    sing N N 4   
ALA CA  CB   sing N N 5   
ALA CA  HA   sing N N 6   
ALA C   O    doub N N 7   
ALA C   OXT  sing N N 8   
ALA CB  HB1  sing N N 9   
ALA CB  HB2  sing N N 10  
ALA CB  HB3  sing N N 11  
ALA OXT HXT  sing N N 12  
ARG N   CA   sing N N 13  
ARG N   H    sing N N 14  
ARG N   H2   sing N N 15  
ARG CA  C    sing N N 16  
ARG CA  CB   sing N N 17  
ARG CA  HA   sing N N 18  
ARG C   O    doub N N 19  
ARG C   OXT  sing N N 20  
ARG CB  CG   sing N N 21  
ARG CB  HB2  sing N N 22  
ARG CB  HB3  sing N N 23  
ARG CG  CD   sing N N 24  
ARG CG  HG2  sing N N 25  
ARG CG  HG3  sing N N 26  
ARG CD  NE   sing N N 27  
ARG CD  HD2  sing N N 28  
ARG CD  HD3  sing N N 29  
ARG NE  CZ   sing N N 30  
ARG NE  HE   sing N N 31  
ARG CZ  NH1  sing N N 32  
ARG CZ  NH2  doub N N 33  
ARG NH1 HH11 sing N N 34  
ARG NH1 HH12 sing N N 35  
ARG NH2 HH21 sing N N 36  
ARG NH2 HH22 sing N N 37  
ARG OXT HXT  sing N N 38  
ASN N   CA   sing N N 39  
ASN N   H    sing N N 40  
ASN N   H2   sing N N 41  
ASN CA  C    sing N N 42  
ASN CA  CB   sing N N 43  
ASN CA  HA   sing N N 44  
ASN C   O    doub N N 45  
ASN C   OXT  sing N N 46  
ASN CB  CG   sing N N 47  
ASN CB  HB2  sing N N 48  
ASN CB  HB3  sing N N 49  
ASN CG  OD1  doub N N 50  
ASN CG  ND2  sing N N 51  
ASN ND2 HD21 sing N N 52  
ASN ND2 HD22 sing N N 53  
ASN OXT HXT  sing N N 54  
ASP N   CA   sing N N 55  
ASP N   H    sing N N 56  
ASP N   H2   sing N N 57  
ASP CA  C    sing N N 58  
ASP CA  CB   sing N N 59  
ASP CA  HA   sing N N 60  
ASP C   O    doub N N 61  
ASP C   OXT  sing N N 62  
ASP CB  CG   sing N N 63  
ASP CB  HB2  sing N N 64  
ASP CB  HB3  sing N N 65  
ASP CG  OD1  doub N N 66  
ASP CG  OD2  sing N N 67  
ASP OD2 HD2  sing N N 68  
ASP OXT HXT  sing N N 69  
COA N1A C2A  sing Y N 70  
COA N1A C6A  doub Y N 71  
COA C2A N3A  doub Y N 72  
COA C2A H2A  sing N N 73  
COA N3A C4A  sing Y N 74  
COA C4A C5A  doub Y N 75  
COA C4A N9A  sing Y N 76  
COA C5A C6A  sing Y N 77  
COA C5A N7A  sing Y N 78  
COA C6A N6A  sing N N 79  
COA N6A H61A sing N N 80  
COA N6A H62A sing N N 81  
COA N7A C8A  doub Y N 82  
COA C8A N9A  sing Y N 83  
COA C8A H8A  sing N N 84  
COA N9A C1B  sing N N 85  
COA C1B C2B  sing N N 86  
COA C1B O4B  sing N N 87  
COA C1B H1B  sing N N 88  
COA C2B O2B  sing N N 89  
COA C2B C3B  sing N N 90  
COA C2B H2B  sing N N 91  
COA O2B HO2A sing N N 92  
COA C3B O3B  sing N N 93  
COA C3B C4B  sing N N 94  
COA C3B H3B  sing N N 95  
COA O3B P3B  sing N N 96  
COA P3B O7A  doub N N 97  
COA P3B O8A  sing N N 98  
COA P3B O9A  sing N N 99  
COA O8A HOA8 sing N N 100 
COA O9A HOA9 sing N N 101 
COA C4B O4B  sing N N 102 
COA C4B C5B  sing N N 103 
COA C4B H4B  sing N N 104 
COA C5B O5B  sing N N 105 
COA C5B H51A sing N N 106 
COA C5B H52A sing N N 107 
COA O5B P1A  sing N N 108 
COA P1A O1A  doub N N 109 
COA P1A O2A  sing N N 110 
COA P1A O3A  sing N N 111 
COA O2A HOA2 sing N N 112 
COA O3A P2A  sing N N 113 
COA P2A O4A  doub N N 114 
COA P2A O5A  sing N N 115 
COA P2A O6A  sing N N 116 
COA O5A HOA5 sing N N 117 
COA O6A CCP  sing N N 118 
COA CBP CCP  sing N N 119 
COA CBP CDP  sing N N 120 
COA CBP CEP  sing N N 121 
COA CBP CAP  sing N N 122 
COA CCP H121 sing N N 123 
COA CCP H122 sing N N 124 
COA CDP H131 sing N N 125 
COA CDP H132 sing N N 126 
COA CDP H133 sing N N 127 
COA CEP H141 sing N N 128 
COA CEP H142 sing N N 129 
COA CEP H143 sing N N 130 
COA CAP OAP  sing N N 131 
COA CAP C9P  sing N N 132 
COA CAP H10  sing N N 133 
COA OAP HO1  sing N N 134 
COA C9P O9P  doub N N 135 
COA C9P N8P  sing N N 136 
COA N8P C7P  sing N N 137 
COA N8P HN8  sing N N 138 
COA C7P C6P  sing N N 139 
COA C7P H71  sing N N 140 
COA C7P H72  sing N N 141 
COA C6P C5P  sing N N 142 
COA C6P H61  sing N N 143 
COA C6P H62  sing N N 144 
COA C5P O5P  doub N N 145 
COA C5P N4P  sing N N 146 
COA N4P C3P  sing N N 147 
COA N4P HN4  sing N N 148 
COA C3P C2P  sing N N 149 
COA C3P H31  sing N N 150 
COA C3P H32  sing N N 151 
COA C2P S1P  sing N N 152 
COA C2P H21  sing N N 153 
COA C2P H22  sing N N 154 
COA S1P HS1  sing N N 155 
CYS N   CA   sing N N 156 
CYS N   H    sing N N 157 
CYS N   H2   sing N N 158 
CYS CA  C    sing N N 159 
CYS CA  CB   sing N N 160 
CYS CA  HA   sing N N 161 
CYS C   O    doub N N 162 
CYS C   OXT  sing N N 163 
CYS CB  SG   sing N N 164 
CYS CB  HB2  sing N N 165 
CYS CB  HB3  sing N N 166 
CYS SG  HG   sing N N 167 
CYS OXT HXT  sing N N 168 
GLN N   CA   sing N N 169 
GLN N   H    sing N N 170 
GLN N   H2   sing N N 171 
GLN CA  C    sing N N 172 
GLN CA  CB   sing N N 173 
GLN CA  HA   sing N N 174 
GLN C   O    doub N N 175 
GLN C   OXT  sing N N 176 
GLN CB  CG   sing N N 177 
GLN CB  HB2  sing N N 178 
GLN CB  HB3  sing N N 179 
GLN CG  CD   sing N N 180 
GLN CG  HG2  sing N N 181 
GLN CG  HG3  sing N N 182 
GLN CD  OE1  doub N N 183 
GLN CD  NE2  sing N N 184 
GLN NE2 HE21 sing N N 185 
GLN NE2 HE22 sing N N 186 
GLN OXT HXT  sing N N 187 
GLU N   CA   sing N N 188 
GLU N   H    sing N N 189 
GLU N   H2   sing N N 190 
GLU CA  C    sing N N 191 
GLU CA  CB   sing N N 192 
GLU CA  HA   sing N N 193 
GLU C   O    doub N N 194 
GLU C   OXT  sing N N 195 
GLU CB  CG   sing N N 196 
GLU CB  HB2  sing N N 197 
GLU CB  HB3  sing N N 198 
GLU CG  CD   sing N N 199 
GLU CG  HG2  sing N N 200 
GLU CG  HG3  sing N N 201 
GLU CD  OE1  doub N N 202 
GLU CD  OE2  sing N N 203 
GLU OE2 HE2  sing N N 204 
GLU OXT HXT  sing N N 205 
GLY N   CA   sing N N 206 
GLY N   H    sing N N 207 
GLY N   H2   sing N N 208 
GLY CA  C    sing N N 209 
GLY CA  HA2  sing N N 210 
GLY CA  HA3  sing N N 211 
GLY C   O    doub N N 212 
GLY C   OXT  sing N N 213 
GLY OXT HXT  sing N N 214 
HIS N   CA   sing N N 215 
HIS N   H    sing N N 216 
HIS N   H2   sing N N 217 
HIS CA  C    sing N N 218 
HIS CA  CB   sing N N 219 
HIS CA  HA   sing N N 220 
HIS C   O    doub N N 221 
HIS C   OXT  sing N N 222 
HIS CB  CG   sing N N 223 
HIS CB  HB2  sing N N 224 
HIS CB  HB3  sing N N 225 
HIS CG  ND1  sing Y N 226 
HIS CG  CD2  doub Y N 227 
HIS ND1 CE1  doub Y N 228 
HIS ND1 HD1  sing N N 229 
HIS CD2 NE2  sing Y N 230 
HIS CD2 HD2  sing N N 231 
HIS CE1 NE2  sing Y N 232 
HIS CE1 HE1  sing N N 233 
HIS NE2 HE2  sing N N 234 
HIS OXT HXT  sing N N 235 
HOH O   H1   sing N N 236 
HOH O   H2   sing N N 237 
ILE N   CA   sing N N 238 
ILE N   H    sing N N 239 
ILE N   H2   sing N N 240 
ILE CA  C    sing N N 241 
ILE CA  CB   sing N N 242 
ILE CA  HA   sing N N 243 
ILE C   O    doub N N 244 
ILE C   OXT  sing N N 245 
ILE CB  CG1  sing N N 246 
ILE CB  CG2  sing N N 247 
ILE CB  HB   sing N N 248 
ILE CG1 CD1  sing N N 249 
ILE CG1 HG12 sing N N 250 
ILE CG1 HG13 sing N N 251 
ILE CG2 HG21 sing N N 252 
ILE CG2 HG22 sing N N 253 
ILE CG2 HG23 sing N N 254 
ILE CD1 HD11 sing N N 255 
ILE CD1 HD12 sing N N 256 
ILE CD1 HD13 sing N N 257 
ILE OXT HXT  sing N N 258 
LEU N   CA   sing N N 259 
LEU N   H    sing N N 260 
LEU N   H2   sing N N 261 
LEU CA  C    sing N N 262 
LEU CA  CB   sing N N 263 
LEU CA  HA   sing N N 264 
LEU C   O    doub N N 265 
LEU C   OXT  sing N N 266 
LEU CB  CG   sing N N 267 
LEU CB  HB2  sing N N 268 
LEU CB  HB3  sing N N 269 
LEU CG  CD1  sing N N 270 
LEU CG  CD2  sing N N 271 
LEU CG  HG   sing N N 272 
LEU CD1 HD11 sing N N 273 
LEU CD1 HD12 sing N N 274 
LEU CD1 HD13 sing N N 275 
LEU CD2 HD21 sing N N 276 
LEU CD2 HD22 sing N N 277 
LEU CD2 HD23 sing N N 278 
LEU OXT HXT  sing N N 279 
LYS N   CA   sing N N 280 
LYS N   H    sing N N 281 
LYS N   H2   sing N N 282 
LYS CA  C    sing N N 283 
LYS CA  CB   sing N N 284 
LYS CA  HA   sing N N 285 
LYS C   O    doub N N 286 
LYS C   OXT  sing N N 287 
LYS CB  CG   sing N N 288 
LYS CB  HB2  sing N N 289 
LYS CB  HB3  sing N N 290 
LYS CG  CD   sing N N 291 
LYS CG  HG2  sing N N 292 
LYS CG  HG3  sing N N 293 
LYS CD  CE   sing N N 294 
LYS CD  HD2  sing N N 295 
LYS CD  HD3  sing N N 296 
LYS CE  NZ   sing N N 297 
LYS CE  HE2  sing N N 298 
LYS CE  HE3  sing N N 299 
LYS NZ  HZ1  sing N N 300 
LYS NZ  HZ2  sing N N 301 
LYS NZ  HZ3  sing N N 302 
LYS OXT HXT  sing N N 303 
MSE N   CA   sing N N 304 
MSE N   H    sing N N 305 
MSE N   H2   sing N N 306 
MSE CA  C    sing N N 307 
MSE CA  CB   sing N N 308 
MSE CA  HA   sing N N 309 
MSE C   O    doub N N 310 
MSE C   OXT  sing N N 311 
MSE OXT HXT  sing N N 312 
MSE CB  CG   sing N N 313 
MSE CB  HB2  sing N N 314 
MSE CB  HB3  sing N N 315 
MSE CG  SE   sing N N 316 
MSE CG  HG2  sing N N 317 
MSE CG  HG3  sing N N 318 
MSE SE  CE   sing N N 319 
MSE CE  HE1  sing N N 320 
MSE CE  HE2  sing N N 321 
MSE CE  HE3  sing N N 322 
PHE N   CA   sing N N 323 
PHE N   H    sing N N 324 
PHE N   H2   sing N N 325 
PHE CA  C    sing N N 326 
PHE CA  CB   sing N N 327 
PHE CA  HA   sing N N 328 
PHE C   O    doub N N 329 
PHE C   OXT  sing N N 330 
PHE CB  CG   sing N N 331 
PHE CB  HB2  sing N N 332 
PHE CB  HB3  sing N N 333 
PHE CG  CD1  doub Y N 334 
PHE CG  CD2  sing Y N 335 
PHE CD1 CE1  sing Y N 336 
PHE CD1 HD1  sing N N 337 
PHE CD2 CE2  doub Y N 338 
PHE CD2 HD2  sing N N 339 
PHE CE1 CZ   doub Y N 340 
PHE CE1 HE1  sing N N 341 
PHE CE2 CZ   sing Y N 342 
PHE CE2 HE2  sing N N 343 
PHE CZ  HZ   sing N N 344 
PHE OXT HXT  sing N N 345 
PRO N   CA   sing N N 346 
PRO N   CD   sing N N 347 
PRO N   H    sing N N 348 
PRO CA  C    sing N N 349 
PRO CA  CB   sing N N 350 
PRO CA  HA   sing N N 351 
PRO C   O    doub N N 352 
PRO C   OXT  sing N N 353 
PRO CB  CG   sing N N 354 
PRO CB  HB2  sing N N 355 
PRO CB  HB3  sing N N 356 
PRO CG  CD   sing N N 357 
PRO CG  HG2  sing N N 358 
PRO CG  HG3  sing N N 359 
PRO CD  HD2  sing N N 360 
PRO CD  HD3  sing N N 361 
PRO OXT HXT  sing N N 362 
SER N   CA   sing N N 363 
SER N   H    sing N N 364 
SER N   H2   sing N N 365 
SER CA  C    sing N N 366 
SER CA  CB   sing N N 367 
SER CA  HA   sing N N 368 
SER C   O    doub N N 369 
SER C   OXT  sing N N 370 
SER CB  OG   sing N N 371 
SER CB  HB2  sing N N 372 
SER CB  HB3  sing N N 373 
SER OG  HG   sing N N 374 
SER OXT HXT  sing N N 375 
THR N   CA   sing N N 376 
THR N   H    sing N N 377 
THR N   H2   sing N N 378 
THR CA  C    sing N N 379 
THR CA  CB   sing N N 380 
THR CA  HA   sing N N 381 
THR C   O    doub N N 382 
THR C   OXT  sing N N 383 
THR CB  OG1  sing N N 384 
THR CB  CG2  sing N N 385 
THR CB  HB   sing N N 386 
THR OG1 HG1  sing N N 387 
THR CG2 HG21 sing N N 388 
THR CG2 HG22 sing N N 389 
THR CG2 HG23 sing N N 390 
THR OXT HXT  sing N N 391 
TRP N   CA   sing N N 392 
TRP N   H    sing N N 393 
TRP N   H2   sing N N 394 
TRP CA  C    sing N N 395 
TRP CA  CB   sing N N 396 
TRP CA  HA   sing N N 397 
TRP C   O    doub N N 398 
TRP C   OXT  sing N N 399 
TRP CB  CG   sing N N 400 
TRP CB  HB2  sing N N 401 
TRP CB  HB3  sing N N 402 
TRP CG  CD1  doub Y N 403 
TRP CG  CD2  sing Y N 404 
TRP CD1 NE1  sing Y N 405 
TRP CD1 HD1  sing N N 406 
TRP CD2 CE2  doub Y N 407 
TRP CD2 CE3  sing Y N 408 
TRP NE1 CE2  sing Y N 409 
TRP NE1 HE1  sing N N 410 
TRP CE2 CZ2  sing Y N 411 
TRP CE3 CZ3  doub Y N 412 
TRP CE3 HE3  sing N N 413 
TRP CZ2 CH2  doub Y N 414 
TRP CZ2 HZ2  sing N N 415 
TRP CZ3 CH2  sing Y N 416 
TRP CZ3 HZ3  sing N N 417 
TRP CH2 HH2  sing N N 418 
TRP OXT HXT  sing N N 419 
TYR N   CA   sing N N 420 
TYR N   H    sing N N 421 
TYR N   H2   sing N N 422 
TYR CA  C    sing N N 423 
TYR CA  CB   sing N N 424 
TYR CA  HA   sing N N 425 
TYR C   O    doub N N 426 
TYR C   OXT  sing N N 427 
TYR CB  CG   sing N N 428 
TYR CB  HB2  sing N N 429 
TYR CB  HB3  sing N N 430 
TYR CG  CD1  doub Y N 431 
TYR CG  CD2  sing Y N 432 
TYR CD1 CE1  sing Y N 433 
TYR CD1 HD1  sing N N 434 
TYR CD2 CE2  doub Y N 435 
TYR CD2 HD2  sing N N 436 
TYR CE1 CZ   doub Y N 437 
TYR CE1 HE1  sing N N 438 
TYR CE2 CZ   sing Y N 439 
TYR CE2 HE2  sing N N 440 
TYR CZ  OH   sing N N 441 
TYR OH  HH   sing N N 442 
TYR OXT HXT  sing N N 443 
VAL N   CA   sing N N 444 
VAL N   H    sing N N 445 
VAL N   H2   sing N N 446 
VAL CA  C    sing N N 447 
VAL CA  CB   sing N N 448 
VAL CA  HA   sing N N 449 
VAL C   O    doub N N 450 
VAL C   OXT  sing N N 451 
VAL CB  CG1  sing N N 452 
VAL CB  CG2  sing N N 453 
VAL CB  HB   sing N N 454 
VAL CG1 HG11 sing N N 455 
VAL CG1 HG12 sing N N 456 
VAL CG1 HG13 sing N N 457 
VAL CG2 HG21 sing N N 458 
VAL CG2 HG22 sing N N 459 
VAL CG2 HG23 sing N N 460 
VAL OXT HXT  sing N N 461 
# 
_atom_sites.entry_id                    2B58 
_atom_sites.fract_transf_matrix[1][1]   -0.00813609 
_atom_sites.fract_transf_matrix[1][2]   0.00339093 
_atom_sites.fract_transf_matrix[1][3]   -0.01598792 
_atom_sites.fract_transf_matrix[2][1]   0.00154255 
_atom_sites.fract_transf_matrix[2][2]   -0.01192460 
_atom_sites.fract_transf_matrix[2][3]   -0.01373703 
_atom_sites.fract_transf_matrix[3][1]   -0.01013044 
_atom_sites.fract_transf_matrix[3][2]   -0.00582587 
_atom_sites.fract_transf_matrix[3][3]   0.00391965 
_atom_sites.fract_transf_vector[1]      0.712256 
_atom_sites.fract_transf_vector[2]      1.099818 
_atom_sites.fract_transf_vector[3]      0.673943 
# 
loop_
_atom_type.symbol 
C  
N  
O  
P  
S  
SE 
# 
loop_
_atom_site.group_PDB 
_atom_site.id 
_atom_site.type_symbol 
_atom_site.label_atom_id 
_atom_site.label_alt_id 
_atom_site.label_comp_id 
_atom_site.label_asym_id 
_atom_site.label_entity_id 
_atom_site.label_seq_id 
_atom_site.pdbx_PDB_ins_code 
_atom_site.Cartn_x 
_atom_site.Cartn_y 
_atom_site.Cartn_z 
_atom_site.occupancy 
_atom_site.B_iso_or_equiv 
_atom_site.pdbx_formal_charge 
_atom_site.auth_seq_id 
_atom_site.auth_comp_id 
_atom_site.auth_asym_id 
_atom_site.auth_atom_id 
_atom_site.pdbx_PDB_model_num 
ATOM   1    N  N   . PHE A 1 4   ? -15.880 8.315   -9.223  1.00 16.30 ? 4   PHE A N   1 
ATOM   2    C  CA  . PHE A 1 4   ? -15.225 7.092   -8.654  1.00 15.12 ? 4   PHE A CA  1 
ATOM   3    C  C   . PHE A 1 4   ? -15.598 6.884   -7.193  1.00 16.29 ? 4   PHE A C   1 
ATOM   4    O  O   . PHE A 1 4   ? -16.076 7.799   -6.512  1.00 16.01 ? 4   PHE A O   1 
ATOM   5    C  CB  . PHE A 1 4   ? -13.696 7.188   -8.818  1.00 15.06 ? 4   PHE A CB  1 
ATOM   6    C  CG  . PHE A 1 4   ? -13.075 8.396   -8.123  1.00 17.53 ? 4   PHE A CG  1 
ATOM   7    C  CD1 . PHE A 1 4   ? -12.552 8.294   -6.832  1.00 17.97 ? 4   PHE A CD1 1 
ATOM   8    C  CD2 . PHE A 1 4   ? -13.003 9.622   -8.763  1.00 17.89 ? 4   PHE A CD2 1 
ATOM   9    C  CE1 . PHE A 1 4   ? -11.969 9.402   -6.203  1.00 15.01 ? 4   PHE A CE1 1 
ATOM   10   C  CE2 . PHE A 1 4   ? -12.417 10.743  -8.136  1.00 16.90 ? 4   PHE A CE2 1 
ATOM   11   C  CZ  . PHE A 1 4   ? -11.903 10.626  -6.858  1.00 17.44 ? 4   PHE A CZ  1 
ATOM   12   N  N   . VAL A 1 5   ? -15.394 5.660   -6.722  1.00 15.78 ? 5   VAL A N   1 
ATOM   13   C  CA  . VAL A 1 5   ? -15.689 5.296   -5.348  1.00 17.15 ? 5   VAL A CA  1 
ATOM   14   C  C   . VAL A 1 5   ? -14.416 4.749   -4.713  1.00 14.67 ? 5   VAL A C   1 
ATOM   15   O  O   . VAL A 1 5   ? -13.701 3.990   -5.355  1.00 16.30 ? 5   VAL A O   1 
ATOM   16   C  CB  . VAL A 1 5   ? -16.783 4.196   -5.290  1.00 18.04 ? 5   VAL A CB  1 
ATOM   17   C  CG1 . VAL A 1 5   ? -16.755 3.500   -3.948  1.00 19.26 ? 5   VAL A CG1 1 
ATOM   18   C  CG2 . VAL A 1 5   ? -18.182 4.821   -5.536  1.00 21.00 ? 5   VAL A CG2 1 
ATOM   19   N  N   . ILE A 1 6   ? -14.104 5.177   -3.488  1.00 12.67 ? 6   ILE A N   1 
ATOM   20   C  CA  . ILE A 1 6   ? -12.938 4.630   -2.771  1.00 13.37 ? 6   ILE A CA  1 
ATOM   21   C  C   . ILE A 1 6   ? -13.591 3.756   -1.711  1.00 13.22 ? 6   ILE A C   1 
ATOM   22   O  O   . ILE A 1 6   ? -14.463 4.239   -0.984  1.00 13.48 ? 6   ILE A O   1 
ATOM   23   C  CB  . ILE A 1 6   ? -12.085 5.717   -2.052  1.00 11.46 ? 6   ILE A CB  1 
ATOM   24   C  CG1 . ILE A 1 6   ? -11.436 6.653   -3.076  1.00 14.12 ? 6   ILE A CG1 1 
ATOM   25   C  CG2 . ILE A 1 6   ? -10.963 5.050   -1.204  1.00 13.94 ? 6   ILE A CG2 1 
ATOM   26   C  CD1 . ILE A 1 6   ? -10.887 5.959   -4.306  1.00 12.49 ? 6   ILE A CD1 1 
ATOM   27   N  N   . ARG A 1 7   ? -13.202 2.484   -1.630  1.00 13.30 ? 7   ARG A N   1 
ATOM   28   C  CA  . ARG A 1 7   ? -13.817 1.591   -0.655  1.00 15.11 ? 7   ARG A CA  1 
ATOM   29   C  C   . ARG A 1 7   ? -12.848 0.509   -0.223  1.00 14.37 ? 7   ARG A C   1 
ATOM   30   O  O   . ARG A 1 7   ? -11.849 0.260   -0.884  1.00 12.90 ? 7   ARG A O   1 
ATOM   31   C  CB  . ARG A 1 7   ? -15.049 0.880   -1.260  1.00 14.47 ? 7   ARG A CB  1 
ATOM   32   C  CG  . ARG A 1 7   ? -14.660 -0.077  -2.427  1.00 14.00 ? 7   ARG A CG  1 
ATOM   33   C  CD  . ARG A 1 7   ? -15.830 -0.894  -2.994  1.00 13.69 ? 7   ARG A CD  1 
ATOM   34   N  NE  . ARG A 1 7   ? -15.470 -1.576  -4.241  1.00 14.38 ? 7   ARG A NE  1 
ATOM   35   C  CZ  . ARG A 1 7   ? -14.773 -2.715  -4.329  1.00 15.51 ? 7   ARG A CZ  1 
ATOM   36   N  NH1 . ARG A 1 7   ? -14.341 -3.355  -3.240  1.00 14.01 ? 7   ARG A NH1 1 
ATOM   37   N  NH2 . ARG A 1 7   ? -14.484 -3.218  -5.516  1.00 15.10 ? 7   ARG A NH2 1 
ATOM   38   N  N   . PRO A 1 8   ? -13.139 -0.132  0.916   1.00 15.31 ? 8   PRO A N   1 
ATOM   39   C  CA  . PRO A 1 8   ? -12.273 -1.207  1.388   1.00 14.62 ? 8   PRO A CA  1 
ATOM   40   C  C   . PRO A 1 8   ? -12.409 -2.312  0.350   1.00 14.36 ? 8   PRO A C   1 
ATOM   41   O  O   . PRO A 1 8   ? -13.481 -2.481  -0.260  1.00 12.62 ? 8   PRO A O   1 
ATOM   42   C  CB  . PRO A 1 8   ? -12.910 -1.627  2.709   1.00 17.12 ? 8   PRO A CB  1 
ATOM   43   C  CG  . PRO A 1 8   ? -13.609 -0.377  3.183   1.00 18.10 ? 8   PRO A CG  1 
ATOM   44   C  CD  . PRO A 1 8   ? -14.196 0.179   1.898   1.00 16.05 ? 8   PRO A CD  1 
ATOM   45   N  N   . ALA A 1 9   ? -11.322 -3.045  0.130   1.00 12.49 ? 9   ALA A N   1 
ATOM   46   C  CA  . ALA A 1 9   ? -11.340 -4.171  -0.780  1.00 15.31 ? 9   ALA A CA  1 
ATOM   47   C  C   . ALA A 1 9   ? -12.141 -5.304  -0.137  1.00 15.29 ? 9   ALA A C   1 
ATOM   48   O  O   . ALA A 1 9   ? -12.399 -5.292  1.058   1.00 15.51 ? 9   ALA A O   1 
ATOM   49   C  CB  . ALA A 1 9   ? -9.898  -4.644  -1.070  1.00 14.60 ? 9   ALA A CB  1 
ATOM   50   N  N   . THR A 1 10  ? -12.532 -6.283  -0.948  1.00 16.45 ? 10  THR A N   1 
ATOM   51   C  CA  . THR A 1 10  ? -13.264 -7.470  -0.493  1.00 16.09 ? 10  THR A CA  1 
ATOM   52   C  C   . THR A 1 10  ? -12.456 -8.627  -1.071  1.00 14.93 ? 10  THR A C   1 
ATOM   53   O  O   . THR A 1 10  ? -11.623 -8.413  -1.955  1.00 13.83 ? 10  THR A O   1 
ATOM   54   C  CB  . THR A 1 10  ? -14.685 -7.579  -1.117  1.00 16.67 ? 10  THR A CB  1 
ATOM   55   O  OG1 . THR A 1 10  ? -14.557 -7.752  -2.524  1.00 15.23 ? 10  THR A OG1 1 
ATOM   56   C  CG2 . THR A 1 10  ? -15.536 -6.314  -0.828  1.00 18.83 ? 10  THR A CG2 1 
ATOM   57   N  N   . ALA A 1 11  ? -12.725 -9.847  -0.621  1.00 14.53 ? 11  ALA A N   1 
ATOM   58   C  CA  . ALA A 1 11  ? -12.013 -11.002 -1.127  1.00 14.74 ? 11  ALA A CA  1 
ATOM   59   C  C   . ALA A 1 11  ? -12.115 -11.076 -2.655  1.00 16.02 ? 11  ALA A C   1 
ATOM   60   O  O   . ALA A 1 11  ? -11.190 -11.531 -3.310  1.00 15.87 ? 11  ALA A O   1 
ATOM   61   C  CB  . ALA A 1 11  ? -12.563 -12.313 -0.481  1.00 15.92 ? 11  ALA A CB  1 
ATOM   62   N  N   . ALA A 1 12  ? -13.221 -10.593 -3.224  1.00 15.11 ? 12  ALA A N   1 
ATOM   63   C  CA  . ALA A 1 12  ? -13.397 -10.655 -4.674  1.00 17.66 ? 12  ALA A CA  1 
ATOM   64   C  C   . ALA A 1 12  ? -12.458 -9.740  -5.449  1.00 17.00 ? 12  ALA A C   1 
ATOM   65   O  O   . ALA A 1 12  ? -12.291 -9.905  -6.653  1.00 18.29 ? 12  ALA A O   1 
ATOM   66   C  CB  . ALA A 1 12  ? -14.856 -10.340 -5.033  1.00 19.41 ? 12  ALA A CB  1 
ATOM   67   N  N   . ASP A 1 13  ? -11.834 -8.785  -4.763  1.00 16.90 ? 13  ASP A N   1 
ATOM   68   C  CA  . ASP A 1 13  ? -10.917 -7.852  -5.425  1.00 15.94 ? 13  ASP A CA  1 
ATOM   69   C  C   . ASP A 1 13  ? -9.467  -8.350  -5.505  1.00 15.24 ? 13  ASP A C   1 
ATOM   70   O  O   . ASP A 1 13  ? -8.621  -7.664  -6.067  1.00 14.09 ? 13  ASP A O   1 
ATOM   71   C  CB  . ASP A 1 13  ? -10.857 -6.507  -4.693  1.00 16.86 ? 13  ASP A CB  1 
ATOM   72   C  CG  . ASP A 1 13  ? -12.210 -5.863  -4.501  1.00 17.76 ? 13  ASP A CG  1 
ATOM   73   O  OD1 . ASP A 1 13  ? -13.017 -5.844  -5.441  1.00 21.37 ? 13  ASP A OD1 1 
ATOM   74   O  OD2 . ASP A 1 13  ? -12.453 -5.344  -3.394  1.00 18.13 ? 13  ASP A OD2 1 
ATOM   75   N  N   . CYS A 1 14  ? -9.169  -9.507  -4.921  1.00 15.66 ? 14  CYS A N   1 
ATOM   76   C  CA  . CYS A 1 14  ? -7.785  -10.000 -4.913  1.00 15.48 ? 14  CYS A CA  1 
ATOM   77   C  C   . CYS A 1 14  ? -7.116  -10.046 -6.268  1.00 15.21 ? 14  CYS A C   1 
ATOM   78   O  O   . CYS A 1 14  ? -5.912  -9.763  -6.390  1.00 12.92 ? 14  CYS A O   1 
ATOM   79   C  CB  . CYS A 1 14  ? -7.696  -11.377 -4.259  1.00 16.36 ? 14  CYS A CB  1 
ATOM   80   S  SG  . CYS A 1 14  ? -7.891  -11.344 -2.465  1.00 18.71 ? 14  CYS A SG  1 
ATOM   81   N  N   . SER A 1 15  ? -7.889  -10.436 -7.285  1.00 15.88 ? 15  SER A N   1 
ATOM   82   C  CA  . SER A 1 15  ? -7.380  -10.508 -8.650  1.00 15.65 ? 15  SER A CA  1 
ATOM   83   C  C   . SER A 1 15  ? -6.901  -9.106  -9.041  1.00 13.75 ? 15  SER A C   1 
ATOM   84   O  O   . SER A 1 15  ? -5.785  -8.915  -9.554  1.00 10.65 ? 15  SER A O   1 
ATOM   85   C  CB  . SER A 1 15  ? -8.519  -10.970 -9.590  1.00 19.97 ? 15  SER A CB  1 
ATOM   86   O  OG  . SER A 1 15  ? -8.054  -11.167 -10.915 1.00 25.10 ? 15  SER A OG  1 
ATOM   87   N  N   . ASP A 1 16  ? -7.737  -8.110  -8.783  1.00 13.42 ? 16  ASP A N   1 
ATOM   88   C  CA  . ASP A 1 16  ? -7.343  -6.746  -9.102  1.00 13.33 ? 16  ASP A CA  1 
ATOM   89   C  C   . ASP A 1 16  ? -6.185  -6.233  -8.256  1.00 13.07 ? 16  ASP A C   1 
ATOM   90   O  O   . ASP A 1 16  ? -5.366  -5.446  -8.732  1.00 13.27 ? 16  ASP A O   1 
ATOM   91   C  CB  . ASP A 1 16  ? -8.531  -5.791  -8.961  1.00 14.94 ? 16  ASP A CB  1 
ATOM   92   C  CG  . ASP A 1 16  ? -9.676  -6.139  -9.918  1.00 17.14 ? 16  ASP A CG  1 
ATOM   93   O  OD1 . ASP A 1 16  ? -10.644 -6.788  -9.485  1.00 21.30 ? 16  ASP A OD1 1 
ATOM   94   O  OD2 . ASP A 1 16  ? -9.587  -5.772  -11.095 1.00 19.20 ? 16  ASP A OD2 1 
ATOM   95   N  N   . ILE A 1 17  ? -6.109  -6.654  -6.999  1.00 12.10 ? 17  ILE A N   1 
ATOM   96   C  CA  . ILE A 1 17  ? -5.017  -6.168  -6.162  1.00 11.60 ? 17  ILE A CA  1 
ATOM   97   C  C   . ILE A 1 17  ? -3.684  -6.681  -6.678  1.00 10.97 ? 17  ILE A C   1 
ATOM   98   O  O   . ILE A 1 17  ? -2.697  -5.948  -6.724  1.00 10.87 ? 17  ILE A O   1 
ATOM   99   C  CB  . ILE A 1 17  ? -5.207  -6.592  -4.698  1.00 11.92 ? 17  ILE A CB  1 
ATOM   100  C  CG1 . ILE A 1 17  ? -6.391  -5.833  -4.085  1.00 12.70 ? 17  ILE A CG1 1 
ATOM   101  C  CG2 . ILE A 1 17  ? -3.925  -6.312  -3.906  1.00 11.35 ? 17  ILE A CG2 1 
ATOM   102  C  CD1 . ILE A 1 17  ? -6.890  -6.498  -2.780  1.00 15.21 ? 17  ILE A CD1 1 
ATOM   103  N  N   . LEU A 1 18  ? -3.644  -7.950  -7.062  1.00 12.34 ? 18  LEU A N   1 
ATOM   104  C  CA  . LEU A 1 18  ? -2.414  -8.500  -7.593  1.00 12.81 ? 18  LEU A CA  1 
ATOM   105  C  C   . LEU A 1 18  ? -2.078  -7.835  -8.945  1.00 12.83 ? 18  LEU A C   1 
ATOM   106  O  O   . LEU A 1 18  ? -0.908  -7.580  -9.263  1.00 11.22 ? 18  LEU A O   1 
ATOM   107  C  CB  . LEU A 1 18  ? -2.538  -10.021 -7.767  1.00 12.63 ? 18  LEU A CB  1 
ATOM   108  C  CG  . LEU A 1 18  ? -1.239  -10.637 -8.300  1.00 17.18 ? 18  LEU A CG  1 
ATOM   109  C  CD1 . LEU A 1 18  ? -0.146  -10.492 -7.259  1.00 16.24 ? 18  LEU A CD1 1 
ATOM   110  C  CD2 . LEU A 1 18  ? -1.469  -12.104 -8.654  1.00 16.55 ? 18  LEU A CD2 1 
ATOM   111  N  N   . ARG A 1 19  ? -3.097  -7.573  -9.749  1.00 12.81 ? 19  ARG A N   1 
ATOM   112  C  CA  . ARG A 1 19  ? -2.836  -6.925  -11.025 1.00 12.93 ? 19  ARG A CA  1 
ATOM   113  C  C   . ARG A 1 19  ? -2.199  -5.546  -10.784 1.00 11.54 ? 19  ARG A C   1 
ATOM   114  O  O   . ARG A 1 19  ? -1.224  -5.202  -11.443 1.00 11.42 ? 19  ARG A O   1 
ATOM   115  C  CB  . ARG A 1 19  ? -4.129  -6.763  -11.820 1.00 12.21 ? 19  ARG A CB  1 
ATOM   116  C  CG  . ARG A 1 19  ? -3.952  -6.014  -13.173 1.00 13.19 ? 19  ARG A CG  1 
ATOM   117  C  CD  . ARG A 1 19  ? -5.277  -5.941  -13.944 1.00 12.96 ? 19  ARG A CD  1 
ATOM   118  N  NE  . ARG A 1 19  ? -6.336  -5.418  -13.071 1.00 16.05 ? 19  ARG A NE  1 
ATOM   119  C  CZ  . ARG A 1 19  ? -6.565  -4.124  -12.879 1.00 15.46 ? 19  ARG A CZ  1 
ATOM   120  N  NH1 . ARG A 1 19  ? -5.821  -3.223  -13.504 1.00 17.22 ? 19  ARG A NH1 1 
ATOM   121  N  NH2 . ARG A 1 19  ? -7.520  -3.733  -12.055 1.00 15.25 ? 19  ARG A NH2 1 
ATOM   122  N  N   . LEU A 1 20  ? -2.749  -4.785  -9.832  1.00 12.08 ? 20  LEU A N   1 
ATOM   123  C  CA  . LEU A 1 20  ? -2.236  -3.443  -9.529  1.00 13.03 ? 20  LEU A CA  1 
ATOM   124  C  C   . LEU A 1 20  ? -0.840  -3.484  -8.882  1.00 12.32 ? 20  LEU A C   1 
ATOM   125  O  O   . LEU A 1 20  ? 0.009   -2.605  -9.113  1.00 9.77  ? 20  LEU A O   1 
ATOM   126  C  CB  . LEU A 1 20  ? -3.232  -2.707  -8.634  1.00 13.82 ? 20  LEU A CB  1 
ATOM   127  C  CG  . LEU A 1 20  ? -4.102  -1.526  -9.106  1.00 19.79 ? 20  LEU A CG  1 
ATOM   128  C  CD1 . LEU A 1 20  ? -4.101  -1.285  -10.603 1.00 18.05 ? 20  LEU A CD1 1 
ATOM   129  C  CD2 . LEU A 1 20  ? -5.480  -1.770  -8.565  1.00 18.93 ? 20  LEU A CD2 1 
ATOM   130  N  N   . ILE A 1 21  ? -0.614  -4.495  -8.046  1.00 12.20 ? 21  ILE A N   1 
ATOM   131  C  CA  . ILE A 1 21  ? 0.690   -4.684  -7.426  1.00 11.63 ? 21  ILE A CA  1 
ATOM   132  C  C   . ILE A 1 21  ? 1.740   -4.885  -8.511  1.00 10.26 ? 21  ILE A C   1 
ATOM   133  O  O   . ILE A 1 21  ? 2.857   -4.359  -8.416  1.00 11.70 ? 21  ILE A O   1 
ATOM   134  C  CB  . ILE A 1 21  ? 0.704   -5.920  -6.506  1.00 9.45  ? 21  ILE A CB  1 
ATOM   135  C  CG1 . ILE A 1 21  ? 0.023   -5.576  -5.198  1.00 11.75 ? 21  ILE A CG1 1 
ATOM   136  C  CG2 . ILE A 1 21  ? 2.123   -6.388  -6.289  1.00 11.26 ? 21  ILE A CG2 1 
ATOM   137  C  CD1 . ILE A 1 21  ? -0.070  -6.743  -4.207  1.00 11.08 ? 21  ILE A CD1 1 
ATOM   138  N  N   . LYS A 1 22  ? 1.394   -5.670  -9.515  1.00 9.84  ? 22  LYS A N   1 
ATOM   139  C  CA  . LYS A 1 22  ? 2.288   -5.914  -10.637 1.00 11.68 ? 22  LYS A CA  1 
ATOM   140  C  C   . LYS A 1 22  ? 2.499   -4.696  -11.539 1.00 12.06 ? 22  LYS A C   1 
ATOM   141  O  O   . LYS A 1 22  ? 3.592   -4.504  -12.039 1.00 12.99 ? 22  LYS A O   1 
ATOM   142  C  CB  . LYS A 1 22  ? 1.784   -7.109  -11.445 1.00 12.54 ? 22  LYS A CB  1 
ATOM   143  C  CG  . LYS A 1 22  ? 2.083   -8.395  -10.705 1.00 14.56 ? 22  LYS A CG  1 
ATOM   144  C  CD  . LYS A 1 22  ? 1.658   -9.659  -11.435 1.00 20.23 ? 22  LYS A CD  1 
ATOM   145  C  CE  . LYS A 1 22  ? 2.200   -10.854 -10.640 1.00 21.96 ? 22  LYS A CE  1 
ATOM   146  N  NZ  . LYS A 1 22  ? 1.894   -12.201 -11.184 1.00 25.06 ? 22  LYS A NZ  1 
ATOM   147  N  N   . GLU A 1 23  ? 1.466   -3.874  -11.738 1.00 12.21 ? 23  GLU A N   1 
ATOM   148  C  CA  . GLU A 1 23  ? 1.590   -2.649  -12.549 1.00 12.53 ? 23  GLU A CA  1 
ATOM   149  C  C   . GLU A 1 23  ? 2.558   -1.689  -11.823 1.00 12.18 ? 23  GLU A C   1 
ATOM   150  O  O   . GLU A 1 23  ? 3.430   -1.074  -12.445 1.00 12.74 ? 23  GLU A O   1 
ATOM   151  C  CB  . GLU A 1 23  ? 0.213   -1.997  -12.758 1.00 14.70 ? 23  GLU A CB  1 
ATOM   152  C  CG  . GLU A 1 23  ? -0.732  -2.861  -13.599 1.00 21.53 ? 23  GLU A CG  1 
ATOM   153  C  CD  . GLU A 1 23  ? -1.838  -2.071  -14.300 1.00 25.89 ? 23  GLU A CD  1 
ATOM   154  O  OE1 . GLU A 1 23  ? -2.022  -0.872  -13.983 1.00 29.81 ? 23  GLU A OE1 1 
ATOM   155  O  OE2 . GLU A 1 23  ? -2.533  -2.658  -15.177 1.00 29.14 ? 23  GLU A OE2 1 
ATOM   156  N  N   . LEU A 1 24  ? 2.421   -1.573  -10.506 1.00 10.66 ? 24  LEU A N   1 
ATOM   157  C  CA  . LEU A 1 24  ? 3.339   -0.739  -9.739  1.00 10.53 ? 24  LEU A CA  1 
ATOM   158  C  C   . LEU A 1 24  ? 4.767   -1.284  -9.845  1.00 12.16 ? 24  LEU A C   1 
ATOM   159  O  O   . LEU A 1 24  ? 5.717   -0.506  -9.982  1.00 10.75 ? 24  LEU A O   1 
ATOM   160  C  CB  . LEU A 1 24  ? 2.923   -0.716  -8.277  1.00 11.44 ? 24  LEU A CB  1 
ATOM   161  C  CG  . LEU A 1 24  ? 3.815   0.002   -7.259  1.00 11.50 ? 24  LEU A CG  1 
ATOM   162  C  CD1 . LEU A 1 24  ? 4.134   1.442   -7.690  1.00 10.31 ? 24  LEU A CD1 1 
ATOM   163  C  CD2 . LEU A 1 24  ? 3.073   -0.008  -5.936  1.00 14.92 ? 24  LEU A CD2 1 
ATOM   164  N  N   . ALA A 1 25  ? 4.927   -2.615  -9.738  1.00 13.25 ? 25  ALA A N   1 
ATOM   165  C  CA  . ALA A 1 25  ? 6.249   -3.217  -9.815  1.00 13.50 ? 25  ALA A CA  1 
ATOM   166  C  C   . ALA A 1 25  ? 6.862   -2.957  -11.180 1.00 15.13 ? 25  ALA A C   1 
ATOM   167  O  O   . ALA A 1 25  ? 8.079   -2.738  -11.300 1.00 14.12 ? 25  ALA A O   1 
ATOM   168  C  CB  . ALA A 1 25  ? 6.175   -4.744  -9.538  1.00 14.43 ? 25  ALA A CB  1 
ATOM   169  N  N   . ARG A 1 26  ? 6.010   -2.970  -12.206 1.00 15.24 ? 26  ARG A N   1 
ATOM   170  C  CA  . ARG A 1 26  ? 6.423   -2.727  -13.582 1.00 16.59 ? 26  ARG A CA  1 
ATOM   171  C  C   . ARG A 1 26  ? 6.810   -1.251  -13.758 1.00 17.01 ? 26  ARG A C   1 
ATOM   172  O  O   . ARG A 1 26  ? 7.791   -0.936  -14.443 1.00 15.50 ? 26  ARG A O   1 
ATOM   173  C  CB  . ARG A 1 26  ? 5.282   -3.136  -14.534 1.00 21.01 ? 26  ARG A CB  1 
ATOM   174  C  CG  . ARG A 1 26  ? 5.463   -2.769  -15.996 1.00 25.74 ? 26  ARG A CG  1 
ATOM   175  C  CD  . ARG A 1 26  ? 4.360   -3.396  -16.906 1.00 31.82 ? 26  ARG A CD  1 
ATOM   176  N  NE  . ARG A 1 26  ? 4.842   -3.448  -18.289 1.00 37.25 ? 26  ARG A NE  1 
ATOM   177  C  CZ  . ARG A 1 26  ? 4.131   -3.818  -19.358 1.00 40.26 ? 26  ARG A CZ  1 
ATOM   178  N  NH1 . ARG A 1 26  ? 2.858   -4.192  -19.248 1.00 41.23 ? 26  ARG A NH1 1 
ATOM   179  N  NH2 . ARG A 1 26  ? 4.706   -3.804  -20.557 1.00 41.43 ? 26  ARG A NH2 1 
ATOM   180  N  N   . TYR A 1 27  ? 6.047   -0.356  -13.124 1.00 15.73 ? 27  TYR A N   1 
ATOM   181  C  CA  . TYR A 1 27  ? 6.335   1.091   -13.158 1.00 16.84 ? 27  TYR A CA  1 
ATOM   182  C  C   . TYR A 1 27  ? 7.741   1.279   -12.560 1.00 17.46 ? 27  TYR A C   1 
ATOM   183  O  O   . TYR A 1 27  ? 8.503   2.167   -12.957 1.00 16.35 ? 27  TYR A O   1 
ATOM   184  C  CB  . TYR A 1 27  ? 5.283   1.854   -12.326 1.00 16.64 ? 27  TYR A CB  1 
ATOM   185  C  CG  . TYR A 1 27  ? 5.531   3.339   -12.144 1.00 13.57 ? 27  TYR A CG  1 
ATOM   186  C  CD1 . TYR A 1 27  ? 6.053   3.850   -10.950 1.00 16.29 ? 27  TYR A CD1 1 
ATOM   187  C  CD2 . TYR A 1 27  ? 5.231   4.239   -13.165 1.00 16.39 ? 27  TYR A CD2 1 
ATOM   188  C  CE1 . TYR A 1 27  ? 6.267   5.248   -10.786 1.00 15.41 ? 27  TYR A CE1 1 
ATOM   189  C  CE2 . TYR A 1 27  ? 5.438   5.590   -13.020 1.00 14.97 ? 27  TYR A CE2 1 
ATOM   190  C  CZ  . TYR A 1 27  ? 5.954   6.091   -11.850 1.00 15.89 ? 27  TYR A CZ  1 
ATOM   191  O  OH  . TYR A 1 27  ? 6.211   7.439   -11.811 1.00 17.62 ? 27  TYR A OH  1 
ATOM   192  N  N   . GLU A 1 28  ? 8.103   0.421   -11.623 1.00 19.55 ? 28  GLU A N   1 
ATOM   193  C  CA  . GLU A 1 28  ? 9.424   0.509   -11.006 1.00 22.65 ? 28  GLU A CA  1 
ATOM   194  C  C   . GLU A 1 28  ? 10.456  -0.440  -11.661 1.00 24.46 ? 28  GLU A C   1 
ATOM   195  O  O   . GLU A 1 28  ? 11.569  -0.609  -11.156 1.00 26.51 ? 28  GLU A O   1 
ATOM   196  C  CB  . GLU A 1 28  ? 9.289   0.236   -9.504  1.00 22.62 ? 28  GLU A CB  1 
ATOM   197  C  CG  . GLU A 1 28  ? 8.303   1.222   -8.835  1.00 25.36 ? 28  GLU A CG  1 
ATOM   198  C  CD  . GLU A 1 28  ? 8.008   0.926   -7.378  1.00 27.47 ? 28  GLU A CD  1 
ATOM   199  O  OE1 . GLU A 1 28  ? 7.887   -0.272  -7.022  1.00 27.20 ? 28  GLU A OE1 1 
ATOM   200  O  OE2 . GLU A 1 28  ? 7.869   1.893   -6.584  1.00 27.52 ? 28  GLU A OE2 1 
ATOM   201  N  N   . TYR A 1 29  ? 10.089  -1.027  -12.796 1.00 26.32 ? 29  TYR A N   1 
ATOM   202  C  CA  . TYR A 1 29  ? 10.942  -1.959  -13.531 1.00 28.01 ? 29  TYR A CA  1 
ATOM   203  C  C   . TYR A 1 29  ? 11.429  -3.151  -12.712 1.00 30.18 ? 29  TYR A C   1 
ATOM   204  O  O   . TYR A 1 29  ? 12.598  -3.531  -12.810 1.00 29.57 ? 29  TYR A O   1 
ATOM   205  C  CB  . TYR A 1 29  ? 12.154  -1.229  -14.091 1.00 29.71 ? 29  TYR A CB  1 
ATOM   206  C  CG  . TYR A 1 29  ? 11.804  -0.306  -15.207 1.00 30.05 ? 29  TYR A CG  1 
ATOM   207  C  CD1 . TYR A 1 29  ? 11.690  -0.770  -16.508 1.00 31.23 ? 29  TYR A CD1 1 
ATOM   208  C  CD2 . TYR A 1 29  ? 11.543  1.035   -14.950 1.00 30.00 ? 29  TYR A CD2 1 
ATOM   209  C  CE1 . TYR A 1 29  ? 11.316  0.094   -17.549 1.00 33.18 ? 29  TYR A CE1 1 
ATOM   210  C  CE2 . TYR A 1 29  ? 11.180  1.894   -15.956 1.00 31.37 ? 29  TYR A CE2 1 
ATOM   211  C  CZ  . TYR A 1 29  ? 11.063  1.424   -17.255 1.00 31.87 ? 29  TYR A CZ  1 
ATOM   212  O  OH  . TYR A 1 29  ? 10.665  2.298   -18.232 1.00 33.93 ? 29  TYR A OH  1 
HETATM 213  N  N   . MSE A 1 30  ? 10.535  -3.751  -11.930 1.00 30.52 ? 30  MSE A N   1 
HETATM 214  C  CA  . MSE A 1 30  ? 10.884  -4.896  -11.085 1.00 32.87 ? 30  MSE A CA  1 
HETATM 215  C  C   . MSE A 1 30  ? 9.703   -5.851  -10.963 1.00 29.80 ? 30  MSE A C   1 
HETATM 216  O  O   . MSE A 1 30  ? 9.539   -6.506  -9.939  1.00 28.91 ? 30  MSE A O   1 
HETATM 217  C  CB  . MSE A 1 30  ? 11.262  -4.417  -9.684  1.00 37.17 ? 30  MSE A CB  1 
HETATM 218  C  CG  . MSE A 1 30  ? 12.450  -3.485  -9.646  1.00 45.29 ? 30  MSE A CG  1 
HETATM 219  SE SE  . MSE A 1 30  ? 12.899  -2.946  -7.842  1.00 57.34 ? 30  MSE A SE  1 
HETATM 220  C  CE  . MSE A 1 30  ? 14.738  -3.570  -7.790  1.00 53.70 ? 30  MSE A CE  1 
ATOM   221  N  N   . GLU A 1 31  ? 8.904   -5.951  -12.016 1.00 29.13 ? 31  GLU A N   1 
ATOM   222  C  CA  . GLU A 1 31  ? 7.722   -6.796  -11.972 1.00 29.49 ? 31  GLU A CA  1 
ATOM   223  C  C   . GLU A 1 31  ? 7.981   -8.255  -11.628 1.00 28.31 ? 31  GLU A C   1 
ATOM   224  O  O   . GLU A 1 31  ? 7.122   -8.900  -11.043 1.00 27.74 ? 31  GLU A O   1 
ATOM   225  C  CB  . GLU A 1 31  ? 6.957   -6.733  -13.299 1.00 30.38 ? 31  GLU A CB  1 
ATOM   226  C  CG  . GLU A 1 31  ? 5.449   -6.905  -13.117 1.00 33.35 ? 31  GLU A CG  1 
ATOM   227  C  CD  . GLU A 1 31  ? 4.733   -7.344  -14.379 1.00 36.97 ? 31  GLU A CD  1 
ATOM   228  O  OE1 . GLU A 1 31  ? 5.051   -6.815  -15.474 1.00 39.15 ? 31  GLU A OE1 1 
ATOM   229  O  OE2 . GLU A 1 31  ? 3.840   -8.216  -14.273 1.00 38.54 ? 31  GLU A OE2 1 
ATOM   230  N  N   . GLU A 1 32  ? 9.148   -8.776  -12.001 1.00 28.10 ? 32  GLU A N   1 
ATOM   231  C  CA  . GLU A 1 32  ? 9.474   -10.181 -11.738 1.00 28.88 ? 32  GLU A CA  1 
ATOM   232  C  C   . GLU A 1 32  ? 9.704   -10.442 -10.255 1.00 28.54 ? 32  GLU A C   1 
ATOM   233  O  O   . GLU A 1 32  ? 9.776   -11.586 -9.807  1.00 28.71 ? 32  GLU A O   1 
ATOM   234  C  CB  . GLU A 1 32  ? 10.708  -10.605 -12.552 1.00 28.60 ? 32  GLU A CB  1 
ATOM   235  C  CG  . GLU A 1 32  ? 12.040  -9.964  -12.156 1.00 30.47 ? 32  GLU A CG  1 
ATOM   236  C  CD  . GLU A 1 32  ? 12.160  -8.490  -12.551 1.00 32.99 ? 32  GLU A CD  1 
ATOM   237  O  OE1 . GLU A 1 32  ? 11.430  -8.039  -13.469 1.00 31.79 ? 32  GLU A OE1 1 
ATOM   238  O  OE2 . GLU A 1 32  ? 13.004  -7.787  -11.943 1.00 32.64 ? 32  GLU A OE2 1 
ATOM   239  N  N   . GLN A 1 33  ? 9.813   -9.361  -9.496  1.00 27.57 ? 33  GLN A N   1 
ATOM   240  C  CA  . GLN A 1 33  ? 10.019  -9.439  -8.062  1.00 25.98 ? 33  GLN A CA  1 
ATOM   241  C  C   . GLN A 1 33  ? 8.763   -9.950  -7.377  1.00 24.16 ? 33  GLN A C   1 
ATOM   242  O  O   . GLN A 1 33  ? 8.832   -10.550 -6.305  1.00 23.08 ? 33  GLN A O   1 
ATOM   243  C  CB  . GLN A 1 33  ? 10.337  -8.049  -7.517  1.00 29.44 ? 33  GLN A CB  1 
ATOM   244  C  CG  . GLN A 1 33  ? 11.726  -7.585  -7.828  1.00 32.35 ? 33  GLN A CG  1 
ATOM   245  C  CD  . GLN A 1 33  ? 12.714  -8.270  -6.934  1.00 35.29 ? 33  GLN A CD  1 
ATOM   246  O  OE1 . GLN A 1 33  ? 12.872  -7.894  -5.769  1.00 36.42 ? 33  GLN A OE1 1 
ATOM   247  N  NE2 . GLN A 1 33  ? 13.372  -9.302  -7.457  1.00 35.97 ? 33  GLN A NE2 1 
ATOM   248  N  N   . VAL A 1 34  ? 7.613   -9.700  -7.998  1.00 21.70 ? 34  VAL A N   1 
ATOM   249  C  CA  . VAL A 1 34  ? 6.338   -10.098 -7.406  1.00 21.10 ? 34  VAL A CA  1 
ATOM   250  C  C   . VAL A 1 34  ? 6.093   -11.598 -7.465  1.00 20.71 ? 34  VAL A C   1 
ATOM   251  O  O   . VAL A 1 34  ? 5.773   -12.131 -8.523  1.00 19.88 ? 34  VAL A O   1 
ATOM   252  C  CB  . VAL A 1 34  ? 5.125   -9.364  -8.084  1.00 20.61 ? 34  VAL A CB  1 
ATOM   253  C  CG1 . VAL A 1 34  ? 3.819   -9.928  -7.559  1.00 18.40 ? 34  VAL A CG1 1 
ATOM   254  C  CG2 . VAL A 1 34  ? 5.189   -7.862  -7.801  1.00 19.70 ? 34  VAL A CG2 1 
ATOM   255  N  N   . ILE A 1 35  ? 6.220   -12.278 -6.327  1.00 20.37 ? 35  ILE A N   1 
ATOM   256  C  CA  . ILE A 1 35  ? 5.996   -13.721 -6.323  1.00 20.77 ? 35  ILE A CA  1 
ATOM   257  C  C   . ILE A 1 35  ? 4.755   -14.119 -5.545  1.00 20.18 ? 35  ILE A C   1 
ATOM   258  O  O   . ILE A 1 35  ? 4.430   -15.301 -5.448  1.00 18.61 ? 35  ILE A O   1 
ATOM   259  C  CB  . ILE A 1 35  ? 7.218   -14.490 -5.772  1.00 23.12 ? 35  ILE A CB  1 
ATOM   260  C  CG1 . ILE A 1 35  ? 7.462   -14.110 -4.311  1.00 24.95 ? 35  ILE A CG1 1 
ATOM   261  C  CG2 . ILE A 1 35  ? 8.458   -14.195 -6.627  1.00 21.26 ? 35  ILE A CG2 1 
ATOM   262  C  CD1 . ILE A 1 35  ? 8.516   -14.997 -3.640  1.00 26.32 ? 35  ILE A CD1 1 
ATOM   263  N  N   . LEU A 1 36  ? 4.064   -13.132 -4.986  1.00 18.38 ? 36  LEU A N   1 
ATOM   264  C  CA  . LEU A 1 36  ? 2.833   -13.391 -4.260  1.00 19.96 ? 36  LEU A CA  1 
ATOM   265  C  C   . LEU A 1 36  ? 1.775   -13.795 -5.287  1.00 20.05 ? 36  LEU A C   1 
ATOM   266  O  O   . LEU A 1 36  ? 1.769   -13.277 -6.408  1.00 19.47 ? 36  LEU A O   1 
ATOM   267  C  CB  . LEU A 1 36  ? 2.360   -12.130 -3.517  1.00 19.96 ? 36  LEU A CB  1 
ATOM   268  C  CG  . LEU A 1 36  ? 2.935   -11.883 -2.121  1.00 21.93 ? 36  LEU A CG  1 
ATOM   269  C  CD1 . LEU A 1 36  ? 2.413   -10.583 -1.543  1.00 22.65 ? 36  LEU A CD1 1 
ATOM   270  C  CD2 . LEU A 1 36  ? 2.526   -13.033 -1.218  1.00 23.29 ? 36  LEU A CD2 1 
ATOM   271  N  N   . THR A 1 37  ? 0.878   -14.697 -4.892  1.00 19.08 ? 37  THR A N   1 
ATOM   272  C  CA  . THR A 1 37  ? -0.206  -15.161 -5.760  1.00 18.50 ? 37  THR A CA  1 
ATOM   273  C  C   . THR A 1 37  ? -1.546  -14.591 -5.291  1.00 18.71 ? 37  THR A C   1 
ATOM   274  O  O   . THR A 1 37  ? -1.652  -13.998 -4.192  1.00 16.25 ? 37  THR A O   1 
ATOM   275  C  CB  . THR A 1 37  ? -0.365  -16.674 -5.705  1.00 18.85 ? 37  THR A CB  1 
ATOM   276  O  OG1 . THR A 1 37  ? -0.807  -17.025 -4.381  1.00 19.61 ? 37  THR A OG1 1 
ATOM   277  C  CG2 . THR A 1 37  ? 0.965   -17.378 -6.043  1.00 19.99 ? 37  THR A CG2 1 
ATOM   278  N  N   . GLU A 1 38  ? -2.582  -14.822 -6.104  1.00 16.13 ? 38  GLU A N   1 
ATOM   279  C  CA  . GLU A 1 38  ? -3.905  -14.334 -5.764  1.00 17.42 ? 38  GLU A CA  1 
ATOM   280  C  C   . GLU A 1 38  ? -4.351  -15.055 -4.499  1.00 15.71 ? 38  GLU A C   1 
ATOM   281  O  O   . GLU A 1 38  ? -4.940  -14.463 -3.609  1.00 15.78 ? 38  GLU A O   1 
ATOM   282  C  CB  . GLU A 1 38  ? -4.902  -14.613 -6.893  1.00 19.53 ? 38  GLU A CB  1 
ATOM   283  C  CG  . GLU A 1 38  ? -6.209  -13.887 -6.728  1.00 21.53 ? 38  GLU A CG  1 
ATOM   284  C  CD  . GLU A 1 38  ? -7.245  -14.314 -7.762  1.00 22.99 ? 38  GLU A CD  1 
ATOM   285  O  OE1 . GLU A 1 38  ? -6.856  -14.506 -8.945  1.00 23.38 ? 38  GLU A OE1 1 
ATOM   286  O  OE2 . GLU A 1 38  ? -8.434  -14.434 -7.392  1.00 20.95 ? 38  GLU A OE2 1 
ATOM   287  N  N   . LYS A 1 39  ? -4.078  -16.351 -4.450  1.00 16.17 ? 39  LYS A N   1 
ATOM   288  C  CA  . LYS A 1 39  ? -4.408  -17.183 -3.302  1.00 17.36 ? 39  LYS A CA  1 
ATOM   289  C  C   . LYS A 1 39  ? -3.715  -16.616 -2.063  1.00 17.02 ? 39  LYS A C   1 
ATOM   290  O  O   . LYS A 1 39  ? -4.292  -16.591 -0.986  1.00 16.51 ? 39  LYS A O   1 
ATOM   291  C  CB  . LYS A 1 39  ? -3.937  -18.616 -3.561  1.00 17.47 ? 39  LYS A CB  1 
ATOM   292  C  CG  . LYS A 1 39  ? -4.333  -19.616 -2.513  1.00 20.81 ? 39  LYS A CG  1 
ATOM   293  C  CD  . LYS A 1 39  ? -3.923  -21.020 -2.956  1.00 25.54 ? 39  LYS A CD  1 
ATOM   294  C  CE  . LYS A 1 39  ? -4.275  -22.079 -1.914  1.00 27.06 ? 39  LYS A CE  1 
ATOM   295  N  NZ  . LYS A 1 39  ? -3.428  -21.943 -0.696  1.00 29.06 ? 39  LYS A NZ  1 
ATOM   296  N  N   . ASP A 1 40  ? -2.462  -16.180 -2.217  1.00 18.72 ? 40  ASP A N   1 
ATOM   297  C  CA  . ASP A 1 40  ? -1.724  -15.590 -1.089  1.00 18.76 ? 40  ASP A CA  1 
ATOM   298  C  C   . ASP A 1 40  ? -2.474  -14.389 -0.525  1.00 17.37 ? 40  ASP A C   1 
ATOM   299  O  O   . ASP A 1 40  ? -2.701  -14.305 0.678   1.00 16.98 ? 40  ASP A O   1 
ATOM   300  C  CB  . ASP A 1 40  ? -0.312  -15.111 -1.490  1.00 20.75 ? 40  ASP A CB  1 
ATOM   301  C  CG  . ASP A 1 40  ? 0.647   -16.257 -1.806  1.00 23.68 ? 40  ASP A CG  1 
ATOM   302  O  OD1 . ASP A 1 40  ? 0.585   -17.314 -1.129  1.00 24.75 ? 40  ASP A OD1 1 
ATOM   303  O  OD2 . ASP A 1 40  ? 1.479   -16.093 -2.727  1.00 22.62 ? 40  ASP A OD2 1 
ATOM   304  N  N   . LEU A 1 41  ? -2.832  -13.446 -1.402  1.00 17.92 ? 41  LEU A N   1 
ATOM   305  C  CA  . LEU A 1 41  ? -3.541  -12.232 -1.016  1.00 16.78 ? 41  LEU A CA  1 
ATOM   306  C  C   . LEU A 1 41  ? -4.868  -12.513 -0.339  1.00 18.50 ? 41  LEU A C   1 
ATOM   307  O  O   . LEU A 1 41  ? -5.256  -11.834 0.622   1.00 18.08 ? 41  LEU A O   1 
ATOM   308  C  CB  . LEU A 1 41  ? -3.800  -11.355 -2.247  1.00 17.42 ? 41  LEU A CB  1 
ATOM   309  C  CG  . LEU A 1 41  ? -2.586  -10.667 -2.884  1.00 16.58 ? 41  LEU A CG  1 
ATOM   310  C  CD1 . LEU A 1 41  ? -2.994  -10.029 -4.230  1.00 18.97 ? 41  LEU A CD1 1 
ATOM   311  C  CD2 . LEU A 1 41  ? -2.038  -9.597  -1.905  1.00 16.46 ? 41  LEU A CD2 1 
ATOM   312  N  N   . LEU A 1 42  ? -5.579  -13.510 -0.854  1.00 17.29 ? 42  LEU A N   1 
ATOM   313  C  CA  . LEU A 1 42  ? -6.864  -13.879 -0.287  1.00 17.98 ? 42  LEU A CA  1 
ATOM   314  C  C   . LEU A 1 42  ? -6.660  -14.368 1.140   1.00 17.02 ? 42  LEU A C   1 
ATOM   315  O  O   . LEU A 1 42  ? -7.357  -13.964 2.063   1.00 17.07 ? 42  LEU A O   1 
ATOM   316  C  CB  . LEU A 1 42  ? -7.478  -15.000 -1.123  1.00 19.25 ? 42  LEU A CB  1 
ATOM   317  C  CG  . LEU A 1 42  ? -8.785  -15.549 -0.560  1.00 21.77 ? 42  LEU A CG  1 
ATOM   318  C  CD1 . LEU A 1 42  ? -9.849  -14.461 -0.657  1.00 21.05 ? 42  LEU A CD1 1 
ATOM   319  C  CD2 . LEU A 1 42  ? -9.197  -16.811 -1.349  1.00 21.95 ? 42  LEU A CD2 1 
ATOM   320  N  N   . GLU A 1 43  ? -5.701  -15.270 1.293   1.00 17.21 ? 43  GLU A N   1 
ATOM   321  C  CA  . GLU A 1 43  ? -5.375  -15.842 2.582   1.00 18.42 ? 43  GLU A CA  1 
ATOM   322  C  C   . GLU A 1 43  ? -4.820  -14.838 3.594   1.00 16.02 ? 43  GLU A C   1 
ATOM   323  O  O   . GLU A 1 43  ? -5.228  -14.828 4.743   1.00 15.57 ? 43  GLU A O   1 
ATOM   324  C  CB  . GLU A 1 43  ? -4.377  -16.997 2.380   1.00 19.40 ? 43  GLU A CB  1 
ATOM   325  C  CG  . GLU A 1 43  ? -5.081  -18.314 2.123   1.00 26.67 ? 43  GLU A CG  1 
ATOM   326  C  CD  . GLU A 1 43  ? -4.218  -19.336 1.413   1.00 28.99 ? 43  GLU A CD  1 
ATOM   327  O  OE1 . GLU A 1 43  ? -2.970  -19.227 1.474   1.00 31.51 ? 43  GLU A OE1 1 
ATOM   328  O  OE2 . GLU A 1 43  ? -4.810  -20.252 0.808   1.00 30.56 ? 43  GLU A OE2 1 
ATOM   329  N  N   . ASP A 1 44  ? -3.886  -14.003 3.153   1.00 15.82 ? 44  ASP A N   1 
ATOM   330  C  CA  . ASP A 1 44  ? -3.260  -13.006 4.031   1.00 15.79 ? 44  ASP A CA  1 
ATOM   331  C  C   . ASP A 1 44  ? -4.119  -11.771 4.288   1.00 15.97 ? 44  ASP A C   1 
ATOM   332  O  O   . ASP A 1 44  ? -3.946  -11.085 5.303   1.00 15.26 ? 44  ASP A O   1 
ATOM   333  C  CB  . ASP A 1 44  ? -1.923  -12.522 3.441   1.00 14.84 ? 44  ASP A CB  1 
ATOM   334  C  CG  . ASP A 1 44  ? -0.948  -13.649 3.153   1.00 14.22 ? 44  ASP A CG  1 
ATOM   335  O  OD1 . ASP A 1 44  ? -1.073  -14.714 3.774   1.00 15.96 ? 44  ASP A OD1 1 
ATOM   336  O  OD2 . ASP A 1 44  ? -0.029  -13.464 2.315   1.00 15.19 ? 44  ASP A OD2 1 
ATOM   337  N  N   . GLY A 1 45  ? -5.032  -11.483 3.365   1.00 16.80 ? 45  GLY A N   1 
ATOM   338  C  CA  . GLY A 1 45  ? -5.880  -10.311 3.497   1.00 18.12 ? 45  GLY A CA  1 
ATOM   339  C  C   . GLY A 1 45  ? -7.317  -10.494 3.965   1.00 18.69 ? 45  GLY A C   1 
ATOM   340  O  O   . GLY A 1 45  ? -7.901  -9.581  4.536   1.00 17.14 ? 45  GLY A O   1 
ATOM   341  N  N   . PHE A 1 46  ? -7.911  -11.655 3.736   1.00 20.50 ? 46  PHE A N   1 
ATOM   342  C  CA  . PHE A 1 46  ? -9.301  -11.819 4.148   1.00 22.65 ? 46  PHE A CA  1 
ATOM   343  C  C   . PHE A 1 46  ? -9.541  -13.072 4.957   1.00 25.37 ? 46  PHE A C   1 
ATOM   344  O  O   . PHE A 1 46  ? -10.682 -13.451 5.227   1.00 25.72 ? 46  PHE A O   1 
ATOM   345  C  CB  . PHE A 1 46  ? -10.218 -11.752 2.922   1.00 19.40 ? 46  PHE A CB  1 
ATOM   346  C  CG  . PHE A 1 46  ? -9.926  -10.575 2.053   1.00 20.18 ? 46  PHE A CG  1 
ATOM   347  C  CD1 . PHE A 1 46  ? -8.904  -10.635 1.104   1.00 19.81 ? 46  PHE A CD1 1 
ATOM   348  C  CD2 . PHE A 1 46  ? -10.568 -9.362  2.268   1.00 19.29 ? 46  PHE A CD2 1 
ATOM   349  C  CE1 . PHE A 1 46  ? -8.534  -9.493  0.390   1.00 19.84 ? 46  PHE A CE1 1 
ATOM   350  C  CE2 . PHE A 1 46  ? -10.199 -8.231  1.562   1.00 19.32 ? 46  PHE A CE2 1 
ATOM   351  C  CZ  . PHE A 1 46  ? -9.180  -8.298  0.621   1.00 20.12 ? 46  PHE A CZ  1 
ATOM   352  N  N   . GLY A 1 47  ? -8.442  -13.706 5.347   1.00 26.51 ? 47  GLY A N   1 
ATOM   353  C  CA  . GLY A 1 47  ? -8.539  -14.873 6.187   1.00 28.75 ? 47  GLY A CA  1 
ATOM   354  C  C   . GLY A 1 47  ? -8.954  -14.301 7.534   1.00 29.90 ? 47  GLY A C   1 
ATOM   355  O  O   . GLY A 1 47  ? -9.243  -13.098 7.653   1.00 28.71 ? 47  GLY A O   1 
ATOM   356  N  N   . GLU A 1 48  ? -8.960  -15.139 8.561   1.00 31.39 ? 48  GLU A N   1 
ATOM   357  C  CA  . GLU A 1 48  ? -9.369  -14.680 9.886   1.00 33.53 ? 48  GLU A CA  1 
ATOM   358  C  C   . GLU A 1 48  ? -8.482  -13.582 10.497  1.00 32.33 ? 48  GLU A C   1 
ATOM   359  O  O   . GLU A 1 48  ? -8.958  -12.801 11.329  1.00 32.38 ? 48  GLU A O   1 
ATOM   360  C  CB  . GLU A 1 48  ? -9.491  -15.890 10.822  1.00 35.67 ? 48  GLU A CB  1 
ATOM   361  C  CG  . GLU A 1 48  ? -10.289 -17.068 10.210  1.00 40.50 ? 48  GLU A CG  1 
ATOM   362  C  CD  . GLU A 1 48  ? -11.740 -16.723 9.796   1.00 42.77 ? 48  GLU A CD  1 
ATOM   363  O  OE1 . GLU A 1 48  ? -11.940 -15.899 8.873   1.00 43.91 ? 48  GLU A OE1 1 
ATOM   364  O  OE2 . GLU A 1 48  ? -12.687 -17.292 10.395  1.00 44.08 ? 48  GLU A OE2 1 
ATOM   365  N  N   . HIS A 1 49  ? -7.210  -13.511 10.094  1.00 30.69 ? 49  HIS A N   1 
ATOM   366  C  CA  . HIS A 1 49  ? -6.297  -12.463 10.605  1.00 29.37 ? 49  HIS A CA  1 
ATOM   367  C  C   . HIS A 1 49  ? -5.646  -11.758 9.409   1.00 25.74 ? 49  HIS A C   1 
ATOM   368  O  O   . HIS A 1 49  ? -4.759  -12.324 8.759   1.00 25.96 ? 49  HIS A O   1 
ATOM   369  C  CB  . HIS A 1 49  ? -5.214  -13.075 11.505  1.00 31.66 ? 49  HIS A CB  1 
ATOM   370  C  CG  . HIS A 1 49  ? -4.130  -12.116 11.912  1.00 33.94 ? 49  HIS A CG  1 
ATOM   371  N  ND1 . HIS A 1 49  ? -3.191  -11.626 11.026  1.00 35.42 ? 49  HIS A ND1 1 
ATOM   372  C  CD2 . HIS A 1 49  ? -3.810  -11.590 13.119  1.00 34.47 ? 49  HIS A CD2 1 
ATOM   373  C  CE1 . HIS A 1 49  ? -2.340  -10.843 11.670  1.00 33.97 ? 49  HIS A CE1 1 
ATOM   374  N  NE2 . HIS A 1 49  ? -2.694  -10.806 12.941  1.00 35.56 ? 49  HIS A NE2 1 
ATOM   375  N  N   . PRO A 1 50  ? -6.077  -10.520 9.100   1.00 21.95 ? 50  PRO A N   1 
ATOM   376  C  CA  . PRO A 1 50  ? -5.473  -9.834  7.952   1.00 18.00 ? 50  PRO A CA  1 
ATOM   377  C  C   . PRO A 1 50  ? -4.089  -9.288  8.253   1.00 13.78 ? 50  PRO A C   1 
ATOM   378  O  O   . PRO A 1 50  ? -3.902  -8.604  9.238   1.00 10.43 ? 50  PRO A O   1 
ATOM   379  C  CB  . PRO A 1 50  ? -6.464  -8.701  7.639   1.00 17.71 ? 50  PRO A CB  1 
ATOM   380  C  CG  . PRO A 1 50  ? -7.726  -9.044  8.493   1.00 21.56 ? 50  PRO A CG  1 
ATOM   381  C  CD  . PRO A 1 50  ? -7.132  -9.692  9.706   1.00 21.28 ? 50  PRO A CD  1 
ATOM   382  N  N   . PHE A 1 51  ? -3.134  -9.580  7.385   1.00 13.78 ? 51  PHE A N   1 
ATOM   383  C  CA  . PHE A 1 51  ? -1.770  -9.072  7.545   1.00 11.62 ? 51  PHE A CA  1 
ATOM   384  C  C   . PHE A 1 51  ? -1.603  -7.757  6.789   1.00 12.84 ? 51  PHE A C   1 
ATOM   385  O  O   . PHE A 1 51  ? -0.555  -7.152  6.814   1.00 13.80 ? 51  PHE A O   1 
ATOM   386  C  CB  . PHE A 1 51  ? -0.766  -10.093 7.065   1.00 12.11 ? 51  PHE A CB  1 
ATOM   387  C  CG  . PHE A 1 51  ? -0.596  -11.251 8.016   1.00 14.34 ? 51  PHE A CG  1 
ATOM   388  C  CD1 . PHE A 1 51  ? 0.270   -11.159 9.091   1.00 15.05 ? 51  PHE A CD1 1 
ATOM   389  C  CD2 . PHE A 1 51  ? -1.369  -12.395 7.866   1.00 16.67 ? 51  PHE A CD2 1 
ATOM   390  C  CE1 . PHE A 1 51  ? 0.374   -12.196 10.023  1.00 16.16 ? 51  PHE A CE1 1 
ATOM   391  C  CE2 . PHE A 1 51  ? -1.286  -13.437 8.784   1.00 17.26 ? 51  PHE A CE2 1 
ATOM   392  C  CZ  . PHE A 1 51  ? -0.415  -13.344 9.863   1.00 15.74 ? 51  PHE A CZ  1 
ATOM   393  N  N   . TYR A 1 52  ? -2.648  -7.334  6.094   1.00 11.78 ? 52  TYR A N   1 
ATOM   394  C  CA  . TYR A 1 52  ? -2.620  -6.027  5.435   1.00 9.96  ? 52  TYR A CA  1 
ATOM   395  C  C   . TYR A 1 52  ? -4.079  -5.654  5.240   1.00 9.06  ? 52  TYR A C   1 
ATOM   396  O  O   . TYR A 1 52  ? -4.945  -6.499  5.401   1.00 9.70  ? 52  TYR A O   1 
ATOM   397  C  CB  . TYR A 1 52  ? -1.889  -6.061  4.077   1.00 10.82 ? 52  TYR A CB  1 
ATOM   398  C  CG  . TYR A 1 52  ? -2.611  -6.837  2.987   1.00 11.99 ? 52  TYR A CG  1 
ATOM   399  C  CD1 . TYR A 1 52  ? -3.645  -6.245  2.245   1.00 13.02 ? 52  TYR A CD1 1 
ATOM   400  C  CD2 . TYR A 1 52  ? -2.336  -8.187  2.773   1.00 11.34 ? 52  TYR A CD2 1 
ATOM   401  C  CE1 . TYR A 1 52  ? -4.399  -6.987  1.335   1.00 13.37 ? 52  TYR A CE1 1 
ATOM   402  C  CE2 . TYR A 1 52  ? -3.077  -8.947  1.860   1.00 14.41 ? 52  TYR A CE2 1 
ATOM   403  C  CZ  . TYR A 1 52  ? -4.115  -8.340  1.149   1.00 13.32 ? 52  TYR A CZ  1 
ATOM   404  O  OH  . TYR A 1 52  ? -4.874  -9.093  0.295   1.00 13.43 ? 52  TYR A OH  1 
ATOM   405  N  N   . HIS A 1 53  ? -4.329  -4.391  4.922   1.00 8.94  ? 53  HIS A N   1 
ATOM   406  C  CA  . HIS A 1 53  ? -5.658  -3.893  4.614   1.00 10.84 ? 53  HIS A CA  1 
ATOM   407  C  C   . HIS A 1 53  ? -5.498  -3.149  3.294   1.00 11.38 ? 53  HIS A C   1 
ATOM   408  O  O   . HIS A 1 53  ? -4.435  -2.611  2.980   1.00 9.43  ? 53  HIS A O   1 
ATOM   409  C  CB  . HIS A 1 53  ? -6.141  -2.904  5.671   1.00 12.13 ? 53  HIS A CB  1 
ATOM   410  C  CG  . HIS A 1 53  ? -6.160  -3.469  7.042   1.00 15.03 ? 53  HIS A CG  1 
ATOM   411  N  ND1 . HIS A 1 53  ? -7.202  -4.237  7.506   1.00 16.90 ? 53  HIS A ND1 1 
ATOM   412  C  CD2 . HIS A 1 53  ? -5.284  -3.353  8.065   1.00 17.23 ? 53  HIS A CD2 1 
ATOM   413  C  CE1 . HIS A 1 53  ? -6.971  -4.564  8.763   1.00 18.83 ? 53  HIS A CE1 1 
ATOM   414  N  NE2 . HIS A 1 53  ? -5.814  -4.041  9.128   1.00 18.69 ? 53  HIS A NE2 1 
ATOM   415  N  N   . CYS A 1 54  ? -6.580  -3.066  2.540   1.00 12.49 ? 54  CYS A N   1 
ATOM   416  C  CA  . CYS A 1 54  ? -6.500  -2.419  1.265   1.00 11.09 ? 54  CYS A CA  1 
ATOM   417  C  C   . CYS A 1 54  ? -7.738  -1.591  0.919   1.00 10.46 ? 54  CYS A C   1 
ATOM   418  O  O   . CYS A 1 54  ? -8.861  -2.006  1.202   1.00 9.55  ? 54  CYS A O   1 
ATOM   419  C  CB  . CYS A 1 54  ? -6.305  -3.514  0.232   1.00 14.43 ? 54  CYS A CB  1 
ATOM   420  S  SG  . CYS A 1 54  ? -6.360  -2.997  -1.453  1.00 20.11 ? 54  CYS A SG  1 
ATOM   421  N  N   . LEU A 1 55  ? -7.512  -0.439  0.309   1.00 9.89  ? 55  LEU A N   1 
ATOM   422  C  CA  . LEU A 1 55  ? -8.590  0.395   -0.203  1.00 10.63 ? 55  LEU A CA  1 
ATOM   423  C  C   . LEU A 1 55  ? -8.397  0.320   -1.716  1.00 10.45 ? 55  LEU A C   1 
ATOM   424  O  O   . LEU A 1 55  ? -7.275  0.213   -2.183  1.00 9.83  ? 55  LEU A O   1 
ATOM   425  C  CB  . LEU A 1 55  ? -8.454  1.849   0.239   1.00 9.86  ? 55  LEU A CB  1 
ATOM   426  C  CG  . LEU A 1 55  ? -8.713  2.196   1.700   1.00 10.43 ? 55  LEU A CG  1 
ATOM   427  C  CD1 . LEU A 1 55  ? -8.306  3.647   1.939   1.00 11.45 ? 55  LEU A CD1 1 
ATOM   428  C  CD2 . LEU A 1 55  ? -10.205 2.014   2.010   1.00 13.72 ? 55  LEU A CD2 1 
ATOM   429  N  N   . VAL A 1 56  ? -9.493  0.364   -2.472  1.00 10.83 ? 56  VAL A N   1 
ATOM   430  C  CA  . VAL A 1 56  ? -9.400  0.299   -3.931  1.00 11.76 ? 56  VAL A CA  1 
ATOM   431  C  C   . VAL A 1 56  ? -10.271 1.413   -4.492  1.00 11.94 ? 56  VAL A C   1 
ATOM   432  O  O   . VAL A 1 56  ? -11.224 1.849   -3.825  1.00 11.51 ? 56  VAL A O   1 
ATOM   433  C  CB  . VAL A 1 56  ? -9.897  -1.059  -4.492  1.00 12.43 ? 56  VAL A CB  1 
ATOM   434  C  CG1 . VAL A 1 56  ? -8.898  -2.153  -4.121  1.00 13.42 ? 56  VAL A CG1 1 
ATOM   435  C  CG2 . VAL A 1 56  ? -11.327 -1.396  -3.951  1.00 12.50 ? 56  VAL A CG2 1 
ATOM   436  N  N   . ALA A 1 57  ? -9.912  1.880   -5.688  1.00 11.75 ? 57  ALA A N   1 
ATOM   437  C  CA  . ALA A 1 57  ? -10.645 2.941   -6.394  1.00 11.87 ? 57  ALA A CA  1 
ATOM   438  C  C   . ALA A 1 57  ? -11.406 2.250   -7.526  1.00 13.26 ? 57  ALA A C   1 
ATOM   439  O  O   . ALA A 1 57  ? -10.793 1.646   -8.399  1.00 9.87  ? 57  ALA A O   1 
ATOM   440  C  CB  . ALA A 1 57  ? -9.666  3.955   -6.990  1.00 11.91 ? 57  ALA A CB  1 
ATOM   441  N  N   . GLU A 1 58  ? -12.733 2.337   -7.497  1.00 13.23 ? 58  GLU A N   1 
ATOM   442  C  CA  . GLU A 1 58  ? -13.554 1.678   -8.505  1.00 15.69 ? 58  GLU A CA  1 
ATOM   443  C  C   . GLU A 1 58  ? -14.278 2.730   -9.368  1.00 14.59 ? 58  GLU A C   1 
ATOM   444  O  O   . GLU A 1 58  ? -14.811 3.730   -8.845  1.00 13.44 ? 58  GLU A O   1 
ATOM   445  C  CB  . GLU A 1 58  ? -14.560 0.727   -7.808  1.00 18.11 ? 58  GLU A CB  1 
ATOM   446  C  CG  . GLU A 1 58  ? -15.571 0.079   -8.759  1.00 22.58 ? 58  GLU A CG  1 
ATOM   447  C  CD  . GLU A 1 58  ? -16.545 -0.890  -8.080  1.00 27.40 ? 58  GLU A CD  1 
ATOM   448  O  OE1 . GLU A 1 58  ? -16.532 -1.026  -6.837  1.00 28.65 ? 58  GLU A OE1 1 
ATOM   449  O  OE2 . GLU A 1 58  ? -17.347 -1.515  -8.805  1.00 29.24 ? 58  GLU A OE2 1 
ATOM   450  N  N   . VAL A 1 59  ? -14.242 2.536   -10.681 1.00 15.16 ? 59  VAL A N   1 
ATOM   451  C  CA  . VAL A 1 59  ? -14.898 3.472   -11.606 1.00 14.75 ? 59  VAL A CA  1 
ATOM   452  C  C   . VAL A 1 59  ? -16.166 2.849   -12.177 1.00 15.65 ? 59  VAL A C   1 
ATOM   453  O  O   . VAL A 1 59  ? -16.362 1.633   -12.078 1.00 14.77 ? 59  VAL A O   1 
ATOM   454  C  CB  . VAL A 1 59  ? -13.965 3.852   -12.795 1.00 14.29 ? 59  VAL A CB  1 
ATOM   455  C  CG1 . VAL A 1 59  ? -12.712 4.533   -12.273 1.00 14.56 ? 59  VAL A CG1 1 
ATOM   456  C  CG2 . VAL A 1 59  ? -13.587 2.595   -13.628 1.00 12.10 ? 59  VAL A CG2 1 
ATOM   457  N  N   . PRO A 1 60  ? -17.061 3.679   -12.757 1.00 16.19 ? 60  PRO A N   1 
ATOM   458  C  CA  . PRO A 1 60  ? -18.306 3.146   -13.337 1.00 17.43 ? 60  PRO A CA  1 
ATOM   459  C  C   . PRO A 1 60  ? -17.972 2.224   -14.502 1.00 17.14 ? 60  PRO A C   1 
ATOM   460  O  O   . PRO A 1 60  ? -16.947 2.400   -15.164 1.00 17.19 ? 60  PRO A O   1 
ATOM   461  C  CB  . PRO A 1 60  ? -19.068 4.406   -13.800 1.00 15.55 ? 60  PRO A CB  1 
ATOM   462  C  CG  . PRO A 1 60  ? -18.544 5.485   -12.903 1.00 18.05 ? 60  PRO A CG  1 
ATOM   463  C  CD  . PRO A 1 60  ? -17.037 5.153   -12.810 1.00 14.73 ? 60  PRO A CD  1 
ATOM   464  N  N   . LYS A 1 61  ? -18.844 1.254   -14.760 1.00 17.03 ? 61  LYS A N   1 
ATOM   465  C  CA  . LYS A 1 61  ? -18.653 0.283   -15.842 1.00 19.99 ? 61  LYS A CA  1 
ATOM   466  C  C   . LYS A 1 61  ? -18.350 0.957   -17.184 1.00 19.56 ? 61  LYS A C   1 
ATOM   467  O  O   . LYS A 1 61  ? -17.496 0.479   -17.939 1.00 19.36 ? 61  LYS A O   1 
ATOM   468  C  CB  . LYS A 1 61  ? -19.905 -0.609  -15.958 1.00 20.42 ? 61  LYS A CB  1 
ATOM   469  C  CG  . LYS A 1 61  ? -19.793 -1.764  -16.939 1.00 24.37 ? 61  LYS A CG  1 
ATOM   470  C  CD  . LYS A 1 61  ? -20.957 -2.748  -16.723 1.00 26.09 ? 61  LYS A CD  1 
ATOM   471  C  CE  . LYS A 1 61  ? -21.063 -3.792  -17.822 1.00 28.72 ? 61  LYS A CE  1 
ATOM   472  N  NZ  . LYS A 1 61  ? -21.328 -3.164  -19.152 1.00 31.04 ? 61  LYS A NZ  1 
ATOM   473  N  N   . GLU A 1 62  ? -19.041 2.068   -17.455 1.00 20.68 ? 62  GLU A N   1 
ATOM   474  C  CA  . GLU A 1 62  ? -18.866 2.852   -18.676 1.00 20.50 ? 62  GLU A CA  1 
ATOM   475  C  C   . GLU A 1 62  ? -17.412 3.244   -18.852 1.00 20.89 ? 62  GLU A C   1 
ATOM   476  O  O   . GLU A 1 62  ? -16.937 3.432   -19.966 1.00 19.58 ? 62  GLU A O   1 
ATOM   477  C  CB  . GLU A 1 62  ? -19.694 4.150   -18.621 1.00 22.71 ? 62  GLU A CB  1 
ATOM   478  C  CG  . GLU A 1 62  ? -21.010 4.118   -19.330 1.00 25.23 ? 62  GLU A CG  1 
ATOM   479  C  CD  . GLU A 1 62  ? -20.877 3.850   -20.823 1.00 25.47 ? 62  GLU A CD  1 
ATOM   480  O  OE1 . GLU A 1 62  ? -20.447 4.743   -21.578 1.00 26.61 ? 62  GLU A OE1 1 
ATOM   481  O  OE2 . GLU A 1 62  ? -21.212 2.736   -21.245 1.00 26.74 ? 62  GLU A OE2 1 
ATOM   482  N  N   . HIS A 1 63  ? -16.702 3.389   -17.744 1.00 21.79 ? 63  HIS A N   1 
ATOM   483  C  CA  . HIS A 1 63  ? -15.313 3.792   -17.826 1.00 23.49 ? 63  HIS A CA  1 
ATOM   484  C  C   . HIS A 1 63  ? -14.274 2.752   -17.420 1.00 23.83 ? 63  HIS A C   1 
ATOM   485  O  O   . HIS A 1 63  ? -13.140 3.108   -17.107 1.00 23.79 ? 63  HIS A O   1 
ATOM   486  C  CB  . HIS A 1 63  ? -15.116 5.082   -17.025 1.00 26.23 ? 63  HIS A CB  1 
ATOM   487  C  CG  . HIS A 1 63  ? -15.909 6.233   -17.555 1.00 28.31 ? 63  HIS A CG  1 
ATOM   488  N  ND1 . HIS A 1 63  ? -16.963 6.794   -16.865 1.00 30.49 ? 63  HIS A ND1 1 
ATOM   489  C  CD2 . HIS A 1 63  ? -15.811 6.918   -18.719 1.00 28.74 ? 63  HIS A CD2 1 
ATOM   490  C  CE1 . HIS A 1 63  ? -17.479 7.779   -17.581 1.00 30.82 ? 63  HIS A CE1 1 
ATOM   491  N  NE2 . HIS A 1 63  ? -16.800 7.874   -18.710 1.00 30.98 ? 63  HIS A NE2 1 
ATOM   492  N  N   . TRP A 1 64  ? -14.649 1.475   -17.429 1.00 23.96 ? 64  TRP A N   1 
ATOM   493  C  CA  . TRP A 1 64  ? -13.693 0.415   -17.085 1.00 23.64 ? 64  TRP A CA  1 
ATOM   494  C  C   . TRP A 1 64  ? -12.484 0.480   -18.007 1.00 22.80 ? 64  TRP A C   1 
ATOM   495  O  O   . TRP A 1 64  ? -12.529 1.064   -19.082 1.00 21.16 ? 64  TRP A O   1 
ATOM   496  C  CB  . TRP A 1 64  ? -14.316 -0.978  -17.205 1.00 24.86 ? 64  TRP A CB  1 
ATOM   497  C  CG  . TRP A 1 64  ? -15.282 -1.325  -16.125 1.00 26.56 ? 64  TRP A CG  1 
ATOM   498  C  CD1 . TRP A 1 64  ? -15.525 -0.622  -14.975 1.00 27.88 ? 64  TRP A CD1 1 
ATOM   499  C  CD2 . TRP A 1 64  ? -16.126 -2.480  -16.076 1.00 27.99 ? 64  TRP A CD2 1 
ATOM   500  N  NE1 . TRP A 1 64  ? -16.469 -1.270  -14.213 1.00 27.23 ? 64  TRP A NE1 1 
ATOM   501  C  CE2 . TRP A 1 64  ? -16.855 -2.413  -14.864 1.00 29.32 ? 64  TRP A CE2 1 
ATOM   502  C  CE3 . TRP A 1 64  ? -16.338 -3.567  -16.937 1.00 29.17 ? 64  TRP A CE3 1 
ATOM   503  C  CZ2 . TRP A 1 64  ? -17.789 -3.401  -14.491 1.00 30.24 ? 64  TRP A CZ2 1 
ATOM   504  C  CZ3 . TRP A 1 64  ? -17.260 -4.544  -16.569 1.00 30.78 ? 64  TRP A CZ3 1 
ATOM   505  C  CH2 . TRP A 1 64  ? -17.976 -4.453  -15.353 1.00 31.60 ? 64  TRP A CH2 1 
ATOM   506  N  N   . THR A 1 65  ? -11.392 -0.123  -17.565 1.00 21.73 ? 65  THR A N   1 
ATOM   507  C  CA  . THR A 1 65  ? -10.161 -0.141  -18.336 1.00 22.50 ? 65  THR A CA  1 
ATOM   508  C  C   . THR A 1 65  ? -10.379 -0.905  -19.643 1.00 23.06 ? 65  THR A C   1 
ATOM   509  O  O   . THR A 1 65  ? -11.354 -1.631  -19.788 1.00 21.25 ? 65  THR A O   1 
ATOM   510  C  CB  . THR A 1 65  ? -9.049  -0.869  -17.546 1.00 20.71 ? 65  THR A CB  1 
ATOM   511  O  OG1 . THR A 1 65  ? -9.424  -2.233  -17.377 1.00 20.51 ? 65  THR A OG1 1 
ATOM   512  C  CG2 . THR A 1 65  ? -8.886  -0.267  -16.167 1.00 22.01 ? 65  THR A CG2 1 
ATOM   513  N  N   . PRO A 1 66  ? -9.459  -0.750  -20.606 1.00 24.83 ? 66  PRO A N   1 
ATOM   514  C  CA  . PRO A 1 66  ? -9.558  -1.444  -21.895 1.00 26.52 ? 66  PRO A CA  1 
ATOM   515  C  C   . PRO A 1 66  ? -9.651  -2.963  -21.672 1.00 27.45 ? 66  PRO A C   1 
ATOM   516  O  O   . PRO A 1 66  ? -10.254 -3.675  -22.470 1.00 27.59 ? 66  PRO A O   1 
ATOM   517  C  CB  . PRO A 1 66  ? -8.269  -1.026  -22.602 1.00 25.59 ? 66  PRO A CB  1 
ATOM   518  C  CG  . PRO A 1 66  ? -8.098  0.368   -22.123 1.00 25.75 ? 66  PRO A CG  1 
ATOM   519  C  CD  . PRO A 1 66  ? -8.358  0.230   -20.632 1.00 25.73 ? 66  PRO A CD  1 
ATOM   520  N  N   . GLU A 1 67  ? -9.052  -3.436  -20.577 1.00 27.96 ? 67  GLU A N   1 
ATOM   521  C  CA  . GLU A 1 67  ? -9.070  -4.855  -20.200 1.00 28.77 ? 67  GLU A CA  1 
ATOM   522  C  C   . GLU A 1 67  ? -10.369 -5.265  -19.517 1.00 27.38 ? 67  GLU A C   1 
ATOM   523  O  O   . GLU A 1 67  ? -10.537 -6.439  -19.173 1.00 27.26 ? 67  GLU A O   1 
ATOM   524  C  CB  . GLU A 1 67  ? -7.942  -5.187  -19.214 1.00 31.90 ? 67  GLU A CB  1 
ATOM   525  C  CG  . GLU A 1 67  ? -6.622  -5.645  -19.802 1.00 36.18 ? 67  GLU A CG  1 
ATOM   526  C  CD  . GLU A 1 67  ? -5.648  -6.098  -18.708 1.00 38.86 ? 67  GLU A CD  1 
ATOM   527  O  OE1 . GLU A 1 67  ? -5.921  -7.127  -18.037 1.00 40.36 ? 67  GLU A OE1 1 
ATOM   528  O  OE2 . GLU A 1 67  ? -4.615  -5.422  -18.506 1.00 40.02 ? 67  GLU A OE2 1 
ATOM   529  N  N   . GLY A 1 68  ? -11.261 -4.309  -19.260 1.00 24.26 ? 68  GLY A N   1 
ATOM   530  C  CA  . GLY A 1 68  ? -12.514 -4.652  -18.618 1.00 22.81 ? 68  GLY A CA  1 
ATOM   531  C  C   . GLY A 1 68  ? -12.518 -4.669  -17.092 1.00 22.77 ? 68  GLY A C   1 
ATOM   532  O  O   . GLY A 1 68  ? -13.380 -5.300  -16.481 1.00 22.30 ? 68  GLY A O   1 
ATOM   533  N  N   . HIS A 1 69  ? -11.572 -3.966  -16.471 1.00 21.09 ? 69  HIS A N   1 
ATOM   534  C  CA  . HIS A 1 69  ? -11.493 -3.925  -15.010 1.00 20.66 ? 69  HIS A CA  1 
ATOM   535  C  C   . HIS A 1 69  ? -12.032 -2.615  -14.455 1.00 19.08 ? 69  HIS A C   1 
ATOM   536  O  O   . HIS A 1 69  ? -11.807 -1.543  -15.024 1.00 18.35 ? 69  HIS A O   1 
ATOM   537  C  CB  . HIS A 1 69  ? -10.046 -4.127  -14.559 1.00 20.50 ? 69  HIS A CB  1 
ATOM   538  C  CG  . HIS A 1 69  ? -9.441  -5.398  -15.061 1.00 20.74 ? 69  HIS A CG  1 
ATOM   539  N  ND1 . HIS A 1 69  ? -8.326  -5.425  -15.872 1.00 22.74 ? 69  HIS A ND1 1 
ATOM   540  C  CD2 . HIS A 1 69  ? -9.811  -6.686  -14.883 1.00 21.28 ? 69  HIS A CD2 1 
ATOM   541  C  CE1 . HIS A 1 69  ? -8.034  -6.679  -16.169 1.00 23.69 ? 69  HIS A CE1 1 
ATOM   542  N  NE2 . HIS A 1 69  ? -8.918  -7.463  -15.580 1.00 23.32 ? 69  HIS A NE2 1 
ATOM   543  N  N   . SER A 1 70  ? -12.741 -2.728  -13.336 1.00 19.87 ? 70  SER A N   1 
ATOM   544  C  CA  . SER A 1 70  ? -13.341 -1.591  -12.664 1.00 19.51 ? 70  SER A CA  1 
ATOM   545  C  C   . SER A 1 70  ? -12.428 -0.933  -11.626 1.00 18.01 ? 70  SER A C   1 
ATOM   546  O  O   . SER A 1 70  ? -12.626 0.226   -11.267 1.00 17.95 ? 70  SER A O   1 
ATOM   547  C  CB  . SER A 1 70  ? -14.652 -2.021  -11.984 1.00 20.05 ? 70  SER A CB  1 
ATOM   548  O  OG  . SER A 1 70  ? -14.428 -2.995  -10.979 1.00 22.99 ? 70  SER A OG  1 
ATOM   549  N  N   . ILE A 1 71  ? -11.418 -1.666  -11.157 1.00 16.67 ? 71  ILE A N   1 
ATOM   550  C  CA  . ILE A 1 71  ? -10.499 -1.156  -10.137 1.00 15.11 ? 71  ILE A CA  1 
ATOM   551  C  C   . ILE A 1 71  ? -9.288  -0.528  -10.792 1.00 14.22 ? 71  ILE A C   1 
ATOM   552  O  O   . ILE A 1 71  ? -8.556  -1.193  -11.520 1.00 15.89 ? 71  ILE A O   1 
ATOM   553  C  CB  . ILE A 1 71  ? -10.072 -2.304  -9.196  1.00 14.18 ? 71  ILE A CB  1 
ATOM   554  C  CG1 . ILE A 1 71  ? -11.347 -2.974  -8.679  1.00 17.95 ? 71  ILE A CG1 1 
ATOM   555  C  CG2 . ILE A 1 71  ? -9.193  -1.771  -8.081  1.00 14.09 ? 71  ILE A CG2 1 
ATOM   556  C  CD1 . ILE A 1 71  ? -11.196 -3.931  -7.487  1.00 18.98 ? 71  ILE A CD1 1 
ATOM   557  N  N   . VAL A 1 72  ? -9.057  0.746   -10.501 1.00 13.88 ? 72  VAL A N   1 
ATOM   558  C  CA  . VAL A 1 72  ? -7.995  1.465   -11.161 1.00 12.34 ? 72  VAL A CA  1 
ATOM   559  C  C   . VAL A 1 72  ? -6.947  2.041   -10.205 1.00 11.76 ? 72  VAL A C   1 
ATOM   560  O  O   . VAL A 1 72  ? -6.025  2.715   -10.638 1.00 9.40  ? 72  VAL A O   1 
ATOM   561  C  CB  . VAL A 1 72  ? -8.602  2.618   -12.025 1.00 11.71 ? 72  VAL A CB  1 
ATOM   562  C  CG1 . VAL A 1 72  ? -9.656  2.049   -12.990 1.00 11.91 ? 72  VAL A CG1 1 
ATOM   563  C  CG2 . VAL A 1 72  ? -9.249  3.699   -11.110 1.00 12.43 ? 72  VAL A CG2 1 
ATOM   564  N  N   . GLY A 1 73  ? -7.086  1.749   -8.921  1.00 11.16 ? 73  GLY A N   1 
ATOM   565  C  CA  . GLY A 1 73  ? -6.118  2.272   -7.968  1.00 11.54 ? 73  GLY A CA  1 
ATOM   566  C  C   . GLY A 1 73  ? -6.249  1.552   -6.659  1.00 11.31 ? 73  GLY A C   1 
ATOM   567  O  O   . GLY A 1 73  ? -7.260  0.898   -6.398  1.00 11.56 ? 73  GLY A O   1 
ATOM   568  N  N   . PHE A 1 74  ? -5.235  1.693   -5.819  1.00 11.22 ? 74  PHE A N   1 
ATOM   569  C  CA  . PHE A 1 74  ? -5.271  1.062   -4.533  1.00 11.06 ? 74  PHE A CA  1 
ATOM   570  C  C   . PHE A 1 74  ? -4.215  1.586   -3.576  1.00 10.46 ? 74  PHE A C   1 
ATOM   571  O  O   . PHE A 1 74  ? -3.253  2.254   -3.963  1.00 9.46  ? 74  PHE A O   1 
ATOM   572  C  CB  . PHE A 1 74  ? -5.130  -0.487  -4.698  1.00 11.56 ? 74  PHE A CB  1 
ATOM   573  C  CG  . PHE A 1 74  ? -3.693  -0.999  -4.751  1.00 11.81 ? 74  PHE A CG  1 
ATOM   574  C  CD1 . PHE A 1 74  ? -2.809  -0.602  -5.755  1.00 11.28 ? 74  PHE A CD1 1 
ATOM   575  C  CD2 . PHE A 1 74  ? -3.249  -1.941  -3.815  1.00 15.01 ? 74  PHE A CD2 1 
ATOM   576  C  CE1 . PHE A 1 74  ? -1.509  -1.141  -5.829  1.00 14.49 ? 74  PHE A CE1 1 
ATOM   577  C  CE2 . PHE A 1 74  ? -1.943  -2.493  -3.870  1.00 15.16 ? 74  PHE A CE2 1 
ATOM   578  C  CZ  . PHE A 1 74  ? -1.069  -2.107  -4.867  1.00 13.18 ? 74  PHE A CZ  1 
ATOM   579  N  N   . ALA A 1 75  ? -4.426  1.281   -2.304  1.00 9.69  ? 75  ALA A N   1 
ATOM   580  C  CA  . ALA A 1 75  ? -3.461  1.627   -1.265  1.00 10.43 ? 75  ALA A CA  1 
ATOM   581  C  C   . ALA A 1 75  ? -3.440  0.394   -0.389  1.00 9.58  ? 75  ALA A C   1 
ATOM   582  O  O   . ALA A 1 75  ? -4.499  -0.147  -0.068  1.00 11.65 ? 75  ALA A O   1 
ATOM   583  C  CB  . ALA A 1 75  ? -3.908  2.833   -0.462  1.00 8.97  ? 75  ALA A CB  1 
HETATM 584  N  N   . MSE A 1 76  ? -2.242  -0.079  -0.059  1.00 7.48  ? 76  MSE A N   1 
HETATM 585  C  CA  . MSE A 1 76  ? -2.092  -1.256  0.822   1.00 8.84  ? 76  MSE A CA  1 
HETATM 586  C  C   . MSE A 1 76  ? -1.398  -0.765  2.106   1.00 6.19  ? 76  MSE A C   1 
HETATM 587  O  O   . MSE A 1 76  ? -0.354  -0.134  2.038   1.00 8.43  ? 76  MSE A O   1 
HETATM 588  C  CB  . MSE A 1 76  ? -1.222  -2.315  0.141   1.00 11.46 ? 76  MSE A CB  1 
HETATM 589  C  CG  . MSE A 1 76  ? -0.809  -3.453  1.098   1.00 18.05 ? 76  MSE A CG  1 
HETATM 590  SE SE  . MSE A 1 76  ? 0.252   -4.770  0.200   1.00 32.45 ? 76  MSE A SE  1 
HETATM 591  C  CE  . MSE A 1 76  ? -1.205  -5.695  -0.663  1.00 20.96 ? 76  MSE A CE  1 
ATOM   592  N  N   . TYR A 1 77  ? -1.967  -1.053  3.272   1.00 7.99  ? 77  TYR A N   1 
ATOM   593  C  CA  . TYR A 1 77  ? -1.367  -0.561  4.515   1.00 5.35  ? 77  TYR A CA  1 
ATOM   594  C  C   . TYR A 1 77  ? -1.562  -1.540  5.663   1.00 3.42  ? 77  TYR A C   1 
ATOM   595  O  O   . TYR A 1 77  ? -2.288  -2.509  5.549   1.00 5.15  ? 77  TYR A O   1 
ATOM   596  C  CB  . TYR A 1 77  ? -2.003  0.806   4.878   1.00 7.95  ? 77  TYR A CB  1 
ATOM   597  C  CG  . TYR A 1 77  ? -3.481  0.701   5.328   1.00 8.31  ? 77  TYR A CG  1 
ATOM   598  C  CD1 . TYR A 1 77  ? -3.809  0.632   6.678   1.00 7.34  ? 77  TYR A CD1 1 
ATOM   599  C  CD2 . TYR A 1 77  ? -4.544  0.659   4.383   1.00 9.02  ? 77  TYR A CD2 1 
ATOM   600  C  CE1 . TYR A 1 77  ? -5.144  0.525   7.120   1.00 10.00 ? 77  TYR A CE1 1 
ATOM   601  C  CE2 . TYR A 1 77  ? -5.895  0.550   4.813   1.00 10.74 ? 77  TYR A CE2 1 
ATOM   602  C  CZ  . TYR A 1 77  ? -6.179  0.478   6.194   1.00 12.65 ? 77  TYR A CZ  1 
ATOM   603  O  OH  . TYR A 1 77  ? -7.467  0.270   6.663   1.00 11.42 ? 77  TYR A OH  1 
ATOM   604  N  N   . TYR A 1 78  ? -0.845  -1.321  6.759   1.00 5.27  ? 78  TYR A N   1 
ATOM   605  C  CA  . TYR A 1 78  ? -1.018  -2.148  7.945   1.00 7.03  ? 78  TYR A CA  1 
ATOM   606  C  C   . TYR A 1 78  ? -0.588  -1.255  9.120   1.00 8.32  ? 78  TYR A C   1 
ATOM   607  O  O   . TYR A 1 78  ? -0.015  -0.162  8.938   1.00 5.74  ? 78  TYR A O   1 
ATOM   608  C  CB  . TYR A 1 78  ? -0.213  -3.465  7.848   1.00 7.53  ? 78  TYR A CB  1 
ATOM   609  C  CG  . TYR A 1 78  ? 1.204   -3.262  7.367   1.00 7.13  ? 78  TYR A CG  1 
ATOM   610  C  CD1 . TYR A 1 78  ? 1.552   -3.460  6.017   1.00 8.11  ? 78  TYR A CD1 1 
ATOM   611  C  CD2 . TYR A 1 78  ? 2.185   -2.801  8.240   1.00 5.00  ? 78  TYR A CD2 1 
ATOM   612  C  CE1 . TYR A 1 78  ? 2.861   -3.202  5.558   1.00 8.25  ? 78  TYR A CE1 1 
ATOM   613  C  CE2 . TYR A 1 78  ? 3.483   -2.534  7.784   1.00 7.16  ? 78  TYR A CE2 1 
ATOM   614  C  CZ  . TYR A 1 78  ? 3.808   -2.738  6.450   1.00 6.36  ? 78  TYR A CZ  1 
ATOM   615  O  OH  . TYR A 1 78  ? 5.092   -2.452  6.020   1.00 7.48  ? 78  TYR A OH  1 
ATOM   616  N  N   . PHE A 1 79  ? -0.912  -1.668  10.333  1.00 7.54  ? 79  PHE A N   1 
ATOM   617  C  CA  . PHE A 1 79  ? -0.581  -0.795  11.452  1.00 7.83  ? 79  PHE A CA  1 
ATOM   618  C  C   . PHE A 1 79  ? 0.733   -1.246  12.050  1.00 6.81  ? 79  PHE A C   1 
ATOM   619  O  O   . PHE A 1 79  ? 1.042   -2.431  12.035  1.00 8.42  ? 79  PHE A O   1 
ATOM   620  C  CB  . PHE A 1 79  ? -1.697  -0.852  12.516  1.00 9.37  ? 79  PHE A CB  1 
ATOM   621  C  CG  . PHE A 1 79  ? -3.009  -0.300  12.043  1.00 11.10 ? 79  PHE A CG  1 
ATOM   622  C  CD1 . PHE A 1 79  ? -3.144  1.059   11.756  1.00 11.62 ? 79  PHE A CD1 1 
ATOM   623  C  CD2 . PHE A 1 79  ? -4.096  -1.136  11.855  1.00 13.91 ? 79  PHE A CD2 1 
ATOM   624  C  CE1 . PHE A 1 79  ? -4.355  1.582   11.283  1.00 13.85 ? 79  PHE A CE1 1 
ATOM   625  C  CE2 . PHE A 1 79  ? -5.310  -0.624  11.386  1.00 14.42 ? 79  PHE A CE2 1 
ATOM   626  C  CZ  . PHE A 1 79  ? -5.436  0.741   11.099  1.00 13.26 ? 79  PHE A CZ  1 
ATOM   627  N  N   . THR A 1 80  ? 1.519   -0.311  12.558  1.00 7.06  ? 80  THR A N   1 
ATOM   628  C  CA  . THR A 1 80  ? 2.795   -0.689  13.169  1.00 7.44  ? 80  THR A CA  1 
ATOM   629  C  C   . THR A 1 80  ? 2.824   -0.034  14.549  1.00 7.74  ? 80  THR A C   1 
ATOM   630  O  O   . THR A 1 80  ? 1.866   0.637   14.941  1.00 7.76  ? 80  THR A O   1 
ATOM   631  C  CB  . THR A 1 80  ? 4.027   -0.214  12.327  1.00 5.60  ? 80  THR A CB  1 
ATOM   632  O  OG1 . THR A 1 80  ? 4.002   1.209   12.194  1.00 8.35  ? 80  THR A OG1 1 
ATOM   633  C  CG2 . THR A 1 80  ? 4.006   -0.891  10.898  1.00 7.51  ? 80  THR A CG2 1 
ATOM   634  N  N   . TYR A 1 81  ? 3.920   -0.208  15.273  1.00 8.00  ? 81  TYR A N   1 
ATOM   635  C  CA  . TYR A 1 81  ? 3.989   0.326   16.625  1.00 8.37  ? 81  TYR A CA  1 
ATOM   636  C  C   . TYR A 1 81  ? 5.367   0.907   16.904  1.00 9.66  ? 81  TYR A C   1 
ATOM   637  O  O   . TYR A 1 81  ? 6.377   0.351   16.493  1.00 9.93  ? 81  TYR A O   1 
ATOM   638  C  CB  . TYR A 1 81  ? 3.708   -0.801  17.624  1.00 7.61  ? 81  TYR A CB  1 
ATOM   639  C  CG  . TYR A 1 81  ? 3.128   -0.323  18.930  1.00 9.50  ? 81  TYR A CG  1 
ATOM   640  C  CD1 . TYR A 1 81  ? 1.801   0.109   19.004  1.00 8.38  ? 81  TYR A CD1 1 
ATOM   641  C  CD2 . TYR A 1 81  ? 3.897   -0.322  20.108  1.00 11.04 ? 81  TYR A CD2 1 
ATOM   642  C  CE1 . TYR A 1 81  ? 1.241   0.535   20.217  1.00 11.38 ? 81  TYR A CE1 1 
ATOM   643  C  CE2 . TYR A 1 81  ? 3.350   0.101   21.322  1.00 12.79 ? 81  TYR A CE2 1 
ATOM   644  C  CZ  . TYR A 1 81  ? 2.020   0.528   21.372  1.00 12.49 ? 81  TYR A CZ  1 
ATOM   645  O  OH  . TYR A 1 81  ? 1.445   0.906   22.579  1.00 15.85 ? 81  TYR A OH  1 
ATOM   646  N  N   . ASP A 1 82  ? 5.395   2.037   17.588  1.00 9.78  ? 82  ASP A N   1 
ATOM   647  C  CA  . ASP A 1 82  ? 6.644   2.674   17.955  1.00 12.03 ? 82  ASP A CA  1 
ATOM   648  C  C   . ASP A 1 82  ? 6.553   2.681   19.486  1.00 13.15 ? 82  ASP A C   1 
ATOM   649  O  O   . ASP A 1 82  ? 5.607   3.238   20.057  1.00 15.15 ? 82  ASP A O   1 
ATOM   650  C  CB  . ASP A 1 82  ? 6.693   4.087   17.384  1.00 14.65 ? 82  ASP A CB  1 
ATOM   651  C  CG  . ASP A 1 82  ? 7.992   4.785   17.706  1.00 17.44 ? 82  ASP A CG  1 
ATOM   652  O  OD1 . ASP A 1 82  ? 8.183   5.118   18.878  1.00 19.79 ? 82  ASP A OD1 1 
ATOM   653  O  OD2 . ASP A 1 82  ? 8.827   4.979   16.792  1.00 20.00 ? 82  ASP A OD2 1 
ATOM   654  N  N   . PRO A 1 83  ? 7.525   2.044   20.172  1.00 14.72 ? 83  PRO A N   1 
ATOM   655  C  CA  . PRO A 1 83  ? 7.554   1.960   21.639  1.00 14.61 ? 83  PRO A CA  1 
ATOM   656  C  C   . PRO A 1 83  ? 7.562   3.287   22.350  1.00 16.40 ? 83  PRO A C   1 
ATOM   657  O  O   . PRO A 1 83  ? 7.310   3.336   23.561  1.00 16.98 ? 83  PRO A O   1 
ATOM   658  C  CB  . PRO A 1 83  ? 8.815   1.137   21.909  1.00 16.28 ? 83  PRO A CB  1 
ATOM   659  C  CG  . PRO A 1 83  ? 9.728   1.562   20.724  1.00 17.91 ? 83  PRO A CG  1 
ATOM   660  C  CD  . PRO A 1 83  ? 8.737   1.437   19.595  1.00 14.61 ? 83  PRO A CD  1 
ATOM   661  N  N   . TRP A 1 84  ? 7.857   4.372   21.628  1.00 15.72 ? 84  TRP A N   1 
ATOM   662  C  CA  . TRP A 1 84  ? 7.878   5.673   22.281  1.00 19.41 ? 84  TRP A CA  1 
ATOM   663  C  C   . TRP A 1 84  ? 6.582   6.467   22.181  1.00 19.24 ? 84  TRP A C   1 
ATOM   664  O  O   . TRP A 1 84  ? 6.234   7.204   23.112  1.00 19.50 ? 84  TRP A O   1 
ATOM   665  C  CB  . TRP A 1 84  ? 9.027   6.524   21.734  1.00 20.01 ? 84  TRP A CB  1 
ATOM   666  C  CG  . TRP A 1 84  ? 10.370  5.951   22.049  1.00 24.05 ? 84  TRP A CG  1 
ATOM   667  C  CD1 . TRP A 1 84  ? 10.634  4.895   22.878  1.00 24.54 ? 84  TRP A CD1 1 
ATOM   668  C  CD2 . TRP A 1 84  ? 11.627  6.382   21.539  1.00 24.67 ? 84  TRP A CD2 1 
ATOM   669  N  NE1 . TRP A 1 84  ? 11.971  4.639   22.912  1.00 26.04 ? 84  TRP A NE1 1 
ATOM   670  C  CE2 . TRP A 1 84  ? 12.612  5.534   22.098  1.00 27.07 ? 84  TRP A CE2 1 
ATOM   671  C  CE3 . TRP A 1 84  ? 12.023  7.396   20.658  1.00 27.36 ? 84  TRP A CE3 1 
ATOM   672  C  CZ2 . TRP A 1 84  ? 13.977  5.669   21.806  1.00 27.71 ? 84  TRP A CZ2 1 
ATOM   673  C  CZ3 . TRP A 1 84  ? 13.382  7.532   20.362  1.00 28.01 ? 84  TRP A CZ3 1 
ATOM   674  C  CH2 . TRP A 1 84  ? 14.341  6.671   20.936  1.00 28.57 ? 84  TRP A CH2 1 
ATOM   675  N  N   . ILE A 1 85  ? 5.878   6.311   21.053  1.00 20.31 ? 85  ILE A N   1 
ATOM   676  C  CA  . ILE A 1 85  ? 4.630   7.038   20.775  1.00 20.71 ? 85  ILE A CA  1 
ATOM   677  C  C   . ILE A 1 85  ? 3.380   6.179   20.496  1.00 19.50 ? 85  ILE A C   1 
ATOM   678  O  O   . ILE A 1 85  ? 2.281   6.695   20.477  1.00 20.93 ? 85  ILE A O   1 
ATOM   679  C  CB  . ILE A 1 85  ? 4.828   7.986   19.571  1.00 21.30 ? 85  ILE A CB  1 
ATOM   680  C  CG1 . ILE A 1 85  ? 5.258   7.167   18.357  1.00 21.67 ? 85  ILE A CG1 1 
ATOM   681  C  CG2 . ILE A 1 85  ? 5.872   9.073   19.912  1.00 23.20 ? 85  ILE A CG2 1 
ATOM   682  C  CD1 . ILE A 1 85  ? 5.754   7.982   17.177  1.00 24.73 ? 85  ILE A CD1 1 
ATOM   683  N  N   . GLY A 1 86  ? 3.542   4.877   20.274  1.00 18.18 ? 86  GLY A N   1 
ATOM   684  C  CA  . GLY A 1 86  ? 2.388   4.031   20.036  1.00 14.54 ? 86  GLY A CA  1 
ATOM   685  C  C   . GLY A 1 86  ? 2.032   3.726   18.568  1.00 14.27 ? 86  GLY A C   1 
ATOM   686  O  O   . GLY A 1 86  ? 2.919   3.633   17.719  1.00 12.31 ? 86  GLY A O   1 
ATOM   687  N  N   . LYS A 1 87  ? 0.722   3.616   18.312  1.00 11.80 ? 87  LYS A N   1 
ATOM   688  C  CA  . LYS A 1 87  ? 0.142   3.244   17.008  1.00 12.11 ? 87  LYS A CA  1 
ATOM   689  C  C   . LYS A 1 87  ? 0.482   4.152   15.836  1.00 9.27  ? 87  LYS A C   1 
ATOM   690  O  O   . LYS A 1 87  ? 0.448   5.369   15.950  1.00 8.58  ? 87  LYS A O   1 
ATOM   691  C  CB  . LYS A 1 87  ? -1.386  3.134   17.133  1.00 13.33 ? 87  LYS A CB  1 
ATOM   692  C  CG  . LYS A 1 87  ? -1.862  1.999   18.031  1.00 13.95 ? 87  LYS A CG  1 
ATOM   693  C  CD  . LYS A 1 87  ? -3.345  2.081   18.371  1.00 15.79 ? 87  LYS A CD  1 
ATOM   694  C  CE  . LYS A 1 87  ? -3.677  3.271   19.292  1.00 17.90 ? 87  LYS A CE  1 
ATOM   695  N  NZ  . LYS A 1 87  ? -5.109  3.166   19.679  1.00 21.08 ? 87  LYS A NZ  1 
ATOM   696  N  N   . LEU A 1 88  ? 0.830   3.518   14.721  1.00 7.72  ? 88  LEU A N   1 
ATOM   697  C  CA  . LEU A 1 88  ? 1.160   4.177   13.488  1.00 7.36  ? 88  LEU A CA  1 
ATOM   698  C  C   . LEU A 1 88  ? 0.425   3.484   12.341  1.00 4.43  ? 88  LEU A C   1 
ATOM   699  O  O   . LEU A 1 88  ? 0.129   2.301   12.405  1.00 6.27  ? 88  LEU A O   1 
ATOM   700  C  CB  . LEU A 1 88  ? 2.663   4.107   13.208  1.00 6.61  ? 88  LEU A CB  1 
ATOM   701  C  CG  . LEU A 1 88  ? 3.662   4.807   14.145  1.00 10.54 ? 88  LEU A CG  1 
ATOM   702  C  CD1 . LEU A 1 88  ? 5.065   4.466   13.618  1.00 11.31 ? 88  LEU A CD1 1 
ATOM   703  C  CD2 . LEU A 1 88  ? 3.476   6.331   14.125  1.00 9.89  ? 88  LEU A CD2 1 
ATOM   704  N  N   . LEU A 1 89  ? 0.131   4.229   11.296  1.00 5.17  ? 89  LEU A N   1 
ATOM   705  C  CA  . LEU A 1 89  ? -0.501  3.630   10.125  1.00 6.04  ? 89  LEU A CA  1 
ATOM   706  C  C   . LEU A 1 89  ? 0.629   3.645   9.081   1.00 5.36  ? 89  LEU A C   1 
ATOM   707  O  O   . LEU A 1 89  ? 1.188   4.674   8.749   1.00 8.39  ? 89  LEU A O   1 
ATOM   708  C  CB  . LEU A 1 89  ? -1.744  4.436   9.667   1.00 5.25  ? 89  LEU A CB  1 
ATOM   709  C  CG  . LEU A 1 89  ? -2.471  3.679   8.533   1.00 9.20  ? 89  LEU A CG  1 
ATOM   710  C  CD1 . LEU A 1 89  ? -3.940  4.132   8.445   1.00 10.62 ? 89  LEU A CD1 1 
ATOM   711  C  CD2 . LEU A 1 89  ? -1.720  3.888   7.183   1.00 6.12  ? 89  LEU A CD2 1 
ATOM   712  N  N   . TYR A 1 90  ? 0.993   2.481   8.581   1.00 6.21  ? 90  TYR A N   1 
ATOM   713  C  CA  . TYR A 1 90  ? 2.107   2.418   7.640   1.00 6.59  ? 90  TYR A CA  1 
ATOM   714  C  C   . TYR A 1 90  ? 1.562   2.138   6.262   1.00 3.88  ? 90  TYR A C   1 
ATOM   715  O  O   . TYR A 1 90  ? 0.983   1.097   6.008   1.00 3.94  ? 90  TYR A O   1 
ATOM   716  C  CB  . TYR A 1 90  ? 3.128   1.325   8.063   1.00 5.57  ? 90  TYR A CB  1 
ATOM   717  C  CG  . TYR A 1 90  ? 4.440   1.386   7.278   1.00 7.15  ? 90  TYR A CG  1 
ATOM   718  C  CD1 . TYR A 1 90  ? 5.521   2.144   7.739   1.00 6.84  ? 90  TYR A CD1 1 
ATOM   719  C  CD2 . TYR A 1 90  ? 4.536   0.790   5.999   1.00 7.06  ? 90  TYR A CD2 1 
ATOM   720  C  CE1 . TYR A 1 90  ? 6.672   2.338   6.928   1.00 7.56  ? 90  TYR A CE1 1 
ATOM   721  C  CE2 . TYR A 1 90  ? 5.670   0.957   5.195   1.00 7.19  ? 90  TYR A CE2 1 
ATOM   722  C  CZ  . TYR A 1 90  ? 6.723   1.745   5.652   1.00 9.63  ? 90  TYR A CZ  1 
ATOM   723  O  OH  . TYR A 1 90  ? 7.770   2.054   4.802   1.00 7.43  ? 90  TYR A OH  1 
ATOM   724  N  N   . LEU A 1 91  ? 1.800   3.079   5.356   1.00 6.21  ? 91  LEU A N   1 
ATOM   725  C  CA  . LEU A 1 91  ? 1.290   2.955   3.999   1.00 6.06  ? 91  LEU A CA  1 
ATOM   726  C  C   . LEU A 1 91  ? 2.424   2.306   3.169   1.00 5.79  ? 91  LEU A C   1 
ATOM   727  O  O   . LEU A 1 91  ? 3.476   2.909   2.928   1.00 6.13  ? 91  LEU A O   1 
ATOM   728  C  CB  . LEU A 1 91  ? 0.922   4.357   3.477   1.00 6.70  ? 91  LEU A CB  1 
ATOM   729  C  CG  . LEU A 1 91  ? 0.622   4.514   1.982   1.00 6.61  ? 91  LEU A CG  1 
ATOM   730  C  CD1 . LEU A 1 91  ? -0.608  3.671   1.563   1.00 6.17  ? 91  LEU A CD1 1 
ATOM   731  C  CD2 . LEU A 1 91  ? 0.428   6.001   1.687   1.00 7.65  ? 91  LEU A CD2 1 
ATOM   732  N  N   . GLU A 1 92  ? 2.169   1.080   2.727   1.00 5.42  ? 92  GLU A N   1 
ATOM   733  C  CA  . GLU A 1 92  ? 3.147   0.255   1.986   1.00 6.79  ? 92  GLU A CA  1 
ATOM   734  C  C   . GLU A 1 92  ? 3.203   0.407   0.442   1.00 7.36  ? 92  GLU A C   1 
ATOM   735  O  O   . GLU A 1 92  ? 4.291   0.531   -0.132  1.00 7.67  ? 92  GLU A O   1 
ATOM   736  C  CB  . GLU A 1 92  ? 2.867   -1.211  2.378   1.00 9.66  ? 92  GLU A CB  1 
ATOM   737  C  CG  . GLU A 1 92  ? 3.777   -2.294  1.772   1.00 10.53 ? 92  GLU A CG  1 
ATOM   738  C  CD  . GLU A 1 92  ? 5.217   -2.143  2.158   1.00 13.01 ? 92  GLU A CD  1 
ATOM   739  O  OE1 . GLU A 1 92  ? 5.493   -1.750  3.319   1.00 11.25 ? 92  GLU A OE1 1 
ATOM   740  O  OE2 . GLU A 1 92  ? 6.090   -2.405  1.292   1.00 12.60 ? 92  GLU A OE2 1 
ATOM   741  N  N   . ASP A 1 93  ? 2.035   0.354   -0.214  1.00 6.92  ? 93  ASP A N   1 
ATOM   742  C  CA  . ASP A 1 93  ? 1.886   0.492   -1.658  1.00 7.97  ? 93  ASP A CA  1 
ATOM   743  C  C   . ASP A 1 93  ? 0.798   1.511   -1.908  1.00 7.51  ? 93  ASP A C   1 
ATOM   744  O  O   . ASP A 1 93  ? -0.200  1.545   -1.208  1.00 7.27  ? 93  ASP A O   1 
ATOM   745  C  CB  . ASP A 1 93  ? 1.430   -0.829  -2.301  1.00 8.83  ? 93  ASP A CB  1 
ATOM   746  C  CG  . ASP A 1 93  ? 2.550   -1.553  -2.961  1.00 13.40 ? 93  ASP A CG  1 
ATOM   747  O  OD1 . ASP A 1 93  ? 3.716   -1.219  -2.645  1.00 13.43 ? 93  ASP A OD1 1 
ATOM   748  O  OD2 . ASP A 1 93  ? 2.263   -2.462  -3.794  1.00 17.75 ? 93  ASP A OD2 1 
ATOM   749  N  N   . PHE A 1 94  ? 0.965   2.327   -2.936  1.00 9.21  ? 94  PHE A N   1 
ATOM   750  C  CA  . PHE A 1 94  ? -0.031  3.349   -3.243  1.00 7.73  ? 94  PHE A CA  1 
ATOM   751  C  C   . PHE A 1 94  ? 0.155   3.551   -4.758  1.00 10.19 ? 94  PHE A C   1 
ATOM   752  O  O   . PHE A 1 94  ? 1.220   3.960   -5.195  1.00 10.65 ? 94  PHE A O   1 
ATOM   753  C  CB  . PHE A 1 94  ? 0.303   4.637   -2.467  1.00 8.48  ? 94  PHE A CB  1 
ATOM   754  C  CG  . PHE A 1 94  ? -0.672  5.766   -2.694  1.00 9.47  ? 94  PHE A CG  1 
ATOM   755  C  CD1 . PHE A 1 94  ? -2.009  5.497   -3.007  1.00 10.11 ? 94  PHE A CD1 1 
ATOM   756  C  CD2 . PHE A 1 94  ? -0.283  7.087   -2.478  1.00 11.76 ? 94  PHE A CD2 1 
ATOM   757  C  CE1 . PHE A 1 94  ? -2.939  6.520   -3.078  1.00 12.29 ? 94  PHE A CE1 1 
ATOM   758  C  CE2 . PHE A 1 94  ? -1.226  8.147   -2.554  1.00 13.89 ? 94  PHE A CE2 1 
ATOM   759  C  CZ  . PHE A 1 94  ? -2.546  7.854   -2.846  1.00 12.23 ? 94  PHE A CZ  1 
ATOM   760  N  N   . PHE A 1 95  ? -0.887  3.285   -5.545  1.00 10.76 ? 95  PHE A N   1 
ATOM   761  C  CA  . PHE A 1 95  ? -0.758  3.362   -6.996  1.00 11.31 ? 95  PHE A CA  1 
ATOM   762  C  C   . PHE A 1 95  ? -2.093  3.560   -7.710  1.00 9.55  ? 95  PHE A C   1 
ATOM   763  O  O   . PHE A 1 95  ? -3.106  2.973   -7.315  1.00 8.09  ? 95  PHE A O   1 
ATOM   764  C  CB  . PHE A 1 95  ? -0.111  2.036   -7.494  1.00 11.03 ? 95  PHE A CB  1 
ATOM   765  C  CG  . PHE A 1 95  ? -0.035  1.901   -8.998  1.00 13.46 ? 95  PHE A CG  1 
ATOM   766  C  CD1 . PHE A 1 95  ? 1.037   2.432   -9.709  1.00 10.99 ? 95  PHE A CD1 1 
ATOM   767  C  CD2 . PHE A 1 95  ? -1.033  1.213   -9.695  1.00 12.76 ? 95  PHE A CD2 1 
ATOM   768  C  CE1 . PHE A 1 95  ? 1.119   2.282   -11.098 1.00 13.09 ? 95  PHE A CE1 1 
ATOM   769  C  CE2 . PHE A 1 95  ? -0.963  1.060   -11.091 1.00 13.70 ? 95  PHE A CE2 1 
ATOM   770  C  CZ  . PHE A 1 95  ? 0.107   1.593   -11.788 1.00 11.37 ? 95  PHE A CZ  1 
ATOM   771  N  N   . VAL A 1 96  ? -2.100  4.453   -8.709  1.00 9.38  ? 96  VAL A N   1 
ATOM   772  C  CA  . VAL A 1 96  ? -3.289  4.677   -9.544  1.00 8.37  ? 96  VAL A CA  1 
ATOM   773  C  C   . VAL A 1 96  ? -2.784  4.480   -10.989 1.00 8.54  ? 96  VAL A C   1 
ATOM   774  O  O   . VAL A 1 96  ? -1.706  4.961   -11.348 1.00 8.29  ? 96  VAL A O   1 
ATOM   775  C  CB  . VAL A 1 96  ? -3.879  6.129   -9.378  1.00 7.34  ? 96  VAL A CB  1 
ATOM   776  C  CG1 . VAL A 1 96  ? -5.003  6.370   -10.435 1.00 11.24 ? 96  VAL A CG1 1 
ATOM   777  C  CG2 . VAL A 1 96  ? -4.534  6.298   -7.967  1.00 7.27  ? 96  VAL A CG2 1 
HETATM 778  N  N   . MSE A 1 97  ? -3.559  3.767   -11.806 1.00 10.11 ? 97  MSE A N   1 
HETATM 779  C  CA  . MSE A 1 97  ? -3.188  3.490   -13.181 1.00 12.22 ? 97  MSE A CA  1 
HETATM 780  C  C   . MSE A 1 97  ? -2.990  4.810   -13.932 1.00 11.58 ? 97  MSE A C   1 
HETATM 781  O  O   . MSE A 1 97  ? -3.682  5.785   -13.670 1.00 10.40 ? 97  MSE A O   1 
HETATM 782  C  CB  . MSE A 1 97  ? -4.269  2.639   -13.858 1.00 14.98 ? 97  MSE A CB  1 
HETATM 783  C  CG  . MSE A 1 97  ? -4.365  1.207   -13.331 1.00 17.60 ? 97  MSE A CG  1 
HETATM 784  SE SE  . MSE A 1 97  ? -5.904  0.269   -14.088 1.00 26.17 ? 97  MSE A SE  1 
HETATM 785  C  CE  . MSE A 1 97  ? -5.173  0.073   -15.888 1.00 23.00 ? 97  MSE A CE  1 
ATOM   786  N  N   . SER A 1 98  ? -2.035  4.815   -14.866 1.00 12.43 ? 98  SER A N   1 
ATOM   787  C  CA  . SER A 1 98  ? -1.674  6.021   -15.615 1.00 15.14 ? 98  SER A CA  1 
ATOM   788  C  C   . SER A 1 98  ? -2.850  6.808   -16.140 1.00 15.41 ? 98  SER A C   1 
ATOM   789  O  O   . SER A 1 98  ? -3.006  7.979   -15.832 1.00 16.14 ? 98  SER A O   1 
ATOM   790  C  CB  . SER A 1 98  ? -0.757  5.658   -16.796 1.00 16.65 ? 98  SER A CB  1 
ATOM   791  O  OG  . SER A 1 98  ? -0.040  6.819   -17.195 1.00 21.99 ? 98  SER A OG  1 
ATOM   792  N  N   . ASP A 1 99  ? -3.683  6.145   -16.932 1.00 15.64 ? 99  ASP A N   1 
ATOM   793  C  CA  . ASP A 1 99  ? -4.846  6.791   -17.518 1.00 17.37 ? 99  ASP A CA  1 
ATOM   794  C  C   . ASP A 1 99  ? -5.855  7.299   -16.496 1.00 17.97 ? 99  ASP A C   1 
ATOM   795  O  O   . ASP A 1 99  ? -6.812  7.980   -16.864 1.00 14.75 ? 99  ASP A O   1 
ATOM   796  C  CB  . ASP A 1 99  ? -5.538  5.823   -18.485 1.00 19.81 ? 99  ASP A CB  1 
ATOM   797  C  CG  . ASP A 1 99  ? -4.725  5.595   -19.759 1.00 22.53 ? 99  ASP A CG  1 
ATOM   798  O  OD1 . ASP A 1 99  ? -3.654  6.224   -19.881 1.00 23.53 ? 99  ASP A OD1 1 
ATOM   799  O  OD2 . ASP A 1 99  ? -5.154  4.811   -20.644 1.00 24.44 ? 99  ASP A OD2 1 
ATOM   800  N  N   . TYR A 1 100 ? -5.653  6.979   -15.214 1.00 15.05 ? 100 TYR A N   1 
ATOM   801  C  CA  . TYR A 1 100 ? -6.623  7.433   -14.223 1.00 14.67 ? 100 TYR A CA  1 
ATOM   802  C  C   . TYR A 1 100 ? -6.117  8.418   -13.182 1.00 13.50 ? 100 TYR A C   1 
ATOM   803  O  O   . TYR A 1 100 ? -6.863  8.738   -12.249 1.00 13.01 ? 100 TYR A O   1 
ATOM   804  C  CB  . TYR A 1 100 ? -7.279  6.222   -13.536 1.00 15.29 ? 100 TYR A CB  1 
ATOM   805  C  CG  . TYR A 1 100 ? -8.104  5.377   -14.478 1.00 14.40 ? 100 TYR A CG  1 
ATOM   806  C  CD1 . TYR A 1 100 ? -9.457  5.639   -14.676 1.00 16.60 ? 100 TYR A CD1 1 
ATOM   807  C  CD2 . TYR A 1 100 ? -7.508  4.363   -15.240 1.00 16.79 ? 100 TYR A CD2 1 
ATOM   808  C  CE1 . TYR A 1 100 ? -10.206 4.925   -15.614 1.00 17.45 ? 100 TYR A CE1 1 
ATOM   809  C  CE2 . TYR A 1 100 ? -8.244  3.638   -16.189 1.00 15.87 ? 100 TYR A CE2 1 
ATOM   810  C  CZ  . TYR A 1 100 ? -9.592  3.924   -16.372 1.00 18.33 ? 100 TYR A CZ  1 
ATOM   811  O  OH  . TYR A 1 100 ? -10.334 3.206   -17.286 1.00 18.18 ? 100 TYR A OH  1 
ATOM   812  N  N   . ARG A 1 101 ? -4.867  8.894   -13.365 1.00 12.71 ? 101 ARG A N   1 
ATOM   813  C  CA  . ARG A 1 101 ? -4.199  9.845   -12.472 1.00 14.09 ? 101 ARG A CA  1 
ATOM   814  C  C   . ARG A 1 101 ? -4.612  11.293  -12.731 1.00 15.91 ? 101 ARG A C   1 
ATOM   815  O  O   . ARG A 1 101 ? -5.087  11.626  -13.818 1.00 14.49 ? 101 ARG A O   1 
ATOM   816  C  CB  . ARG A 1 101 ? -2.663  9.768   -12.629 1.00 12.08 ? 101 ARG A CB  1 
ATOM   817  C  CG  . ARG A 1 101 ? -2.080  8.413   -12.304 1.00 12.99 ? 101 ARG A CG  1 
ATOM   818  C  CD  . ARG A 1 101 ? -0.570  8.371   -12.452 1.00 16.33 ? 101 ARG A CD  1 
ATOM   819  N  NE  . ARG A 1 101 ? -0.185  6.978   -12.304 1.00 16.76 ? 101 ARG A NE  1 
ATOM   820  C  CZ  . ARG A 1 101 ? 0.881   6.412   -12.841 1.00 14.75 ? 101 ARG A CZ  1 
ATOM   821  N  NH1 . ARG A 1 101 ? 1.726   7.125   -13.571 1.00 13.29 ? 101 ARG A NH1 1 
ATOM   822  N  NH2 . ARG A 1 101 ? 1.054   5.091   -12.709 1.00 13.77 ? 101 ARG A NH2 1 
ATOM   823  N  N   . GLY A 1 102 ? -4.389  12.149  -11.740 1.00 15.17 ? 102 GLY A N   1 
ATOM   824  C  CA  . GLY A 1 102 ? -4.745  13.549  -11.879 1.00 16.83 ? 102 GLY A CA  1 
ATOM   825  C  C   . GLY A 1 102 ? -6.229  13.863  -11.883 1.00 17.65 ? 102 GLY A C   1 
ATOM   826  O  O   . GLY A 1 102 ? -6.647  14.958  -12.297 1.00 18.10 ? 102 GLY A O   1 
ATOM   827  N  N   . PHE A 1 103 ? -7.033  12.915  -11.423 1.00 18.23 ? 103 PHE A N   1 
ATOM   828  C  CA  . PHE A 1 103 ? -8.488  13.061  -11.360 1.00 17.93 ? 103 PHE A CA  1 
ATOM   829  C  C   . PHE A 1 103 ? -8.949  13.228  -9.909  1.00 17.89 ? 103 PHE A C   1 
ATOM   830  O  O   . PHE A 1 103 ? -10.140 13.437  -9.656  1.00 17.78 ? 103 PHE A O   1 
ATOM   831  C  CB  . PHE A 1 103 ? -9.181  11.807  -11.887 1.00 23.08 ? 103 PHE A CB  1 
ATOM   832  C  CG  . PHE A 1 103 ? -9.097  11.619  -13.389 1.00 27.02 ? 103 PHE A CG  1 
ATOM   833  C  CD1 . PHE A 1 103 ? -7.956  11.986  -14.102 1.00 29.21 ? 103 PHE A CD1 1 
ATOM   834  C  CD2 . PHE A 1 103 ? -10.149 11.005  -14.068 1.00 29.95 ? 103 PHE A CD2 1 
ATOM   835  C  CE1 . PHE A 1 103 ? -7.857  11.743  -15.487 1.00 31.87 ? 103 PHE A CE1 1 
ATOM   836  C  CE2 . PHE A 1 103 ? -10.076 10.749  -15.450 1.00 31.10 ? 103 PHE A CE2 1 
ATOM   837  C  CZ  . PHE A 1 103 ? -8.933  11.116  -16.160 1.00 31.91 ? 103 PHE A CZ  1 
ATOM   838  N  N   . GLY A 1 104 ? -8.022  13.092  -8.956  1.00 14.48 ? 104 GLY A N   1 
ATOM   839  C  CA  . GLY A 1 104 ? -8.396  13.203  -7.552  1.00 12.63 ? 104 GLY A CA  1 
ATOM   840  C  C   . GLY A 1 104 ? -8.531  11.850  -6.847  1.00 9.92  ? 104 GLY A C   1 
ATOM   841  O  O   . GLY A 1 104 ? -8.862  11.783  -5.664  1.00 9.41  ? 104 GLY A O   1 
ATOM   842  N  N   . ILE A 1 105 ? -8.262  10.756  -7.555  1.00 9.30  ? 105 ILE A N   1 
ATOM   843  C  CA  . ILE A 1 105 ? -8.387  9.439   -6.924  1.00 8.13  ? 105 ILE A CA  1 
ATOM   844  C  C   . ILE A 1 105 ? -7.356  9.268   -5.781  1.00 8.54  ? 105 ILE A C   1 
ATOM   845  O  O   . ILE A 1 105 ? -7.723  8.860   -4.674  1.00 9.08  ? 105 ILE A O   1 
ATOM   846  C  CB  . ILE A 1 105 ? -8.208  8.295   -7.953  1.00 9.54  ? 105 ILE A CB  1 
ATOM   847  C  CG1 . ILE A 1 105 ? -9.397  8.311   -8.926  1.00 9.27  ? 105 ILE A CG1 1 
ATOM   848  C  CG2 . ILE A 1 105 ? -8.004  6.938   -7.227  1.00 8.90  ? 105 ILE A CG2 1 
ATOM   849  C  CD1 . ILE A 1 105 ? -9.399  7.206   -10.028 1.00 10.47 ? 105 ILE A CD1 1 
ATOM   850  N  N   . GLY A 1 106 ? -6.094  9.590   -6.044  1.00 8.85  ? 106 GLY A N   1 
ATOM   851  C  CA  . GLY A 1 106 ? -5.075  9.427   -5.011  1.00 9.97  ? 106 GLY A CA  1 
ATOM   852  C  C   . GLY A 1 106 ? -5.359  10.331  -3.810  1.00 9.73  ? 106 GLY A C   1 
ATOM   853  O  O   . GLY A 1 106 ? -5.157  9.939   -2.658  1.00 7.07  ? 106 GLY A O   1 
ATOM   854  N  N   . SER A 1 107 ? -5.820  11.557  -4.075  1.00 9.01  ? 107 SER A N   1 
ATOM   855  C  CA  . SER A 1 107 ? -6.137  12.454  -2.946  1.00 9.87  ? 107 SER A CA  1 
ATOM   856  C  C   . SER A 1 107 ? -7.252  11.874  -2.072  1.00 10.53 ? 107 SER A C   1 
ATOM   857  O  O   . SER A 1 107 ? -7.202  11.974  -0.845  1.00 9.67  ? 107 SER A O   1 
ATOM   858  C  CB  . SER A 1 107 ? -6.555  13.843  -3.430  1.00 12.07 ? 107 SER A CB  1 
ATOM   859  O  OG  . SER A 1 107 ? -5.549  14.442  -4.201  1.00 14.41 ? 107 SER A OG  1 
ATOM   860  N  N   . GLU A 1 108 ? -8.267  11.280  -2.690  1.00 11.05 ? 108 GLU A N   1 
ATOM   861  C  CA  . GLU A 1 108 ? -9.376  10.727  -1.919  1.00 10.21 ? 108 GLU A CA  1 
ATOM   862  C  C   . GLU A 1 108 ? -8.960  9.473   -1.182  1.00 9.53  ? 108 GLU A C   1 
ATOM   863  O  O   . GLU A 1 108 ? -9.456  9.220   -0.088  1.00 7.80  ? 108 GLU A O   1 
ATOM   864  C  CB  . GLU A 1 108 ? -10.584 10.447  -2.809  1.00 12.11 ? 108 GLU A CB  1 
ATOM   865  C  CG  . GLU A 1 108 ? -11.833 10.050  -2.049  1.00 18.93 ? 108 GLU A CG  1 
ATOM   866  C  CD  . GLU A 1 108 ? -12.473 11.221  -1.312  1.00 23.41 ? 108 GLU A CD  1 
ATOM   867  O  OE1 . GLU A 1 108 ? -12.198 12.381  -1.679  1.00 24.69 ? 108 GLU A OE1 1 
ATOM   868  O  OE2 . GLU A 1 108 ? -13.261 10.982  -0.369  1.00 27.65 ? 108 GLU A OE2 1 
ATOM   869  N  N   . ILE A 1 109 ? -8.076  8.668   -1.782  1.00 9.47  ? 109 ILE A N   1 
ATOM   870  C  CA  . ILE A 1 109 ? -7.575  7.502   -1.065  1.00 7.77  ? 109 ILE A CA  1 
ATOM   871  C  C   . ILE A 1 109 ? -6.809  7.978   0.199   1.00 7.48  ? 109 ILE A C   1 
ATOM   872  O  O   . ILE A 1 109 ? -6.992  7.409   1.288   1.00 6.94  ? 109 ILE A O   1 
ATOM   873  C  CB  . ILE A 1 109 ? -6.639  6.656   -1.950  1.00 6.99  ? 109 ILE A CB  1 
ATOM   874  C  CG1 . ILE A 1 109 ? -7.481  5.894   -2.981  1.00 9.50  ? 109 ILE A CG1 1 
ATOM   875  C  CG2 . ILE A 1 109 ? -5.846  5.634   -1.071  1.00 8.64  ? 109 ILE A CG2 1 
ATOM   876  C  CD1 . ILE A 1 109 ? -6.698  5.406   -4.184  1.00 9.47  ? 109 ILE A CD1 1 
ATOM   877  N  N   . LEU A 1 110 ? -5.974  9.019   0.066   1.00 6.78  ? 110 LEU A N   1 
ATOM   878  C  CA  . LEU A 1 110 ? -5.223  9.516   1.222   1.00 9.09  ? 110 LEU A CA  1 
ATOM   879  C  C   . LEU A 1 110 ? -6.147  10.101  2.327   1.00 10.19 ? 110 LEU A C   1 
ATOM   880  O  O   . LEU A 1 110 ? -5.837  10.023  3.547   1.00 8.07  ? 110 LEU A O   1 
ATOM   881  C  CB  . LEU A 1 110 ? -4.162  10.556  0.771   1.00 10.37 ? 110 LEU A CB  1 
ATOM   882  C  CG  . LEU A 1 110 ? -2.997  10.851  1.742   1.00 12.95 ? 110 LEU A CG  1 
ATOM   883  C  CD1 . LEU A 1 110 ? -2.324  9.548   2.112   1.00 15.46 ? 110 LEU A CD1 1 
ATOM   884  C  CD2 . LEU A 1 110 ? -1.943  11.825  1.125   1.00 13.55 ? 110 LEU A CD2 1 
ATOM   885  N  N   . LYS A 1 111 ? -7.260  10.706  1.905   1.00 10.91 ? 111 LYS A N   1 
ATOM   886  C  CA  . LYS A 1 111 ? -8.252  11.249  2.853   1.00 11.18 ? 111 LYS A CA  1 
ATOM   887  C  C   . LYS A 1 111 ? -8.854  10.088  3.601   1.00 9.50  ? 111 LYS A C   1 
ATOM   888  O  O   . LYS A 1 111 ? -9.079  10.174  4.820   1.00 8.85  ? 111 LYS A O   1 
ATOM   889  C  CB  . LYS A 1 111 ? -9.410  11.982  2.118   1.00 14.01 ? 111 LYS A CB  1 
ATOM   890  C  CG  . LYS A 1 111 ? -10.627 12.299  3.039   1.00 17.85 ? 111 LYS A CG  1 
ATOM   891  C  CD  . LYS A 1 111 ? -11.731 13.071  2.274   1.00 20.12 ? 111 LYS A CD  1 
ATOM   892  C  CE  . LYS A 1 111 ? -12.415 14.087  3.189   1.00 24.03 ? 111 LYS A CE  1 
ATOM   893  N  NZ  . LYS A 1 111 ? -13.011 15.237  2.409   1.00 27.78 ? 111 LYS A NZ  1 
ATOM   894  N  N   . ASN A 1 112 ? -9.162  9.015   2.872   1.00 8.79  ? 112 ASN A N   1 
ATOM   895  C  CA  . ASN A 1 112 ? -9.734  7.841   3.514   1.00 10.52 ? 112 ASN A CA  1 
ATOM   896  C  C   . ASN A 1 112 ? -8.760  7.196   4.496   1.00 10.16 ? 112 ASN A C   1 
ATOM   897  O  O   . ASN A 1 112 ? -9.162  6.750   5.566   1.00 6.73  ? 112 ASN A O   1 
ATOM   898  C  CB  . ASN A 1 112 ? -10.174 6.804   2.491   1.00 14.12 ? 112 ASN A CB  1 
ATOM   899  C  CG  . ASN A 1 112 ? -11.472 7.174   1.826   1.00 20.87 ? 112 ASN A CG  1 
ATOM   900  O  OD1 . ASN A 1 112 ? -11.531 8.134   1.057   1.00 25.42 ? 112 ASN A OD1 1 
ATOM   901  N  ND2 . ASN A 1 112 ? -12.525 6.425   2.116   1.00 22.68 ? 112 ASN A ND2 1 
ATOM   902  N  N   . LEU A 1 113 ? -7.493  7.126   4.105   1.00 8.89  ? 113 LEU A N   1 
ATOM   903  C  CA  . LEU A 1 113 ? -6.458  6.565   4.976   1.00 9.38  ? 113 LEU A CA  1 
ATOM   904  C  C   . LEU A 1 113 ? -6.328  7.415   6.250   1.00 9.69  ? 113 LEU A C   1 
ATOM   905  O  O   . LEU A 1 113 ? -6.165  6.890   7.337   1.00 10.13 ? 113 LEU A O   1 
ATOM   906  C  CB  . LEU A 1 113 ? -5.121  6.536   4.246   1.00 8.78  ? 113 LEU A CB  1 
ATOM   907  C  CG  . LEU A 1 113 ? -5.059  5.499   3.125   1.00 10.67 ? 113 LEU A CG  1 
ATOM   908  C  CD1 . LEU A 1 113 ? -3.773  5.702   2.368   1.00 8.03  ? 113 LEU A CD1 1 
ATOM   909  C  CD2 . LEU A 1 113 ? -5.101  4.069   3.724   1.00 13.83 ? 113 LEU A CD2 1 
ATOM   910  N  N   . SER A 1 114 ? -6.434  8.734   6.100   1.00 9.90  ? 114 SER A N   1 
ATOM   911  C  CA  . SER A 1 114 ? -6.344  9.663   7.202   1.00 8.79  ? 114 SER A CA  1 
ATOM   912  C  C   . SER A 1 114 ? -7.476  9.435   8.215   1.00 8.76  ? 114 SER A C   1 
ATOM   913  O  O   . SER A 1 114 ? -7.286  9.559   9.442   1.00 7.42  ? 114 SER A O   1 
ATOM   914  C  CB  . SER A 1 114 ? -6.385  11.077  6.647   1.00 10.19 ? 114 SER A CB  1 
ATOM   915  O  OG  . SER A 1 114 ? -5.218  11.366  5.893   1.00 13.82 ? 114 SER A OG  1 
ATOM   916  N  N   . GLN A 1 115 ? -8.659  9.143   7.698   1.00 7.31  ? 115 GLN A N   1 
ATOM   917  C  CA  . GLN A 1 115 ? -9.801  8.854   8.554   1.00 8.83  ? 115 GLN A CA  1 
ATOM   918  C  C   . GLN A 1 115 ? -9.579  7.546   9.309   1.00 8.32  ? 115 GLN A C   1 
ATOM   919  O  O   . GLN A 1 115 ? -9.942  7.430   10.489  1.00 6.19  ? 115 GLN A O   1 
ATOM   920  C  CB  . GLN A 1 115 ? -11.077 8.826   7.709   1.00 10.47 ? 115 GLN A CB  1 
ATOM   921  C  CG  . GLN A 1 115 ? -11.466 10.247  7.286   1.00 9.44  ? 115 GLN A CG  1 
ATOM   922  C  CD  . GLN A 1 115 ? -12.607 10.289  6.274   1.00 16.30 ? 115 GLN A CD  1 
ATOM   923  O  OE1 . GLN A 1 115 ? -13.084 11.380  5.901   1.00 17.39 ? 115 GLN A OE1 1 
ATOM   924  N  NE2 . GLN A 1 115 ? -13.044 9.126   5.821   1.00 14.49 ? 115 GLN A NE2 1 
ATOM   925  N  N   . VAL A 1 116 ? -9.027  6.551   8.610   1.00 8.83  ? 116 VAL A N   1 
ATOM   926  C  CA  . VAL A 1 116 ? -8.700  5.252   9.236   1.00 9.11  ? 116 VAL A CA  1 
ATOM   927  C  C   . VAL A 1 116 ? -7.681  5.511   10.350  1.00 7.65  ? 116 VAL A C   1 
ATOM   928  O  O   . VAL A 1 116 ? -7.799  4.948   11.445  1.00 7.51  ? 116 VAL A O   1 
ATOM   929  C  CB  . VAL A 1 116 ? -8.073  4.272   8.179   1.00 9.60  ? 116 VAL A CB  1 
ATOM   930  C  CG1 . VAL A 1 116 ? -7.424  3.080   8.839   1.00 11.00 ? 116 VAL A CG1 1 
ATOM   931  C  CG2 . VAL A 1 116 ? -9.152  3.801   7.202   1.00 9.51  ? 116 VAL A CG2 1 
ATOM   932  N  N   . ALA A 1 117 ? -6.644  6.314   10.066  1.00 7.54  ? 117 ALA A N   1 
ATOM   933  C  CA  . ALA A 1 117 ? -5.627  6.636   11.080  1.00 8.25  ? 117 ALA A CA  1 
ATOM   934  C  C   . ALA A 1 117 ? -6.250  7.293   12.314  1.00 10.60 ? 117 ALA A C   1 
ATOM   935  O  O   . ALA A 1 117 ? -5.939  6.937   13.468  1.00 8.26  ? 117 ALA A O   1 
ATOM   936  C  CB  . ALA A 1 117 ? -4.548  7.579   10.482  1.00 9.34  ? 117 ALA A CB  1 
HETATM 937  N  N   . MSE A 1 118 ? -7.135  8.263   12.088  1.00 9.91  ? 118 MSE A N   1 
HETATM 938  C  CA  . MSE A 1 118 ? -7.757  8.917   13.238  1.00 10.86 ? 118 MSE A CA  1 
HETATM 939  C  C   . MSE A 1 118 ? -8.725  7.992   13.979  1.00 10.59 ? 118 MSE A C   1 
HETATM 940  O  O   . MSE A 1 118 ? -8.792  8.002   15.207  1.00 10.06 ? 118 MSE A O   1 
HETATM 941  C  CB  . MSE A 1 118 ? -8.469  10.193  12.808  1.00 12.36 ? 118 MSE A CB  1 
HETATM 942  C  CG  . MSE A 1 118 ? -7.710  11.280  12.057  1.00 19.09 ? 118 MSE A CG  1 
HETATM 943  SE SE  . MSE A 1 118 ? -6.290  12.077  13.116  1.00 25.87 ? 118 MSE A SE  1 
HETATM 944  C  CE  . MSE A 1 118 ? -4.985  10.815  13.787  1.00 26.32 ? 118 MSE A CE  1 
ATOM   945  N  N   . ARG A 1 119 ? -9.468  7.184   13.244  1.00 9.98  ? 119 ARG A N   1 
ATOM   946  C  CA  . ARG A 1 119 ? -10.392 6.265   13.885  1.00 9.77  ? 119 ARG A CA  1 
ATOM   947  C  C   . ARG A 1 119 ? -9.611  5.310   14.802  1.00 11.97 ? 119 ARG A C   1 
ATOM   948  O  O   . ARG A 1 119 ? -10.063 4.957   15.895  1.00 9.45  ? 119 ARG A O   1 
ATOM   949  C  CB  . ARG A 1 119 ? -11.162 5.464   12.835  1.00 8.53  ? 119 ARG A CB  1 
ATOM   950  C  CG  . ARG A 1 119 ? -12.077 4.445   13.444  1.00 9.39  ? 119 ARG A CG  1 
ATOM   951  C  CD  . ARG A 1 119 ? -13.144 3.946   12.463  1.00 10.50 ? 119 ARG A CD  1 
ATOM   952  N  NE  . ARG A 1 119 ? -12.636 3.331   11.237  1.00 12.75 ? 119 ARG A NE  1 
ATOM   953  C  CZ  . ARG A 1 119 ? -12.208 2.087   11.109  1.00 12.91 ? 119 ARG A CZ  1 
ATOM   954  N  NH1 . ARG A 1 119 ? -12.178 1.254   12.143  1.00 13.74 ? 119 ARG A NH1 1 
ATOM   955  N  NH2 . ARG A 1 119 ? -11.897 1.645   9.896   1.00 18.11 ? 119 ARG A NH2 1 
ATOM   956  N  N   . CYS A 1 120 ? -8.448  4.873   14.320  1.00 11.16 ? 120 CYS A N   1 
ATOM   957  C  CA  . CYS A 1 120 ? -7.589  3.950   15.074  1.00 13.71 ? 120 CYS A CA  1 
ATOM   958  C  C   . CYS A 1 120 ? -6.700  4.644   16.117  1.00 11.65 ? 120 CYS A C   1 
ATOM   959  O  O   . CYS A 1 120 ? -5.947  3.988   16.848  1.00 13.72 ? 120 CYS A O   1 
ATOM   960  C  CB  . CYS A 1 120 ? -6.707  3.176   14.077  1.00 16.80 ? 120 CYS A CB  1 
ATOM   961  S  SG  . CYS A 1 120 ? -5.572  1.977   14.804  1.00 27.37 ? 120 CYS A SG  1 
ATOM   962  N  N   . ARG A 1 121 ? -6.773  5.971   16.161  1.00 12.10 ? 121 ARG A N   1 
ATOM   963  C  CA  . ARG A 1 121 ? -5.979  6.826   17.054  1.00 11.46 ? 121 ARG A CA  1 
ATOM   964  C  C   . ARG A 1 121 ? -4.469  6.641   16.823  1.00 12.43 ? 121 ARG A C   1 
ATOM   965  O  O   . ARG A 1 121 ? -3.649  6.567   17.771  1.00 8.62  ? 121 ARG A O   1 
ATOM   966  C  CB  . ARG A 1 121 ? -6.342  6.601   18.539  1.00 14.67 ? 121 ARG A CB  1 
ATOM   967  C  CG  . ARG A 1 121 ? -7.744  7.104   18.926  1.00 17.73 ? 121 ARG A CG  1 
ATOM   968  C  CD  . ARG A 1 121 ? -8.072  6.757   20.397  1.00 18.54 ? 121 ARG A CD  1 
ATOM   969  N  NE  . ARG A 1 121 ? -7.959  5.320   20.622  1.00 23.68 ? 121 ARG A NE  1 
ATOM   970  C  CZ  . ARG A 1 121 ? -8.826  4.416   20.165  1.00 25.01 ? 121 ARG A CZ  1 
ATOM   971  N  NH1 . ARG A 1 121 ? -9.896  4.795   19.470  1.00 25.39 ? 121 ARG A NH1 1 
ATOM   972  N  NH2 . ARG A 1 121 ? -8.590  3.129   20.354  1.00 26.59 ? 121 ARG A NH2 1 
ATOM   973  N  N   . CYS A 1 122 ? -4.092  6.572   15.547  1.00 10.75 ? 122 CYS A N   1 
ATOM   974  C  CA  . CYS A 1 122 ? -2.661  6.467   15.210  1.00 10.28 ? 122 CYS A CA  1 
ATOM   975  C  C   . CYS A 1 122 ? -2.192  7.918   15.302  1.00 10.92 ? 122 CYS A C   1 
ATOM   976  O  O   . CYS A 1 122 ? -2.933  8.821   14.932  1.00 12.53 ? 122 CYS A O   1 
ATOM   977  C  CB  . CYS A 1 122 ? -2.462  5.977   13.762  1.00 7.54  ? 122 CYS A CB  1 
ATOM   978  S  SG  . CYS A 1 122 ? -2.870  4.279   13.555  1.00 10.17 ? 122 CYS A SG  1 
ATOM   979  N  N   . SER A 1 123 ? -0.975  8.147   15.765  1.00 9.42  ? 123 SER A N   1 
ATOM   980  C  CA  . SER A 1 123 ? -0.500  9.504   15.854  1.00 11.20 ? 123 SER A CA  1 
ATOM   981  C  C   . SER A 1 123 ? 0.135   9.985   14.527  1.00 10.25 ? 123 SER A C   1 
ATOM   982  O  O   . SER A 1 123 ? 0.304   11.188  14.296  1.00 11.10 ? 123 SER A O   1 
ATOM   983  C  CB  . SER A 1 123 ? 0.498   9.602   17.004  1.00 11.42 ? 123 SER A CB  1 
ATOM   984  O  OG  . SER A 1 123 ? 1.714   8.995   16.660  1.00 13.31 ? 123 SER A OG  1 
ATOM   985  N  N   . SER A 1 124 ? 0.434   9.053   13.629  1.00 9.16  ? 124 SER A N   1 
ATOM   986  C  CA  . SER A 1 124 ? 1.074   9.451   12.366  1.00 9.52  ? 124 SER A CA  1 
ATOM   987  C  C   . SER A 1 124 ? 0.930   8.353   11.326  1.00 8.64  ? 124 SER A C   1 
ATOM   988  O  O   . SER A 1 124 ? 0.576   7.235   11.653  1.00 9.13  ? 124 SER A O   1 
ATOM   989  C  CB  . SER A 1 124 ? 2.559   9.701   12.640  1.00 9.11  ? 124 SER A CB  1 
ATOM   990  O  OG  . SER A 1 124 ? 3.258   10.163  11.525  1.00 11.51 ? 124 SER A OG  1 
HETATM 991  N  N   . MSE A 1 125 ? 1.175   8.706   10.065  1.00 8.58  ? 125 MSE A N   1 
HETATM 992  C  CA  . MSE A 1 125 ? 1.140   7.759   8.955   1.00 9.48  ? 125 MSE A CA  1 
HETATM 993  C  C   . MSE A 1 125 ? 2.558   7.829   8.390   1.00 5.85  ? 125 MSE A C   1 
HETATM 994  O  O   . MSE A 1 125 ? 3.079   8.912   8.172   1.00 7.47  ? 125 MSE A O   1 
HETATM 995  C  CB  . MSE A 1 125 ? 0.118   8.171   7.881   1.00 10.45 ? 125 MSE A CB  1 
HETATM 996  C  CG  . MSE A 1 125 ? 0.124   7.212   6.699   1.00 15.26 ? 125 MSE A CG  1 
HETATM 997  SE SE  . MSE A 1 125 ? -1.087  7.807   5.286   1.00 23.03 ? 125 MSE A SE  1 
HETATM 998  C  CE  . MSE A 1 125 ? -2.644  7.981   6.339   1.00 19.00 ? 125 MSE A CE  1 
ATOM   999  N  N   . HIS A 1 126 ? 3.209   6.687   8.203   1.00 7.06  ? 126 HIS A N   1 
ATOM   1000 C  CA  . HIS A 1 126 ? 4.584   6.682   7.702   1.00 5.62  ? 126 HIS A CA  1 
ATOM   1001 C  C   . HIS A 1 126 ? 4.634   5.978   6.367   1.00 7.35  ? 126 HIS A C   1 
ATOM   1002 O  O   . HIS A 1 126 ? 3.839   5.061   6.122   1.00 4.56  ? 126 HIS A O   1 
ATOM   1003 C  CB  . HIS A 1 126 ? 5.518   5.930   8.680   1.00 7.70  ? 126 HIS A CB  1 
ATOM   1004 C  CG  . HIS A 1 126 ? 5.768   6.649   9.971   1.00 8.48  ? 126 HIS A CG  1 
ATOM   1005 N  ND1 . HIS A 1 126 ? 6.520   6.097   10.988  1.00 7.86  ? 126 HIS A ND1 1 
ATOM   1006 C  CD2 . HIS A 1 126 ? 5.416   7.888   10.390  1.00 8.38  ? 126 HIS A CD2 1 
ATOM   1007 C  CE1 . HIS A 1 126 ? 6.628   6.972   11.976  1.00 7.22  ? 126 HIS A CE1 1 
ATOM   1008 N  NE2 . HIS A 1 126 ? 5.966   8.066   11.636  1.00 8.20  ? 126 HIS A NE2 1 
ATOM   1009 N  N   . PHE A 1 127 ? 5.584   6.370   5.513   1.00 6.18  ? 127 PHE A N   1 
ATOM   1010 C  CA  . PHE A 1 127 ? 5.712   5.729   4.207   1.00 7.98  ? 127 PHE A CA  1 
ATOM   1011 C  C   . PHE A 1 127 ? 7.005   6.141   3.511   1.00 7.99  ? 127 PHE A C   1 
ATOM   1012 O  O   . PHE A 1 127 ? 7.651   7.143   3.874   1.00 9.07  ? 127 PHE A O   1 
ATOM   1013 C  CB  . PHE A 1 127 ? 4.497   6.023   3.302   1.00 7.77  ? 127 PHE A CB  1 
ATOM   1014 C  CG  . PHE A 1 127 ? 4.112   7.491   3.253   1.00 10.22 ? 127 PHE A CG  1 
ATOM   1015 C  CD1 . PHE A 1 127 ? 3.249   8.015   4.204   1.00 10.56 ? 127 PHE A CD1 1 
ATOM   1016 C  CD2 . PHE A 1 127 ? 4.703   8.357   2.319   1.00 10.01 ? 127 PHE A CD2 1 
ATOM   1017 C  CE1 . PHE A 1 127 ? 2.980   9.385   4.246   1.00 13.21 ? 127 PHE A CE1 1 
ATOM   1018 C  CE2 . PHE A 1 127 ? 4.451   9.725   2.341   1.00 10.50 ? 127 PHE A CE2 1 
ATOM   1019 C  CZ  . PHE A 1 127 ? 3.593   10.247  3.305   1.00 9.85  ? 127 PHE A CZ  1 
ATOM   1020 N  N   . LEU A 1 128 ? 7.409   5.332   2.542   1.00 7.98  ? 128 LEU A N   1 
ATOM   1021 C  CA  . LEU A 1 128 ? 8.637   5.592   1.793   1.00 8.44  ? 128 LEU A CA  1 
ATOM   1022 C  C   . LEU A 1 128 ? 8.311   6.151   0.407   1.00 9.39  ? 128 LEU A C   1 
ATOM   1023 O  O   . LEU A 1 128 ? 7.359   5.707   -0.213  1.00 9.61  ? 128 LEU A O   1 
ATOM   1024 C  CB  . LEU A 1 128 ? 9.435   4.281   1.613   1.00 7.41  ? 128 LEU A CB  1 
ATOM   1025 C  CG  . LEU A 1 128 ? 10.022  3.629   2.886   1.00 5.22  ? 128 LEU A CG  1 
ATOM   1026 C  CD1 . LEU A 1 128 ? 10.577  2.222   2.571   1.00 9.28  ? 128 LEU A CD1 1 
ATOM   1027 C  CD2 . LEU A 1 128 ? 11.114  4.539   3.422   1.00 6.68  ? 128 LEU A CD2 1 
ATOM   1028 N  N   . VAL A 1 129 ? 9.128   7.095   -0.070  1.00 8.61  ? 129 VAL A N   1 
ATOM   1029 C  CA  . VAL A 1 129 ? 8.982   7.658   -1.421  1.00 11.58 ? 129 VAL A CA  1 
ATOM   1030 C  C   . VAL A 1 129 ? 10.374  7.646   -2.106  1.00 10.93 ? 129 VAL A C   1 
ATOM   1031 O  O   . VAL A 1 129 ? 11.388  8.019   -1.491  1.00 9.48  ? 129 VAL A O   1 
ATOM   1032 C  CB  . VAL A 1 129 ? 8.447   9.126   -1.385  1.00 12.86 ? 129 VAL A CB  1 
ATOM   1033 C  CG1 . VAL A 1 129 ? 7.974   9.548   -2.789  1.00 15.00 ? 129 VAL A CG1 1 
ATOM   1034 C  CG2 . VAL A 1 129 ? 7.268   9.253   -0.424  1.00 14.24 ? 129 VAL A CG2 1 
ATOM   1035 N  N   . ALA A 1 130 ? 10.452  7.182   -3.349  1.00 13.36 ? 130 ALA A N   1 
ATOM   1036 C  CA  . ALA A 1 130 ? 11.750  7.179   -4.066  1.00 11.45 ? 130 ALA A CA  1 
ATOM   1037 C  C   . ALA A 1 130 ? 12.303  8.599   -4.240  1.00 10.54 ? 130 ALA A C   1 
ATOM   1038 O  O   . ALA A 1 130 ? 11.588  9.556   -4.591  1.00 7.78  ? 130 ALA A O   1 
ATOM   1039 C  CB  . ALA A 1 130 ? 11.637  6.433   -5.474  1.00 11.58 ? 130 ALA A CB  1 
ATOM   1040 N  N   . GLU A 1 131 ? 13.602  8.724   -3.972  1.00 11.62 ? 131 GLU A N   1 
ATOM   1041 C  CA  . GLU A 1 131 ? 14.297  10.005  -4.035  1.00 12.14 ? 131 GLU A CA  1 
ATOM   1042 C  C   . GLU A 1 131 ? 14.118  10.812  -5.320  1.00 11.40 ? 131 GLU A C   1 
ATOM   1043 O  O   . GLU A 1 131 ? 14.086  12.056  -5.282  1.00 11.63 ? 131 GLU A O   1 
ATOM   1044 C  CB  . GLU A 1 131 ? 15.806  9.785   -3.793  1.00 14.00 ? 131 GLU A CB  1 
ATOM   1045 C  CG  . GLU A 1 131 ? 16.469  8.824   -4.804  1.00 21.25 ? 131 GLU A CG  1 
ATOM   1046 C  CD  . GLU A 1 131 ? 17.976  8.657   -4.551  1.00 24.17 ? 131 GLU A CD  1 
ATOM   1047 O  OE1 . GLU A 1 131 ? 18.451  9.221   -3.532  1.00 24.72 ? 131 GLU A OE1 1 
ATOM   1048 O  OE2 . GLU A 1 131 ? 18.663  7.966   -5.361  1.00 24.71 ? 131 GLU A OE2 1 
ATOM   1049 N  N   . TRP A 1 132 ? 13.990  10.123  -6.450  1.00 10.13 ? 132 TRP A N   1 
ATOM   1050 C  CA  . TRP A 1 132 ? 13.865  10.799  -7.732  1.00 11.58 ? 132 TRP A CA  1 
ATOM   1051 C  C   . TRP A 1 132 ? 12.451  11.258  -8.051  1.00 12.82 ? 132 TRP A C   1 
ATOM   1052 O  O   . TRP A 1 132 ? 12.252  12.062  -8.968  1.00 11.96 ? 132 TRP A O   1 
ATOM   1053 C  CB  . TRP A 1 132 ? 14.326  9.871   -8.862  1.00 11.01 ? 132 TRP A CB  1 
ATOM   1054 C  CG  . TRP A 1 132 ? 13.476  8.641   -8.974  1.00 10.99 ? 132 TRP A CG  1 
ATOM   1055 C  CD1 . TRP A 1 132 ? 13.749  7.408   -8.457  1.00 10.26 ? 132 TRP A CD1 1 
ATOM   1056 C  CD2 . TRP A 1 132 ? 12.150  8.570   -9.512  1.00 10.76 ? 132 TRP A CD2 1 
ATOM   1057 N  NE1 . TRP A 1 132 ? 12.658  6.568   -8.626  1.00 12.98 ? 132 TRP A NE1 1 
ATOM   1058 C  CE2 . TRP A 1 132 ? 11.666  7.265   -9.270  1.00 11.31 ? 132 TRP A CE2 1 
ATOM   1059 C  CE3 . TRP A 1 132 ? 11.317  9.491   -10.177 1.00 13.17 ? 132 TRP A CE3 1 
ATOM   1060 C  CZ2 . TRP A 1 132 ? 10.384  6.854   -9.659  1.00 12.82 ? 132 TRP A CZ2 1 
ATOM   1061 C  CZ3 . TRP A 1 132 ? 10.037  9.077   -10.566 1.00 13.00 ? 132 TRP A CZ3 1 
ATOM   1062 C  CH2 . TRP A 1 132 ? 9.591   7.769   -10.299 1.00 14.18 ? 132 TRP A CH2 1 
ATOM   1063 N  N   . ASN A 1 133 ? 11.476  10.752  -7.299  1.00 12.62 ? 133 ASN A N   1 
ATOM   1064 C  CA  . ASN A 1 133 ? 10.081  11.046  -7.598  1.00 13.71 ? 133 ASN A CA  1 
ATOM   1065 C  C   . ASN A 1 133 ? 9.544   12.362  -7.049  1.00 14.68 ? 133 ASN A C   1 
ATOM   1066 O  O   . ASN A 1 133 ? 8.639   12.364  -6.219  1.00 14.03 ? 133 ASN A O   1 
ATOM   1067 C  CB  . ASN A 1 133 ? 9.226   9.863   -7.120  1.00 14.77 ? 133 ASN A CB  1 
ATOM   1068 C  CG  . ASN A 1 133 ? 7.847   9.845   -7.758  1.00 13.17 ? 133 ASN A CG  1 
ATOM   1069 O  OD1 . ASN A 1 133 ? 7.446   10.796  -8.378  1.00 14.01 ? 133 ASN A OD1 1 
ATOM   1070 N  ND2 . ASN A 1 133 ? 7.130   8.753   -7.595  1.00 14.10 ? 133 ASN A ND2 1 
ATOM   1071 N  N   . GLU A 1 134 ? 10.048  13.481  -7.577  1.00 16.91 ? 134 GLU A N   1 
ATOM   1072 C  CA  . GLU A 1 134 ? 9.628   14.802  -7.141  1.00 17.05 ? 134 GLU A CA  1 
ATOM   1073 C  C   . GLU A 1 134 ? 8.115   14.961  -7.230  1.00 17.64 ? 134 GLU A C   1 
ATOM   1074 O  O   . GLU A 1 134 ? 7.509   15.566  -6.358  1.00 15.42 ? 134 GLU A O   1 
ATOM   1075 C  CB  . GLU A 1 134 ? 10.323  15.889  -7.973  1.00 19.88 ? 134 GLU A CB  1 
ATOM   1076 C  CG  . GLU A 1 134 ? 10.313  17.304  -7.379  1.00 22.52 ? 134 GLU A CG  1 
ATOM   1077 C  CD  . GLU A 1 134 ? 11.173  17.458  -6.108  1.00 25.28 ? 134 GLU A CD  1 
ATOM   1078 O  OE1 . GLU A 1 134 ? 12.106  16.649  -5.873  1.00 22.79 ? 134 GLU A OE1 1 
ATOM   1079 O  OE2 . GLU A 1 134 ? 10.922  18.424  -5.345  1.00 27.13 ? 134 GLU A OE2 1 
ATOM   1080 N  N   . PRO A 1 135 ? 7.483   14.418  -8.288  1.00 16.90 ? 135 PRO A N   1 
ATOM   1081 C  CA  . PRO A 1 135 ? 6.025   14.575  -8.350  1.00 15.70 ? 135 PRO A CA  1 
ATOM   1082 C  C   . PRO A 1 135 ? 5.270   13.993  -7.108  1.00 14.78 ? 135 PRO A C   1 
ATOM   1083 O  O   . PRO A 1 135 ? 4.360   14.643  -6.566  1.00 13.34 ? 135 PRO A O   1 
ATOM   1084 C  CB  . PRO A 1 135 ? 5.669   13.873  -9.661  1.00 16.05 ? 135 PRO A CB  1 
ATOM   1085 C  CG  . PRO A 1 135 ? 6.840   14.169  -10.528 1.00 16.36 ? 135 PRO A CG  1 
ATOM   1086 C  CD  . PRO A 1 135 ? 8.016   13.908  -9.568  1.00 16.51 ? 135 PRO A CD  1 
ATOM   1087 N  N   . SER A 1 136 ? 5.648   12.789  -6.653  1.00 13.98 ? 136 SER A N   1 
ATOM   1088 C  CA  . SER A 1 136 ? 5.002   12.196  -5.479  1.00 12.42 ? 136 SER A CA  1 
ATOM   1089 C  C   . SER A 1 136 ? 5.471   12.876  -4.187  1.00 13.32 ? 136 SER A C   1 
ATOM   1090 O  O   . SER A 1 136 ? 4.712   13.027  -3.218  1.00 11.79 ? 136 SER A O   1 
ATOM   1091 C  CB  . SER A 1 136 ? 5.243   10.677  -5.455  1.00 14.87 ? 136 SER A CB  1 
ATOM   1092 O  OG  . SER A 1 136 ? 4.257   10.028  -6.250  1.00 13.39 ? 136 SER A OG  1 
ATOM   1093 N  N   . ILE A 1 137 ? 6.727   13.316  -4.180  1.00 11.66 ? 137 ILE A N   1 
ATOM   1094 C  CA  . ILE A 1 137 ? 7.245   14.007  -3.043  1.00 10.81 ? 137 ILE A CA  1 
ATOM   1095 C  C   . ILE A 1 137 ? 6.429   15.287  -2.873  1.00 10.02 ? 137 ILE A C   1 
ATOM   1096 O  O   . ILE A 1 137 ? 5.996   15.583  -1.749  1.00 6.45  ? 137 ILE A O   1 
ATOM   1097 C  CB  . ILE A 1 137 ? 8.713   14.373  -3.236  1.00 11.48 ? 137 ILE A CB  1 
ATOM   1098 C  CG1 . ILE A 1 137 ? 9.560   13.095  -3.214  1.00 11.93 ? 137 ILE A CG1 1 
ATOM   1099 C  CG2 . ILE A 1 137 ? 9.131   15.386  -2.197  1.00 11.00 ? 137 ILE A CG2 1 
ATOM   1100 C  CD1 . ILE A 1 137 ? 11.047  13.398  -3.486  1.00 13.48 ? 137 ILE A CD1 1 
ATOM   1101 N  N   . ASN A 1 138 ? 6.199   16.022  -3.978  1.00 9.24  ? 138 ASN A N   1 
ATOM   1102 C  CA  . ASN A 1 138 ? 5.410   17.248  -3.899  1.00 11.53 ? 138 ASN A CA  1 
ATOM   1103 C  C   . ASN A 1 138 ? 3.972   16.934  -3.506  1.00 9.87  ? 138 ASN A C   1 
ATOM   1104 O  O   . ASN A 1 138 ? 3.374   17.683  -2.744  1.00 10.37 ? 138 ASN A O   1 
ATOM   1105 C  CB  . ASN A 1 138 ? 5.371   18.035  -5.243  1.00 13.00 ? 138 ASN A CB  1 
ATOM   1106 C  CG  . ASN A 1 138 ? 6.678   18.770  -5.555  1.00 17.16 ? 138 ASN A CG  1 
ATOM   1107 O  OD1 . ASN A 1 138 ? 6.862   19.310  -6.670  1.00 19.31 ? 138 ASN A OD1 1 
ATOM   1108 N  ND2 . ASN A 1 138 ? 7.571   18.808  -4.596  1.00 15.99 ? 138 ASN A ND2 1 
ATOM   1109 N  N   . PHE A 1 139 ? 3.408   15.861  -4.064  1.00 10.39 ? 139 PHE A N   1 
ATOM   1110 C  CA  . PHE A 1 139 ? 2.036   15.434  -3.756  1.00 10.46 ? 139 PHE A CA  1 
ATOM   1111 C  C   . PHE A 1 139 ? 1.874   15.272  -2.226  1.00 10.81 ? 139 PHE A C   1 
ATOM   1112 O  O   . PHE A 1 139 ? 0.942   15.788  -1.602  1.00 9.96  ? 139 PHE A O   1 
ATOM   1113 C  CB  . PHE A 1 139 ? 1.753   14.076  -4.426  1.00 10.79 ? 139 PHE A CB  1 
ATOM   1114 C  CG  . PHE A 1 139 ? 0.401   13.471  -4.088  1.00 11.11 ? 139 PHE A CG  1 
ATOM   1115 C  CD1 . PHE A 1 139 ? -0.760  13.873  -4.761  1.00 10.11 ? 139 PHE A CD1 1 
ATOM   1116 C  CD2 . PHE A 1 139 ? 0.298   12.480  -3.116  1.00 12.43 ? 139 PHE A CD2 1 
ATOM   1117 C  CE1 . PHE A 1 139 ? -1.999  13.290  -4.469  1.00 10.27 ? 139 PHE A CE1 1 
ATOM   1118 C  CE2 . PHE A 1 139 ? -0.923  11.892  -2.815  1.00 12.24 ? 139 PHE A CE2 1 
ATOM   1119 C  CZ  . PHE A 1 139 ? -2.072  12.294  -3.490  1.00 12.49 ? 139 PHE A CZ  1 
ATOM   1120 N  N   . TYR A 1 140 ? 2.789   14.504  -1.648  1.00 10.08 ? 140 TYR A N   1 
ATOM   1121 C  CA  . TYR A 1 140 ? 2.752   14.222  -0.235  1.00 11.11 ? 140 TYR A CA  1 
ATOM   1122 C  C   . TYR A 1 140 ? 3.001   15.443  0.613   1.00 11.37 ? 140 TYR A C   1 
ATOM   1123 O  O   . TYR A 1 140 ? 2.266   15.689  1.570   1.00 11.43 ? 140 TYR A O   1 
ATOM   1124 C  CB  . TYR A 1 140 ? 3.788   13.150  0.102   1.00 9.84  ? 140 TYR A CB  1 
ATOM   1125 C  CG  . TYR A 1 140 ? 3.385   11.752  -0.295  1.00 8.80  ? 140 TYR A CG  1 
ATOM   1126 C  CD1 . TYR A 1 140 ? 2.165   11.224  0.103   1.00 11.73 ? 140 TYR A CD1 1 
ATOM   1127 C  CD2 . TYR A 1 140 ? 4.275   10.920  -0.971  1.00 13.00 ? 140 TYR A CD2 1 
ATOM   1128 C  CE1 . TYR A 1 140 ? 1.837   9.897   -0.145  1.00 11.31 ? 140 TYR A CE1 1 
ATOM   1129 C  CE2 . TYR A 1 140 ? 3.959   9.568   -1.224  1.00 15.32 ? 140 TYR A CE2 1 
ATOM   1130 C  CZ  . TYR A 1 140 ? 2.750   9.071   -0.798  1.00 14.16 ? 140 TYR A CZ  1 
ATOM   1131 O  OH  . TYR A 1 140 ? 2.477   7.725   -0.928  1.00 15.44 ? 140 TYR A OH  1 
ATOM   1132 N  N   . LYS A 1 141 ? 4.013   16.227  0.246   1.00 9.57  ? 141 LYS A N   1 
ATOM   1133 C  CA  . LYS A 1 141 ? 4.332   17.377  1.061   1.00 11.89 ? 141 LYS A CA  1 
ATOM   1134 C  C   . LYS A 1 141 ? 3.288   18.466  1.027   1.00 13.69 ? 141 LYS A C   1 
ATOM   1135 O  O   . LYS A 1 141 ? 3.141   19.198  2.001   1.00 13.90 ? 141 LYS A O   1 
ATOM   1136 C  CB  . LYS A 1 141 ? 5.730   17.891  0.746   1.00 12.46 ? 141 LYS A CB  1 
ATOM   1137 C  CG  . LYS A 1 141 ? 6.795   16.957  1.342   1.00 13.31 ? 141 LYS A CG  1 
ATOM   1138 C  CD  . LYS A 1 141 ? 8.149   17.624  1.522   1.00 17.00 ? 141 LYS A CD  1 
ATOM   1139 C  CE  . LYS A 1 141 ? 9.144   16.714  2.287   1.00 17.98 ? 141 LYS A CE  1 
ATOM   1140 N  NZ  . LYS A 1 141 ? 10.467  17.390  2.523   1.00 17.23 ? 141 LYS A NZ  1 
ATOM   1141 N  N   . ARG A 1 142 ? 2.550   18.553  -0.075  1.00 12.73 ? 142 ARG A N   1 
ATOM   1142 C  CA  . ARG A 1 142 ? 1.478   19.544  -0.168  1.00 16.01 ? 142 ARG A CA  1 
ATOM   1143 C  C   . ARG A 1 142 ? 0.353   19.173  0.820   1.00 15.59 ? 142 ARG A C   1 
ATOM   1144 O  O   . ARG A 1 142 ? -0.427  20.036  1.266   1.00 16.48 ? 142 ARG A O   1 
ATOM   1145 C  CB  . ARG A 1 142 ? 0.926   19.587  -1.598  1.00 18.55 ? 142 ARG A CB  1 
ATOM   1146 C  CG  . ARG A 1 142 ? -0.179  20.636  -1.771  1.00 25.73 ? 142 ARG A CG  1 
ATOM   1147 C  CD  . ARG A 1 142 ? -0.506  20.926  -3.245  1.00 29.93 ? 142 ARG A CD  1 
ATOM   1148 N  NE  . ARG A 1 142 ? -1.890  20.567  -3.559  1.00 36.11 ? 142 ARG A NE  1 
ATOM   1149 C  CZ  . ARG A 1 142 ? -2.500  20.831  -4.710  1.00 38.34 ? 142 ARG A CZ  1 
ATOM   1150 N  NH1 . ARG A 1 142 ? -1.864  21.473  -5.689  1.00 41.24 ? 142 ARG A NH1 1 
ATOM   1151 N  NH2 . ARG A 1 142 ? -3.746  20.426  -4.896  1.00 41.17 ? 142 ARG A NH2 1 
ATOM   1152 N  N   . ARG A 1 143 ? 0.287   17.889  1.166   1.00 13.87 ? 143 ARG A N   1 
ATOM   1153 C  CA  . ARG A 1 143 ? -0.706  17.374  2.107   1.00 14.19 ? 143 ARG A CA  1 
ATOM   1154 C  C   . ARG A 1 143 ? -0.161  17.208  3.525   1.00 14.88 ? 143 ARG A C   1 
ATOM   1155 O  O   . ARG A 1 143 ? -0.680  16.440  4.365   1.00 17.59 ? 143 ARG A O   1 
ATOM   1156 C  CB  . ARG A 1 143 ? -1.285  16.081  1.552   1.00 12.85 ? 143 ARG A CB  1 
ATOM   1157 C  CG  . ARG A 1 143 ? -2.040  16.330  0.245   1.00 13.32 ? 143 ARG A CG  1 
ATOM   1158 C  CD  . ARG A 1 143 ? -2.251  15.080  -0.594  1.00 14.32 ? 143 ARG A CD  1 
ATOM   1159 N  NE  . ARG A 1 143 ? -3.097  15.392  -1.732  1.00 12.67 ? 143 ARG A NE  1 
ATOM   1160 C  CZ  . ARG A 1 143 ? -2.721  16.138  -2.766  1.00 15.05 ? 143 ARG A CZ  1 
ATOM   1161 N  NH1 . ARG A 1 143 ? -1.500  16.642  -2.816  1.00 14.51 ? 143 ARG A NH1 1 
ATOM   1162 N  NH2 . ARG A 1 143 ? -3.592  16.405  -3.742  1.00 17.96 ? 143 ARG A NH2 1 
ATOM   1163 N  N   . GLY A 1 144 ? 0.889   17.960  3.809   1.00 14.43 ? 144 GLY A N   1 
ATOM   1164 C  CA  . GLY A 1 144 ? 1.429   17.954  5.147   1.00 13.71 ? 144 GLY A CA  1 
ATOM   1165 C  C   . GLY A 1 144 ? 2.515   16.977  5.529   1.00 12.27 ? 144 GLY A C   1 
ATOM   1166 O  O   . GLY A 1 144 ? 2.908   16.961  6.673   1.00 12.27 ? 144 GLY A O   1 
ATOM   1167 N  N   . ALA A 1 145 ? 3.005   16.173  4.598   1.00 11.20 ? 145 ALA A N   1 
ATOM   1168 C  CA  . ALA A 1 145 ? 4.078   15.257  4.959   1.00 11.95 ? 145 ALA A CA  1 
ATOM   1169 C  C   . ALA A 1 145 ? 5.371   15.994  5.248   1.00 12.77 ? 145 ALA A C   1 
ATOM   1170 O  O   . ALA A 1 145 ? 5.591   17.112  4.775   1.00 13.30 ? 145 ALA A O   1 
ATOM   1171 C  CB  . ALA A 1 145 ? 4.315   14.202  3.815   1.00 12.15 ? 145 ALA A CB  1 
ATOM   1172 N  N   . SER A 1 146 ? 6.238   15.356  6.033   1.00 12.50 ? 146 SER A N   1 
ATOM   1173 C  CA  . SER A 1 146 ? 7.554   15.914  6.344   1.00 13.45 ? 146 SER A CA  1 
ATOM   1174 C  C   . SER A 1 146 ? 8.554   14.747  6.405   1.00 13.67 ? 146 SER A C   1 
ATOM   1175 O  O   . SER A 1 146 ? 8.157   13.573  6.533   1.00 10.02 ? 146 SER A O   1 
ATOM   1176 C  CB  . SER A 1 146 ? 7.530   16.616  7.703   1.00 15.77 ? 146 SER A CB  1 
ATOM   1177 O  OG  . SER A 1 146 ? 7.208   15.661  8.694   1.00 20.08 ? 146 SER A OG  1 
ATOM   1178 N  N   . ASP A 1 147 ? 9.844   15.059  6.303   1.00 12.78 ? 147 ASP A N   1 
ATOM   1179 C  CA  . ASP A 1 147 ? 10.837  14.004  6.372   1.00 16.07 ? 147 ASP A CA  1 
ATOM   1180 C  C   . ASP A 1 147 ? 10.815  13.399  7.759   1.00 15.85 ? 147 ASP A C   1 
ATOM   1181 O  O   . ASP A 1 147 ? 10.547  14.088  8.747   1.00 15.39 ? 147 ASP A O   1 
ATOM   1182 C  CB  . ASP A 1 147 ? 12.248  14.529  6.116   1.00 17.00 ? 147 ASP A CB  1 
ATOM   1183 C  CG  . ASP A 1 147 ? 12.350  15.344  4.861   1.00 18.37 ? 147 ASP A CG  1 
ATOM   1184 O  OD1 . ASP A 1 147 ? 11.519  15.171  3.957   1.00 19.48 ? 147 ASP A OD1 1 
ATOM   1185 O  OD2 . ASP A 1 147 ? 13.284  16.167  4.781   1.00 22.37 ? 147 ASP A OD2 1 
ATOM   1186 N  N   . LEU A 1 148 ? 11.069  12.096  7.828   1.00 15.78 ? 148 LEU A N   1 
ATOM   1187 C  CA  . LEU A 1 148 ? 11.128  11.426  9.109   1.00 16.52 ? 148 LEU A CA  1 
ATOM   1188 C  C   . LEU A 1 148 ? 12.595  10.993  9.240   1.00 18.21 ? 148 LEU A C   1 
ATOM   1189 O  O   . LEU A 1 148 ? 13.075  10.184  8.437   1.00 16.12 ? 148 LEU A O   1 
ATOM   1190 C  CB  . LEU A 1 148 ? 10.176  10.225  9.125   1.00 16.70 ? 148 LEU A CB  1 
ATOM   1191 C  CG  . LEU A 1 148 ? 10.240  9.233   10.299  1.00 19.30 ? 148 LEU A CG  1 
ATOM   1192 C  CD1 . LEU A 1 148 ? 10.125  9.944   11.643  1.00 20.71 ? 148 LEU A CD1 1 
ATOM   1193 C  CD2 . LEU A 1 148 ? 9.108   8.206   10.116  1.00 22.38 ? 148 LEU A CD2 1 
ATOM   1194 N  N   . SER A 1 149 ? 13.293  11.543  10.237  1.00 19.43 ? 149 SER A N   1 
ATOM   1195 C  CA  . SER A 1 149 ? 14.712  11.230  10.479  1.00 23.94 ? 149 SER A CA  1 
ATOM   1196 C  C   . SER A 1 149 ? 14.973  10.063  11.437  1.00 25.34 ? 149 SER A C   1 
ATOM   1197 O  O   . SER A 1 149 ? 16.130  9.720   11.706  1.00 27.34 ? 149 SER A O   1 
ATOM   1198 C  CB  . SER A 1 149 ? 15.447  12.465  11.019  1.00 24.81 ? 149 SER A CB  1 
ATOM   1199 O  OG  . SER A 1 149 ? 15.579  13.450  10.012  1.00 27.00 ? 149 SER A OG  1 
ATOM   1200 N  N   . SER A 1 150 ? 13.917  9.453   11.945  1.00 25.44 ? 150 SER A N   1 
ATOM   1201 C  CA  . SER A 1 150 ? 14.061  8.336   12.881  1.00 28.23 ? 150 SER A CA  1 
ATOM   1202 C  C   . SER A 1 150 ? 15.098  7.243   12.539  1.00 28.21 ? 150 SER A C   1 
ATOM   1203 O  O   . SER A 1 150 ? 15.740  6.715   13.451  1.00 28.94 ? 150 SER A O   1 
ATOM   1204 C  CB  . SER A 1 150 ? 12.699  7.669   13.119  1.00 28.77 ? 150 SER A CB  1 
ATOM   1205 O  OG  . SER A 1 150 ? 12.280  6.909   11.995  1.00 31.06 ? 150 SER A OG  1 
ATOM   1206 N  N   . GLU A 1 151 ? 15.273  6.902   11.259  1.00 28.93 ? 151 GLU A N   1 
ATOM   1207 C  CA  . GLU A 1 151 ? 16.230  5.841   10.886  1.00 28.87 ? 151 GLU A CA  1 
ATOM   1208 C  C   . GLU A 1 151 ? 17.646  6.298   10.538  1.00 28.54 ? 151 GLU A C   1 
ATOM   1209 O  O   . GLU A 1 151 ? 18.501  5.475   10.174  1.00 25.99 ? 151 GLU A O   1 
ATOM   1210 C  CB  . GLU A 1 151 ? 15.719  4.993   9.707   1.00 31.10 ? 151 GLU A CB  1 
ATOM   1211 C  CG  . GLU A 1 151 ? 16.581  3.714   9.505   1.00 35.87 ? 151 GLU A CG  1 
ATOM   1212 C  CD  . GLU A 1 151 ? 17.024  3.425   8.058   1.00 37.73 ? 151 GLU A CD  1 
ATOM   1213 O  OE1 . GLU A 1 151 ? 16.251  2.793   7.305   1.00 38.93 ? 151 GLU A OE1 1 
ATOM   1214 O  OE2 . GLU A 1 151 ? 18.159  3.819   7.672   1.00 38.10 ? 151 GLU A OE2 1 
ATOM   1215 N  N   . GLU A 1 152 ? 17.909  7.597   10.635  1.00 27.50 ? 152 GLU A N   1 
ATOM   1216 C  CA  . GLU A 1 152 ? 19.240  8.079   10.319  1.00 26.87 ? 152 GLU A CA  1 
ATOM   1217 C  C   . GLU A 1 152 ? 20.225  7.454   11.300  1.00 24.70 ? 152 GLU A C   1 
ATOM   1218 O  O   . GLU A 1 152 ? 19.948  7.412   12.494  1.00 22.69 ? 152 GLU A O   1 
ATOM   1219 C  CB  . GLU A 1 152 ? 19.294  9.602   10.417  1.00 30.41 ? 152 GLU A CB  1 
ATOM   1220 C  CG  . GLU A 1 152 ? 20.070  10.156  9.288   1.00 35.87 ? 152 GLU A CG  1 
ATOM   1221 C  CD  . GLU A 1 152 ? 19.561  9.588   7.985   1.00 39.58 ? 152 GLU A CD  1 
ATOM   1222 O  OE1 . GLU A 1 152 ? 20.379  9.381   7.055   1.00 42.80 ? 152 GLU A OE1 1 
ATOM   1223 O  OE2 . GLU A 1 152 ? 18.331  9.345   7.901   1.00 41.09 ? 152 GLU A OE2 1 
ATOM   1224 N  N   . GLY A 1 153 ? 21.353  6.957   10.793  1.00 23.35 ? 153 GLY A N   1 
ATOM   1225 C  CA  . GLY A 1 153 ? 22.346  6.326   11.660  1.00 22.27 ? 153 GLY A CA  1 
ATOM   1226 C  C   . GLY A 1 153 ? 22.032  4.861   11.978  1.00 20.43 ? 153 GLY A C   1 
ATOM   1227 O  O   . GLY A 1 153 ? 22.692  4.233   12.820  1.00 18.79 ? 153 GLY A O   1 
ATOM   1228 N  N   . TRP A 1 154 ? 21.018  4.315   11.306  1.00 19.49 ? 154 TRP A N   1 
ATOM   1229 C  CA  . TRP A 1 154 ? 20.613  2.929   11.530  1.00 17.57 ? 154 TRP A CA  1 
ATOM   1230 C  C   . TRP A 1 154 ? 20.699  2.109   10.237  1.00 15.99 ? 154 TRP A C   1 
ATOM   1231 O  O   . TRP A 1 154 ? 20.517  2.635   9.146   1.00 16.67 ? 154 TRP A O   1 
ATOM   1232 C  CB  . TRP A 1 154 ? 19.176  2.845   12.102  1.00 16.54 ? 154 TRP A CB  1 
ATOM   1233 C  CG  . TRP A 1 154 ? 18.996  3.453   13.489  1.00 16.28 ? 154 TRP A CG  1 
ATOM   1234 C  CD1 . TRP A 1 154 ? 18.948  4.788   13.792  1.00 16.04 ? 154 TRP A CD1 1 
ATOM   1235 C  CD2 . TRP A 1 154 ? 18.869  2.757   14.744  1.00 17.06 ? 154 TRP A CD2 1 
ATOM   1236 N  NE1 . TRP A 1 154 ? 18.795  4.967   15.142  1.00 17.14 ? 154 TRP A NE1 1 
ATOM   1237 C  CE2 . TRP A 1 154 ? 18.747  3.740   15.754  1.00 18.31 ? 154 TRP A CE2 1 
ATOM   1238 C  CE3 . TRP A 1 154 ? 18.843  1.404   15.116  1.00 16.44 ? 154 TRP A CE3 1 
ATOM   1239 C  CZ2 . TRP A 1 154 ? 18.607  3.408   17.117  1.00 20.13 ? 154 TRP A CZ2 1 
ATOM   1240 C  CZ3 . TRP A 1 154 ? 18.704  1.075   16.463  1.00 18.68 ? 154 TRP A CZ3 1 
ATOM   1241 C  CH2 . TRP A 1 154 ? 18.588  2.080   17.451  1.00 19.95 ? 154 TRP A CH2 1 
ATOM   1242 N  N   . ARG A 1 155 ? 20.999  0.820   10.367  1.00 12.33 ? 155 ARG A N   1 
ATOM   1243 C  CA  . ARG A 1 155 ? 21.087  -0.050  9.191   1.00 11.96 ? 155 ARG A CA  1 
ATOM   1244 C  C   . ARG A 1 155 ? 19.934  -1.046  9.201   1.00 10.36 ? 155 ARG A C   1 
ATOM   1245 O  O   . ARG A 1 155 ? 19.577  -1.574  10.260  1.00 11.40 ? 155 ARG A O   1 
ATOM   1246 C  CB  . ARG A 1 155 ? 22.419  -0.801  9.200   1.00 13.35 ? 155 ARG A CB  1 
ATOM   1247 C  CG  . ARG A 1 155 ? 23.639  0.129   9.125   1.00 15.68 ? 155 ARG A CG  1 
ATOM   1248 C  CD  . ARG A 1 155 ? 24.952  -0.625  9.302   1.00 13.82 ? 155 ARG A CD  1 
ATOM   1249 N  NE  . ARG A 1 155 ? 25.116  -1.761  8.380   1.00 16.09 ? 155 ARG A NE  1 
ATOM   1250 C  CZ  . ARG A 1 155 ? 26.110  -2.651  8.483   1.00 15.81 ? 155 ARG A CZ  1 
ATOM   1251 N  NH1 . ARG A 1 155 ? 27.001  -2.512  9.445   1.00 15.10 ? 155 ARG A NH1 1 
ATOM   1252 N  NH2 . ARG A 1 155 ? 26.211  -3.683  7.645   1.00 16.62 ? 155 ARG A NH2 1 
ATOM   1253 N  N   . LEU A 1 156 ? 19.350  -1.322  8.043   1.00 9.88  ? 156 LEU A N   1 
ATOM   1254 C  CA  . LEU A 1 156 ? 18.253  -2.293  7.998   1.00 9.20  ? 156 LEU A CA  1 
ATOM   1255 C  C   . LEU A 1 156 ? 18.805  -3.706  7.739   1.00 9.30  ? 156 LEU A C   1 
ATOM   1256 O  O   . LEU A 1 156 ? 19.574  -3.922  6.806   1.00 7.87  ? 156 LEU A O   1 
ATOM   1257 C  CB  . LEU A 1 156 ? 17.235  -1.897  6.916   1.00 8.95  ? 156 LEU A CB  1 
ATOM   1258 C  CG  . LEU A 1 156 ? 15.960  -2.713  6.655   1.00 9.61  ? 156 LEU A CG  1 
ATOM   1259 C  CD1 . LEU A 1 156 ? 15.069  -2.806  7.889   1.00 10.85 ? 156 LEU A CD1 1 
ATOM   1260 C  CD2 . LEU A 1 156 ? 15.201  -2.022  5.491   1.00 12.91 ? 156 LEU A CD2 1 
ATOM   1261 N  N   . PHE A 1 157 ? 18.397  -4.666  8.555   1.00 7.36  ? 157 PHE A N   1 
ATOM   1262 C  CA  . PHE A 1 157 ? 18.898  -6.026  8.387   1.00 8.98  ? 157 PHE A CA  1 
ATOM   1263 C  C   . PHE A 1 157 ? 17.738  -7.007  8.214   1.00 8.51  ? 157 PHE A C   1 
ATOM   1264 O  O   . PHE A 1 157 ? 16.588  -6.704  8.557   1.00 5.94  ? 157 PHE A O   1 
ATOM   1265 C  CB  . PHE A 1 157 ? 19.753  -6.431  9.607   1.00 12.32 ? 157 PHE A CB  1 
ATOM   1266 C  CG  . PHE A 1 157 ? 21.018  -5.590  9.788   1.00 16.59 ? 157 PHE A CG  1 
ATOM   1267 C  CD1 . PHE A 1 157 ? 22.086  -5.723  8.942   1.00 16.98 ? 157 PHE A CD1 1 
ATOM   1268 C  CD2 . PHE A 1 157 ? 21.141  -4.711  10.864  1.00 21.08 ? 157 PHE A CD2 1 
ATOM   1269 C  CE1 . PHE A 1 157 ? 23.274  -5.021  9.154   1.00 18.38 ? 157 PHE A CE1 1 
ATOM   1270 C  CE2 . PHE A 1 157 ? 22.341  -3.990  11.094  1.00 22.07 ? 157 PHE A CE2 1 
ATOM   1271 C  CZ  . PHE A 1 157 ? 23.408  -4.159  10.231  1.00 22.40 ? 157 PHE A CZ  1 
ATOM   1272 N  N   . LYS A 1 158 ? 18.042  -8.179  7.670   1.00 7.56  ? 158 LYS A N   1 
ATOM   1273 C  CA  . LYS A 1 158 ? 17.023  -9.204  7.497   1.00 8.44  ? 158 LYS A CA  1 
ATOM   1274 C  C   . LYS A 1 158 ? 17.638  -10.542 7.899   1.00 8.88  ? 158 LYS A C   1 
ATOM   1275 O  O   . LYS A 1 158 ? 18.847  -10.707 7.807   1.00 8.36  ? 158 LYS A O   1 
ATOM   1276 C  CB  . LYS A 1 158 ? 16.552  -9.273  6.024   1.00 7.38  ? 158 LYS A CB  1 
ATOM   1277 C  CG  . LYS A 1 158 ? 17.617  -9.741  5.032   1.00 11.97 ? 158 LYS A CG  1 
ATOM   1278 C  CD  . LYS A 1 158 ? 17.147  -9.814  3.561   1.00 17.35 ? 158 LYS A CD  1 
ATOM   1279 C  CE  . LYS A 1 158 ? 18.274  -10.462 2.726   1.00 20.10 ? 158 LYS A CE  1 
ATOM   1280 N  NZ  . LYS A 1 158 ? 18.220  -10.242 1.272   1.00 23.47 ? 158 LYS A NZ  1 
ATOM   1281 N  N   . ILE A 1 159 ? 16.801  -11.448 8.401   1.00 8.09  ? 159 ILE A N   1 
ATOM   1282 C  CA  . ILE A 1 159 ? 17.192  -12.821 8.672   1.00 8.37  ? 159 ILE A CA  1 
ATOM   1283 C  C   . ILE A 1 159 ? 16.129  -13.610 7.874   1.00 8.95  ? 159 ILE A C   1 
ATOM   1284 O  O   . ILE A 1 159 ? 14.926  -13.630 8.228   1.00 8.43  ? 159 ILE A O   1 
ATOM   1285 C  CB  . ILE A 1 159 ? 17.133  -13.185 10.159  1.00 7.32  ? 159 ILE A CB  1 
ATOM   1286 C  CG1 . ILE A 1 159 ? 18.199  -12.402 10.919  1.00 5.67  ? 159 ILE A CG1 1 
ATOM   1287 C  CG2 . ILE A 1 159 ? 17.369  -14.687 10.341  1.00 8.22  ? 159 ILE A CG2 1 
ATOM   1288 C  CD1 . ILE A 1 159 ? 18.201  -12.611 12.471  1.00 10.67 ? 159 ILE A CD1 1 
ATOM   1289 N  N   . ASP A 1 160 ? 16.566  -14.207 6.767   1.00 9.68  ? 160 ASP A N   1 
ATOM   1290 C  CA  . ASP A 1 160 ? 15.658  -14.945 5.909   1.00 11.63 ? 160 ASP A CA  1 
ATOM   1291 C  C   . ASP A 1 160 ? 15.243  -16.342 6.405   1.00 11.50 ? 160 ASP A C   1 
ATOM   1292 O  O   . ASP A 1 160 ? 15.819  -16.916 7.336   1.00 10.23 ? 160 ASP A O   1 
ATOM   1293 C  CB  . ASP A 1 160 ? 16.215  -14.988 4.456   1.00 12.46 ? 160 ASP A CB  1 
ATOM   1294 C  CG  . ASP A 1 160 ? 16.188  -13.585 3.755   1.00 16.57 ? 160 ASP A CG  1 
ATOM   1295 O  OD1 . ASP A 1 160 ? 15.362  -12.714 4.111   1.00 10.82 ? 160 ASP A OD1 1 
ATOM   1296 O  OD2 . ASP A 1 160 ? 16.998  -13.364 2.833   1.00 19.79 ? 160 ASP A OD2 1 
ATOM   1297 N  N   . LYS A 1 161 ? 14.198  -16.878 5.789   1.00 13.25 ? 161 LYS A N   1 
ATOM   1298 C  CA  . LYS A 1 161 ? 13.652  -18.174 6.200   1.00 13.61 ? 161 LYS A CA  1 
ATOM   1299 C  C   . LYS A 1 161 ? 14.655  -19.282 6.521   1.00 13.81 ? 161 LYS A C   1 
ATOM   1300 O  O   . LYS A 1 161 ? 14.482  -19.996 7.499   1.00 13.07 ? 161 LYS A O   1 
ATOM   1301 C  CB  . LYS A 1 161 ? 12.644  -18.684 5.156   1.00 16.18 ? 161 LYS A CB  1 
ATOM   1302 C  CG  . LYS A 1 161 ? 12.000  -20.036 5.549   1.00 19.67 ? 161 LYS A CG  1 
ATOM   1303 C  CD  . LYS A 1 161 ? 10.953  -20.476 4.533   1.00 23.13 ? 161 LYS A CD  1 
ATOM   1304 C  CE  . LYS A 1 161 ? 10.312  -21.807 4.939   1.00 24.91 ? 161 LYS A CE  1 
ATOM   1305 N  NZ  . LYS A 1 161 ? 9.512   -22.350 3.795   1.00 23.82 ? 161 LYS A NZ  1 
ATOM   1306 N  N   . GLU A 1 162 ? 15.690  -19.430 5.705   1.00 13.97 ? 162 GLU A N   1 
ATOM   1307 C  CA  . GLU A 1 162 ? 16.687  -20.478 5.929   1.00 16.52 ? 162 GLU A CA  1 
ATOM   1308 C  C   . GLU A 1 162 ? 17.254  -20.404 7.343   1.00 15.55 ? 162 GLU A C   1 
ATOM   1309 O  O   . GLU A 1 162 ? 17.334  -21.388 8.067   1.00 12.76 ? 162 GLU A O   1 
ATOM   1310 C  CB  . GLU A 1 162 ? 17.836  -20.331 4.922   1.00 17.67 ? 162 GLU A CB  1 
ATOM   1311 C  CG  . GLU A 1 162 ? 18.973  -21.297 5.144   1.00 24.53 ? 162 GLU A CG  1 
ATOM   1312 C  CD  . GLU A 1 162 ? 20.161  -21.036 4.223   1.00 26.89 ? 162 GLU A CD  1 
ATOM   1313 O  OE1 . GLU A 1 162 ? 19.972  -20.963 2.988   1.00 29.77 ? 162 GLU A OE1 1 
ATOM   1314 O  OE2 . GLU A 1 162 ? 21.288  -20.912 4.738   1.00 31.04 ? 162 GLU A OE2 1 
ATOM   1315 N  N   . TYR A 1 163 ? 17.652  -19.198 7.714   1.00 14.65 ? 163 TYR A N   1 
ATOM   1316 C  CA  . TYR A 1 163 ? 18.256  -18.950 9.000   1.00 14.67 ? 163 TYR A CA  1 
ATOM   1317 C  C   . TYR A 1 163 ? 17.272  -18.926 10.145  1.00 13.02 ? 163 TYR A C   1 
ATOM   1318 O  O   . TYR A 1 163 ? 17.647  -19.214 11.298  1.00 13.31 ? 163 TYR A O   1 
ATOM   1319 C  CB  . TYR A 1 163 ? 19.057  -17.647 8.919   1.00 17.35 ? 163 TYR A CB  1 
ATOM   1320 C  CG  . TYR A 1 163 ? 20.226  -17.775 7.973   1.00 22.32 ? 163 TYR A CG  1 
ATOM   1321 C  CD1 . TYR A 1 163 ? 21.340  -18.541 8.320   1.00 23.52 ? 163 TYR A CD1 1 
ATOM   1322 C  CD2 . TYR A 1 163 ? 20.199  -17.181 6.713   1.00 25.55 ? 163 TYR A CD2 1 
ATOM   1323 C  CE1 . TYR A 1 163 ? 22.396  -18.709 7.428   1.00 26.90 ? 163 TYR A CE1 1 
ATOM   1324 C  CE2 . TYR A 1 163 ? 21.255  -17.353 5.802   1.00 27.03 ? 163 TYR A CE2 1 
ATOM   1325 C  CZ  . TYR A 1 163 ? 22.341  -18.118 6.175   1.00 26.95 ? 163 TYR A CZ  1 
ATOM   1326 O  OH  . TYR A 1 163 ? 23.369  -18.331 5.288   1.00 31.26 ? 163 TYR A OH  1 
ATOM   1327 N  N   . LEU A 1 164 ? 16.024  -18.563 9.850   1.00 10.40 ? 164 LEU A N   1 
ATOM   1328 C  CA  . LEU A 1 164 ? 14.998  -18.549 10.865  1.00 8.80  ? 164 LEU A CA  1 
ATOM   1329 C  C   . LEU A 1 164 ? 14.727  -20.015 11.197  1.00 9.82  ? 164 LEU A C   1 
ATOM   1330 O  O   . LEU A 1 164 ? 14.631  -20.382 12.357  1.00 8.95  ? 164 LEU A O   1 
ATOM   1331 C  CB  . LEU A 1 164 ? 13.712  -17.874 10.363  1.00 8.24  ? 164 LEU A CB  1 
ATOM   1332 C  CG  . LEU A 1 164 ? 13.755  -16.346 10.167  1.00 6.85  ? 164 LEU A CG  1 
ATOM   1333 C  CD1 . LEU A 1 164 ? 12.479  -15.888 9.479   1.00 7.25  ? 164 LEU A CD1 1 
ATOM   1334 C  CD2 . LEU A 1 164 ? 13.921  -15.637 11.526  1.00 10.23 ? 164 LEU A CD2 1 
ATOM   1335 N  N   . LEU A 1 165 ? 14.646  -20.852 10.168  1.00 10.10 ? 165 LEU A N   1 
ATOM   1336 C  CA  . LEU A 1 165 ? 14.375  -22.266 10.406  1.00 11.03 ? 165 LEU A CA  1 
ATOM   1337 C  C   . LEU A 1 165 ? 15.531  -22.888 11.228  1.00 12.52 ? 165 LEU A C   1 
ATOM   1338 O  O   . LEU A 1 165 ? 15.292  -23.617 12.176  1.00 11.19 ? 165 LEU A O   1 
ATOM   1339 C  CB  . LEU A 1 165 ? 14.174  -22.981 9.063   1.00 9.57  ? 165 LEU A CB  1 
ATOM   1340 C  CG  . LEU A 1 165 ? 13.873  -24.476 9.197   1.00 11.80 ? 165 LEU A CG  1 
ATOM   1341 C  CD1 . LEU A 1 165 ? 12.655  -24.675 10.084  1.00 10.80 ? 165 LEU A CD1 1 
ATOM   1342 C  CD2 . LEU A 1 165 ? 13.669  -25.089 7.818   1.00 15.42 ? 165 LEU A CD2 1 
ATOM   1343 N  N   . LYS A 1 166 ? 16.772  -22.548 10.872  1.00 13.62 ? 166 LYS A N   1 
ATOM   1344 C  CA  . LYS A 1 166 ? 17.941  -23.049 11.590  1.00 15.39 ? 166 LYS A CA  1 
ATOM   1345 C  C   . LYS A 1 166 ? 17.841  -22.706 13.081  1.00 15.01 ? 166 LYS A C   1 
ATOM   1346 O  O   . LYS A 1 166 ? 17.947  -23.600 13.938  1.00 14.28 ? 166 LYS A O   1 
ATOM   1347 C  CB  . LYS A 1 166 ? 19.232  -22.469 11.005  1.00 16.12 ? 166 LYS A CB  1 
ATOM   1348 C  CG  . LYS A 1 166 ? 20.466  -23.020 11.716  1.00 20.52 ? 166 LYS A CG  1 
ATOM   1349 C  CD  . LYS A 1 166 ? 21.747  -22.818 10.903  1.00 25.41 ? 166 LYS A CD  1 
ATOM   1350 C  CE  . LYS A 1 166 ? 22.443  -21.525 11.214  1.00 26.64 ? 166 LYS A CE  1 
ATOM   1351 N  NZ  . LYS A 1 166 ? 23.875  -21.799 11.566  1.00 29.84 ? 166 LYS A NZ  1 
HETATM 1352 N  N   . MSE A 1 167 ? 17.616  -21.429 13.399  1.00 12.84 ? 167 MSE A N   1 
HETATM 1353 C  CA  . MSE A 1 167 ? 17.475  -21.028 14.794  1.00 15.40 ? 167 MSE A CA  1 
HETATM 1354 C  C   . MSE A 1 167 ? 16.279  -21.660 15.491  1.00 15.38 ? 167 MSE A C   1 
HETATM 1355 O  O   . MSE A 1 167 ? 16.356  -22.016 16.678  1.00 15.06 ? 167 MSE A O   1 
HETATM 1356 C  CB  . MSE A 1 167 ? 17.356  -19.503 14.916  1.00 19.00 ? 167 MSE A CB  1 
HETATM 1357 C  CG  . MSE A 1 167 ? 18.660  -18.793 15.253  1.00 22.62 ? 167 MSE A CG  1 
HETATM 1358 SE SE  . MSE A 1 167 ? 18.254  -16.947 15.637  1.00 28.36 ? 167 MSE A SE  1 
HETATM 1359 C  CE  . MSE A 1 167 ? 17.993  -16.351 13.796  1.00 22.60 ? 167 MSE A CE  1 
ATOM   1360 N  N   . ALA A 1 168 ? 15.159  -21.777 14.784  1.00 13.03 ? 168 ALA A N   1 
ATOM   1361 C  CA  . ALA A 1 168 ? 13.956  -22.377 15.381  1.00 14.07 ? 168 ALA A CA  1 
ATOM   1362 C  C   . ALA A 1 168 ? 14.185  -23.860 15.821  1.00 14.44 ? 168 ALA A C   1 
ATOM   1363 O  O   . ALA A 1 168 ? 13.583  -24.352 16.786  1.00 13.57 ? 168 ALA A O   1 
ATOM   1364 C  CB  . ALA A 1 168 ? 12.788  -22.304 14.373  1.00 15.09 ? 168 ALA A CB  1 
ATOM   1365 N  N   . THR A 1 169 ? 15.085  -24.535 15.123  1.00 14.93 ? 169 THR A N   1 
ATOM   1366 C  CA  . THR A 1 169 ? 15.360  -25.944 15.396  1.00 19.94 ? 169 THR A CA  1 
ATOM   1367 C  C   . THR A 1 169 ? 16.722  -26.300 16.011  1.00 21.88 ? 169 THR A C   1 
ATOM   1368 O  O   . THR A 1 169 ? 17.050  -27.487 16.156  1.00 23.90 ? 169 THR A O   1 
ATOM   1369 C  CB  . THR A 1 169 ? 15.195  -26.743 14.114  1.00 19.37 ? 169 THR A CB  1 
ATOM   1370 O  OG1 . THR A 1 169 ? 16.121  -26.259 13.138  1.00 18.26 ? 169 THR A OG1 1 
ATOM   1371 C  CG2 . THR A 1 169 ? 13.776  -26.589 13.583  1.00 18.53 ? 169 THR A CG2 1 
ATOM   1372 N  N   . GLU A 1 170 ? 17.509  -25.300 16.386  1.00 23.78 ? 170 GLU A N   1 
ATOM   1373 C  CA  . GLU A 1 170 ? 18.820  -25.556 16.992  1.00 25.43 ? 170 GLU A CA  1 
ATOM   1374 C  C   . GLU A 1 170 ? 18.704  -26.284 18.321  1.00 26.40 ? 170 GLU A C   1 
ATOM   1375 O  O   . GLU A 1 170 ? 17.672  -26.217 18.992  1.00 27.40 ? 170 GLU A O   1 
ATOM   1376 C  CB  . GLU A 1 170 ? 19.575  -24.245 17.207  1.00 27.37 ? 170 GLU A CB  1 
ATOM   1377 C  CG  . GLU A 1 170 ? 20.151  -23.695 15.932  1.00 30.10 ? 170 GLU A CG  1 
ATOM   1378 C  CD  . GLU A 1 170 ? 20.833  -22.357 16.110  1.00 29.94 ? 170 GLU A CD  1 
ATOM   1379 O  OE1 . GLU A 1 170 ? 21.727  -22.067 15.290  1.00 30.18 ? 170 GLU A OE1 1 
ATOM   1380 O  OE2 . GLU A 1 170 ? 20.470  -21.601 17.047  1.00 28.12 ? 170 GLU A OE2 1 
HETATM 1381 N  N1A . COA B 2 .   ? -8.328  17.926  -12.178 1.00 24.99 ? 172 COA A N1A 1 
HETATM 1382 C  C2A . COA B 2 .   ? -7.086  18.341  -12.476 1.00 26.47 ? 172 COA A C2A 1 
HETATM 1383 N  N3A . COA B 2 .   ? -5.959  18.157  -11.703 1.00 26.01 ? 172 COA A N3A 1 
HETATM 1384 C  C4A . COA B 2 .   ? -6.217  17.461  -10.513 1.00 24.64 ? 172 COA A C4A 1 
HETATM 1385 C  C5A . COA B 2 .   ? -7.467  17.006  -10.143 1.00 24.96 ? 172 COA A C5A 1 
HETATM 1386 C  C6A . COA B 2 .   ? -8.596  17.260  -11.042 1.00 26.34 ? 172 COA A C6A 1 
HETATM 1387 N  N6A . COA B 2 .   ? -9.845  16.850  -10.748 1.00 26.22 ? 172 COA A N6A 1 
HETATM 1388 N  N7A . COA B 2 .   ? -7.390  16.365  -8.917  1.00 24.63 ? 172 COA A N7A 1 
HETATM 1389 C  C8A . COA B 2 .   ? -6.146  16.437  -8.594  1.00 22.68 ? 172 COA A C8A 1 
HETATM 1390 N  N9A . COA B 2 .   ? -5.339  17.080  -9.496  1.00 25.42 ? 172 COA A N9A 1 
HETATM 1391 C  C1B . COA B 2 .   ? -3.731  17.338  -9.533  1.00 27.18 ? 172 COA A C1B 1 
HETATM 1392 C  C2B . COA B 2 .   ? -3.085  18.174  -8.400  1.00 30.50 ? 172 COA A C2B 1 
HETATM 1393 O  O2B . COA B 2 .   ? -2.101  18.988  -8.998  1.00 35.23 ? 172 COA A O2B 1 
HETATM 1394 C  C3B . COA B 2 .   ? -2.484  17.093  -7.299  1.00 29.23 ? 172 COA A C3B 1 
HETATM 1395 O  O3B . COA B 2 .   ? -1.100  17.497  -7.669  1.00 29.90 ? 172 COA A O3B 1 
HETATM 1396 P  P3B . COA B 2 .   ? -0.324  18.121  -6.454  1.00 28.00 ? 172 COA A P3B 1 
HETATM 1397 O  O7A . COA B 2 .   ? -0.848  18.475  -5.098  1.00 29.87 ? 172 COA A O7A 1 
HETATM 1398 O  O8A . COA B 2 .   ? 0.717   19.055  -6.941  1.00 30.80 ? 172 COA A O8A 1 
HETATM 1399 O  O9A . COA B 2 .   ? 0.376   16.710  -6.360  1.00 26.97 ? 172 COA A O9A 1 
HETATM 1400 C  C4B . COA B 2 .   ? -2.978  15.929  -8.059  1.00 28.49 ? 172 COA A C4B 1 
HETATM 1401 O  O4B . COA B 2 .   ? -3.731  16.073  -9.280  1.00 27.35 ? 172 COA A O4B 1 
HETATM 1402 C  C5B . COA B 2 .   ? -2.920  14.764  -7.174  1.00 23.80 ? 172 COA A C5B 1 
HETATM 1403 O  O5B . COA B 2 .   ? -3.889  14.207  -8.018  1.00 17.64 ? 172 COA A O5B 1 
HETATM 1404 P  P1A . COA B 2 .   ? -4.649  12.876  -7.651  1.00 14.29 ? 172 COA A P1A 1 
HETATM 1405 O  O1A . COA B 2 .   ? -5.337  12.892  -8.922  1.00 9.80  ? 172 COA A O1A 1 
HETATM 1406 O  O2A . COA B 2 .   ? -5.478  12.953  -6.360  1.00 8.28  ? 172 COA A O2A 1 
HETATM 1407 O  O3A . COA B 2 .   ? -3.507  11.773  -7.910  1.00 15.22 ? 172 COA A O3A 1 
HETATM 1408 P  P2A . COA B 2 .   ? -3.536  10.301  -8.306  1.00 12.81 ? 172 COA A P2A 1 
HETATM 1409 O  O4A . COA B 2 .   ? -2.760  10.544  -9.525  1.00 15.53 ? 172 COA A O4A 1 
HETATM 1410 O  O5A . COA B 2 .   ? -4.888  9.764   -8.501  1.00 11.26 ? 172 COA A O5A 1 
HETATM 1411 O  O6A . COA B 2 .   ? -2.749  9.473   -7.243  1.00 16.16 ? 172 COA A O6A 1 
HETATM 1412 C  CBP . COA B 2 .   ? -0.463  9.138   -7.134  1.00 22.70 ? 172 COA A CBP 1 
HETATM 1413 C  CCP . COA B 2 .   ? -1.862  8.434   -7.147  1.00 26.33 ? 172 COA A CCP 1 
HETATM 1414 C  CDP . COA B 2 .   ? -0.645  10.735  -7.099  1.00 26.46 ? 172 COA A CDP 1 
HETATM 1415 C  CEP . COA B 2 .   ? 0.248   8.598   -5.874  1.00 26.73 ? 172 COA A CEP 1 
HETATM 1416 C  CAP . COA B 2 .   ? 0.091   8.711   -8.608  1.00 19.77 ? 172 COA A CAP 1 
HETATM 1417 O  OAP . COA B 2 .   ? 1.365   9.425   -8.871  1.00 27.74 ? 172 COA A OAP 1 
HETATM 1418 C  C9P . COA B 2 .   ? 0.576   7.202   -8.868  1.00 14.06 ? 172 COA A C9P 1 
HETATM 1419 O  O9P . COA B 2 .   ? 0.205   6.043   -8.844  1.00 11.31 ? 172 COA A O9P 1 
HETATM 1420 N  N8P . COA B 2 .   ? 1.870   7.567   -9.210  1.00 9.78  ? 172 COA A N8P 1 
HETATM 1421 C  C7P . COA B 2 .   ? 2.940   6.607   -9.575  1.00 13.12 ? 172 COA A C7P 1 
HETATM 1422 C  C6P . COA B 2 .   ? 3.313   5.630   -8.418  1.00 13.96 ? 172 COA A C6P 1 
HETATM 1423 C  C5P . COA B 2 .   ? 3.786   6.354   -7.192  1.00 15.97 ? 172 COA A C5P 1 
HETATM 1424 O  O5P . COA B 2 .   ? 4.573   7.335   -7.281  1.00 17.81 ? 172 COA A O5P 1 
HETATM 1425 N  N4P . COA B 2 .   ? 3.371   5.968   -5.991  1.00 18.07 ? 172 COA A N4P 1 
HETATM 1426 C  C3P . COA B 2 .   ? 3.666   6.484   -4.644  1.00 24.05 ? 172 COA A C3P 1 
HETATM 1427 C  C2P . COA B 2 .   ? 5.046   5.885   -4.239  1.00 27.50 ? 172 COA A C2P 1 
HETATM 1428 S  S1P . COA B 2 .   ? 6.051   4.435   -4.932  1.00 38.75 ? 172 COA A S1P 1 
HETATM 1429 O  O   . HOH C 3 .   ? -6.865  10.562  -10.086 1.00 10.18 ? 173 HOH A O   1 
HETATM 1430 O  O   . HOH C 3 .   ? 2.171   3.337   -14.608 1.00 14.36 ? 174 HOH A O   1 
HETATM 1431 O  O   . HOH C 3 .   ? -3.305  -17.900 -6.837  1.00 20.05 ? 175 HOH A O   1 
HETATM 1432 O  O   . HOH C 3 .   ? 0.114   -7.107  9.552   1.00 16.34 ? 176 HOH A O   1 
HETATM 1433 O  O   . HOH C 3 .   ? -2.110  -4.013  10.868  1.00 22.90 ? 177 HOH A O   1 
HETATM 1434 O  O   . HOH C 3 .   ? 5.874   2.936   1.864   1.00 14.48 ? 178 HOH A O   1 
HETATM 1435 O  O   . HOH C 3 .   ? 7.431   -4.315  4.206   1.00 17.76 ? 179 HOH A O   1 
HETATM 1436 O  O   . HOH C 3 .   ? -0.604  9.917   -16.019 1.00 30.58 ? 180 HOH A O   1 
HETATM 1437 O  O   . HOH C 3 .   ? -3.697  10.294  18.995  1.00 32.31 ? 181 HOH A O   1 
HETATM 1438 O  O   . HOH C 3 .   ? 15.875  -18.521 3.029   1.00 14.39 ? 182 HOH A O   1 
HETATM 1439 O  O   . HOH C 3 .   ? 7.790   3.957   10.504  1.00 12.42 ? 183 HOH A O   1 
HETATM 1440 O  O   . HOH C 3 .   ? 9.940   1.949   6.313   1.00 10.60 ? 184 HOH A O   1 
HETATM 1441 O  O   . HOH C 3 .   ? 9.175   -0.676  6.377   1.00 17.82 ? 185 HOH A O   1 
HETATM 1442 O  O   . HOH C 3 .   ? 14.477  13.590  -3.131  1.00 20.65 ? 186 HOH A O   1 
HETATM 1443 O  O   . HOH C 3 .   ? 3.087   16.675  -7.776  1.00 22.24 ? 187 HOH A O   1 
HETATM 1444 O  O   . HOH C 3 .   ? 7.276   19.751  -1.972  1.00 16.81 ? 188 HOH A O   1 
HETATM 1445 O  O   . HOH C 3 .   ? -3.192  17.596  5.421   1.00 16.10 ? 189 HOH A O   1 
HETATM 1446 O  O   . HOH C 3 .   ? -15.674 7.319   -2.461  1.00 23.51 ? 190 HOH A O   1 
HETATM 1447 O  O   . HOH C 3 .   ? -12.948 -6.458  -8.471  1.00 22.96 ? 191 HOH A O   1 
HETATM 1448 O  O   . HOH C 3 .   ? -0.467  -6.144  -13.922 1.00 14.02 ? 192 HOH A O   1 
HETATM 1449 O  O   . HOH C 3 .   ? 2.994   0.282   -14.863 1.00 21.39 ? 193 HOH A O   1 
HETATM 1450 O  O   . HOH C 3 .   ? 1.946   -5.302  -15.544 1.00 33.23 ? 194 HOH A O   1 
HETATM 1451 O  O   . HOH C 3 .   ? 4.792   -16.874 -7.618  1.00 30.58 ? 195 HOH A O   1 
HETATM 1452 O  O   . HOH C 3 .   ? -7.791  -20.005 -2.444  1.00 21.14 ? 196 HOH A O   1 
HETATM 1453 O  O   . HOH C 3 .   ? -6.329  -2.613  -19.529 1.00 28.72 ? 197 HOH A O   1 
HETATM 1454 O  O   . HOH C 3 .   ? 0.663   -4.871  11.255  1.00 49.01 ? 198 HOH A O   1 
HETATM 1455 O  O   . HOH C 3 .   ? 6.672   1.612   11.489  1.00 15.10 ? 199 HOH A O   1 
HETATM 1456 O  O   . HOH C 3 .   ? 7.609   -0.772  10.688  1.00 11.36 ? 200 HOH A O   1 
HETATM 1457 O  O   . HOH C 3 .   ? 9.964   2.918   9.006   1.00 11.54 ? 201 HOH A O   1 
HETATM 1458 O  O   . HOH C 3 .   ? 15.027  8.479   8.806   1.00 18.15 ? 202 HOH A O   1 
HETATM 1459 O  O   . HOH C 3 .   ? 10.728  -1.102  2.804   1.00 25.78 ? 203 HOH A O   1 
HETATM 1460 O  O   . HOH C 3 .   ? -0.740  12.248  -10.642 1.00 14.98 ? 204 HOH A O   1 
HETATM 1461 O  O   . HOH C 3 .   ? 10.301  17.891  6.140   1.00 20.41 ? 205 HOH A O   1 
HETATM 1462 O  O   . HOH C 3 .   ? -16.044 -2.752  0.559   1.00 20.40 ? 206 HOH A O   1 
HETATM 1463 O  O   . HOH C 3 .   ? -7.759  -7.885  -12.317 1.00 18.25 ? 207 HOH A O   1 
HETATM 1464 O  O   . HOH C 3 .   ? -3.893  -9.274  -15.254 1.00 34.76 ? 208 HOH A O   1 
HETATM 1465 O  O   . HOH C 3 .   ? -4.314  -10.815 -11.311 1.00 19.30 ? 209 HOH A O   1 
HETATM 1466 O  O   . HOH C 3 .   ? 2.279   -13.990 -9.022  1.00 21.38 ? 210 HOH A O   1 
HETATM 1467 O  O   . HOH C 3 .   ? -6.288  -18.412 -6.873  1.00 24.28 ? 211 HOH A O   1 
HETATM 1468 O  O   . HOH C 3 .   ? -7.723  -17.658 -4.192  1.00 32.21 ? 212 HOH A O   1 
HETATM 1469 O  O   . HOH C 3 .   ? -0.546  2.451   -15.489 1.00 19.15 ? 213 HOH A O   1 
HETATM 1470 O  O   . HOH C 3 .   ? 11.045  -11.367 -4.926  1.00 20.72 ? 214 HOH A O   1 
HETATM 1471 O  O   . HOH C 3 .   ? -0.871  -8.225  11.899  1.00 11.34 ? 215 HOH A O   1 
HETATM 1472 O  O   . HOH C 3 .   ? -3.111  -5.773  8.812   1.00 25.29 ? 216 HOH A O   1 
HETATM 1473 O  O   . HOH C 3 .   ? 10.936  5.063   18.713  1.00 29.26 ? 217 HOH A O   1 
HETATM 1474 O  O   . HOH C 3 .   ? 7.011   0.822   0.748   1.00 15.85 ? 218 HOH A O   1 
HETATM 1475 O  O   . HOH C 3 .   ? -0.796  4.445   20.702  1.00 26.59 ? 219 HOH A O   1 
HETATM 1476 O  O   . HOH C 3 .   ? 7.976   -0.975  3.615   1.00 20.65 ? 220 HOH A O   1 
HETATM 1477 O  O   . HOH C 3 .   ? 12.941  0.701   4.735   1.00 29.03 ? 221 HOH A O   1 
HETATM 1478 O  O   . HOH C 3 .   ? 8.264   6.165   -5.373  1.00 20.42 ? 222 HOH A O   1 
HETATM 1479 O  O   . HOH C 3 .   ? 4.275   2.592   -3.469  1.00 28.61 ? 223 HOH A O   1 
HETATM 1480 O  O   . HOH C 3 .   ? 13.713  16.339  -3.605  1.00 21.33 ? 224 HOH A O   1 
HETATM 1481 O  O   . HOH C 3 .   ? -15.194 11.958  4.091   1.00 24.41 ? 225 HOH A O   1 
HETATM 1482 O  O   . HOH C 3 .   ? 17.519  -23.907 7.408   1.00 11.27 ? 226 HOH A O   1 
HETATM 1483 O  O   . HOH C 3 .   ? -17.454 -4.580  -3.721  1.00 19.58 ? 227 HOH A O   1 
HETATM 1484 O  O   . HOH C 3 .   ? -7.506  -6.874  4.622   1.00 13.95 ? 228 HOH A O   1 
HETATM 1485 O  O   . HOH C 3 .   ? -18.085 -0.479  -11.198 1.00 34.78 ? 229 HOH A O   1 
HETATM 1486 O  O   . HOH C 3 .   ? -16.915 7.832   -22.908 1.00 44.40 ? 230 HOH A O   1 
HETATM 1487 O  O   . HOH C 3 .   ? -14.859 -5.242  -13.905 1.00 35.30 ? 231 HOH A O   1 
HETATM 1488 O  O   . HOH C 3 .   ? 5.900   9.840   13.410  1.00 20.15 ? 232 HOH A O   1 
HETATM 1489 O  O   . HOH C 3 .   ? 3.547   15.858  9.236   1.00 16.09 ? 233 HOH A O   1 
HETATM 1490 O  O   . HOH C 3 .   ? 8.993   4.279   -7.345  1.00 21.89 ? 234 HOH A O   1 
HETATM 1491 O  O   . HOH C 3 .   ? -18.032 -3.760  -1.404  1.00 33.34 ? 235 HOH A O   1 
HETATM 1492 O  O   . HOH C 3 .   ? -11.147 -14.156 -4.049  1.00 30.32 ? 236 HOH A O   1 
HETATM 1493 O  O   . HOH C 3 .   ? -10.071 -12.248 -6.904  1.00 33.89 ? 237 HOH A O   1 
HETATM 1494 O  O   . HOH C 3 .   ? -10.890 -14.000 -10.556 1.00 35.53 ? 238 HOH A O   1 
HETATM 1495 O  O   . HOH C 3 .   ? -10.394 -9.213  -8.512  1.00 33.94 ? 239 HOH A O   1 
HETATM 1496 O  O   . HOH C 3 .   ? -6.110  -10.009 -13.464 1.00 34.34 ? 240 HOH A O   1 
HETATM 1497 O  O   . HOH C 3 .   ? -2.061  -15.777 -8.808  1.00 27.98 ? 241 HOH A O   1 
HETATM 1498 O  O   . HOH C 3 .   ? -5.923  -13.413 6.638   1.00 31.20 ? 242 HOH A O   1 
HETATM 1499 O  O   . HOH C 3 .   ? -8.410  -5.075  2.748   1.00 25.98 ? 243 HOH A O   1 
HETATM 1500 O  O   . HOH C 3 .   ? -13.365 3.594   2.562   1.00 39.93 ? 244 HOH A O   1 
HETATM 1501 O  O   . HOH C 3 .   ? -5.063  10.159  16.462  1.00 32.46 ? 245 HOH A O   1 
HETATM 1502 O  O   . HOH C 3 .   ? -8.253  10.122  16.686  1.00 27.42 ? 246 HOH A O   1 
HETATM 1503 O  O   . HOH C 3 .   ? -5.308  5.019   21.550  1.00 25.76 ? 247 HOH A O   1 
HETATM 1504 O  O   . HOH C 3 .   ? 17.300  7.556   -7.700  1.00 28.04 ? 248 HOH A O   1 
HETATM 1505 O  O   . HOH C 3 .   ? 9.503   20.212  -5.423  1.00 24.01 ? 249 HOH A O   1 
HETATM 1506 O  O   . HOH C 3 .   ? 13.669  11.555  5.532   1.00 29.72 ? 250 HOH A O   1 
HETATM 1507 O  O   . HOH C 3 .   ? 20.044  0.240   5.954   1.00 24.78 ? 251 HOH A O   1 
HETATM 1508 O  O   . HOH C 3 .   ? 18.489  1.742   4.550   1.00 34.56 ? 252 HOH A O   1 
HETATM 1509 O  O   . HOH C 3 .   ? 13.613  -16.498 2.488   1.00 21.41 ? 253 HOH A O   1 
HETATM 1510 O  O   . HOH C 3 .   ? 19.207  -26.170 13.330  1.00 21.93 ? 254 HOH A O   1 
# 
